data_7R51
#
_entry.id   7R51
#
_cell.length_a   193.428
_cell.length_b   72.908
_cell.length_c   119.368
_cell.angle_alpha   90.000
_cell.angle_beta   91.880
_cell.angle_gamma   90.000
#
_symmetry.space_group_name_H-M   'C 1 2 1'
#
loop_
_entity.id
_entity.type
_entity.pdbx_description
1 polymer 'Asp/Glu-specific dipeptidyl-peptidase'
2 polymer ARG-ASP
3 water water
#
loop_
_entity_poly.entity_id
_entity_poly.type
_entity_poly.pdbx_seq_one_letter_code
_entity_poly.pdbx_strand_id
1 'polypeptide(L)'
;MDEGMWLMQQLGRKYAQMKERGLKMKEYDLYNPNGTSLKDAVVLFDGGCTGEVVSDRGLVLTNHHCGYDMIQAHSTLEHN
YLENGFWAMREADELPNKDISVVFIDKIEDVTDYVKKELKAIKDPNSMDYLSPKYLQKLADKKAGKNFSAKNPGLSVEIK
AFYGGNLYLMFTKKTYTDVRLVGAPPSSIGKFGADTDNWIWPRHTGDFSIFRIYADKNGNPAPYSEDNVPLKPKRFFNIS
LGGVQENDYAMIMGFPGTTHRYFTASEVDEWKSIDNDIRIRMRDIRQGVMLREMLADPQIKIMYSAKYAASQNAYKRAIG
ANWAIKTRGLRQNKQAMQDRLIAWGAKQGTPRYEEAVHEIDATVAKRADLRRRYWMIEEGIIRGIEFARSPIPTEDETKA
LQGNDASARKEAIDKIRTRYSKFANKDYSAEVDKKVAVAMLTEYLKEIPYENLPLHLRLVKDRFAGDVQAYVDDIFARSV
FGSEAQFDAFAAVPSVEKLAEDPMVLFASSVFDEYRKLYNELRPYDDPILRAQRTYIAGLLEMDGDQDQFPDANLTLRFT
YGQVKGYSPRDNVYYGHQTTLDGVMEKEDPDNWEFVVDPKLKAVYERKDFGRYADRSGRMPVAFCATTHTTGGNSGSPVM
NANGELIGLNFDRNWEGVGGDIQYLADYQRSIIVDIRYVLLVIDKVGGCQRLLDEMNIVPAHHHHHH
;
A,B
2 'polypeptide(L)' RD C,D
#
# COMPACT_ATOMS: atom_id res chain seq x y z
N MET A 1 29.17 -17.80 9.21
CA MET A 1 27.93 -17.46 8.54
C MET A 1 27.30 -16.30 9.26
N ASP A 2 27.72 -16.12 10.51
CA ASP A 2 27.04 -15.25 11.45
C ASP A 2 26.85 -13.84 10.89
N GLU A 3 25.65 -13.31 11.10
CA GLU A 3 25.34 -11.93 10.77
C GLU A 3 26.08 -10.99 11.72
N GLY A 4 26.50 -9.84 11.23
CA GLY A 4 27.05 -8.83 12.11
C GLY A 4 28.03 -7.92 11.41
N MET A 5 28.45 -6.90 12.16
CA MET A 5 29.38 -5.86 11.69
C MET A 5 30.73 -6.14 12.33
N TRP A 6 31.47 -7.05 11.72
CA TRP A 6 32.66 -7.63 12.35
C TRP A 6 33.86 -6.71 12.23
N LEU A 7 34.63 -6.62 13.30
CA LEU A 7 35.93 -5.95 13.25
C LEU A 7 36.82 -6.64 12.24
N MET A 8 37.73 -5.88 11.63
CA MET A 8 38.69 -6.50 10.71
C MET A 8 39.53 -7.55 11.41
N GLN A 9 39.82 -7.37 12.71
CA GLN A 9 40.53 -8.37 13.50
C GLN A 9 39.81 -9.70 13.51
N GLN A 10 38.50 -9.70 13.31
CA GLN A 10 37.70 -10.92 13.39
C GLN A 10 37.60 -11.64 12.05
N LEU A 11 38.25 -11.14 11.01
CA LEU A 11 38.23 -11.84 9.72
C LEU A 11 38.86 -13.23 9.84
N GLY A 12 39.87 -13.39 10.70
CA GLY A 12 40.46 -14.71 10.89
C GLY A 12 39.48 -15.70 11.48
N ARG A 13 38.74 -15.28 12.51
CA ARG A 13 37.78 -16.18 13.16
C ARG A 13 36.59 -16.50 12.27
N LYS A 14 36.30 -15.69 11.26
CA LYS A 14 35.14 -15.90 10.41
C LYS A 14 35.48 -16.46 9.04
N TYR A 15 36.76 -16.51 8.67
CA TYR A 15 37.13 -16.79 7.29
C TYR A 15 36.63 -18.16 6.85
N ALA A 16 36.73 -19.16 7.73
CA ALA A 16 36.28 -20.51 7.35
C ALA A 16 34.77 -20.53 7.13
N GLN A 17 34.02 -19.85 7.99
CA GLN A 17 32.58 -19.77 7.82
C GLN A 17 32.22 -19.06 6.52
N MET A 18 32.92 -17.97 6.20
CA MET A 18 32.65 -17.27 4.95
C MET A 18 32.90 -18.17 3.74
N LYS A 19 33.92 -19.03 3.81
CA LYS A 19 34.13 -19.99 2.72
C LYS A 19 32.96 -20.94 2.59
N GLU A 20 32.41 -21.40 3.72
CA GLU A 20 31.26 -22.30 3.67
C GLU A 20 30.02 -21.59 3.12
N ARG A 21 29.95 -20.27 3.25
CA ARG A 21 28.89 -19.48 2.64
C ARG A 21 29.14 -19.19 1.18
N GLY A 22 30.35 -19.46 0.67
CA GLY A 22 30.61 -19.28 -0.75
C GLY A 22 31.82 -18.44 -1.10
N LEU A 23 32.49 -17.87 -0.11
CA LEU A 23 33.65 -17.03 -0.37
C LEU A 23 34.75 -17.82 -1.08
N LYS A 24 35.36 -17.20 -2.09
CA LYS A 24 36.45 -17.81 -2.83
C LYS A 24 37.76 -17.04 -2.72
N MET A 25 37.74 -15.78 -2.29
CA MET A 25 38.97 -15.03 -2.08
C MET A 25 39.84 -15.69 -1.02
N LYS A 26 41.15 -15.60 -1.21
CA LYS A 26 42.08 -15.90 -0.13
C LYS A 26 42.03 -14.76 0.89
N GLU A 27 42.18 -15.12 2.18
CA GLU A 27 41.87 -14.19 3.25
C GLU A 27 42.67 -12.89 3.15
N TYR A 28 43.98 -12.99 2.97
CA TYR A 28 44.81 -11.80 3.04
C TYR A 28 44.71 -10.93 1.78
N ASP A 29 44.02 -11.40 0.74
CA ASP A 29 43.69 -10.51 -0.35
C ASP A 29 42.49 -9.63 -0.01
N LEU A 30 41.62 -10.10 0.89
CA LEU A 30 40.50 -9.28 1.34
C LEU A 30 40.96 -8.26 2.37
N TYR A 31 41.53 -8.73 3.48
CA TYR A 31 42.11 -7.83 4.48
C TYR A 31 43.42 -8.43 4.97
N ASN A 32 44.50 -7.68 4.78
CA ASN A 32 45.84 -8.08 5.22
C ASN A 32 46.32 -7.07 6.25
N PRO A 33 46.60 -7.48 7.49
CA PRO A 33 46.99 -6.50 8.52
C PRO A 33 48.38 -5.93 8.32
N ASN A 34 49.25 -6.56 7.53
CA ASN A 34 50.63 -6.11 7.37
C ASN A 34 50.98 -5.83 5.91
N GLY A 35 50.00 -5.69 5.04
CA GLY A 35 50.29 -5.47 3.64
C GLY A 35 49.10 -4.93 2.89
N THR A 36 49.22 -4.94 1.56
CA THR A 36 48.18 -4.43 0.69
C THR A 36 47.06 -5.45 0.54
N SER A 37 45.82 -4.97 0.52
CA SER A 37 44.67 -5.84 0.30
C SER A 37 43.52 -5.00 -0.24
N LEU A 38 42.41 -5.69 -0.54
CA LEU A 38 41.22 -5.02 -1.05
C LEU A 38 40.71 -3.96 -0.07
N LYS A 39 41.00 -4.12 1.22
CA LYS A 39 40.68 -3.09 2.21
C LYS A 39 41.24 -1.74 1.81
N ASP A 40 42.38 -1.72 1.13
CA ASP A 40 43.03 -0.46 0.78
C ASP A 40 42.34 0.27 -0.37
N ALA A 41 41.34 -0.35 -0.99
CA ALA A 41 40.51 0.34 -1.97
C ALA A 41 39.24 0.92 -1.36
N VAL A 42 39.04 0.76 -0.06
CA VAL A 42 37.85 1.27 0.62
C VAL A 42 38.23 2.58 1.31
N VAL A 43 37.32 3.55 1.27
CA VAL A 43 37.54 4.87 1.84
C VAL A 43 36.32 5.29 2.63
N LEU A 44 36.55 6.03 3.72
CA LEU A 44 35.49 6.75 4.40
C LEU A 44 35.25 8.05 3.63
N PHE A 45 34.02 8.24 3.14
CA PHE A 45 33.74 9.32 2.20
C PHE A 45 33.09 10.51 2.93
N ASP A 46 33.80 11.63 2.97
CA ASP A 46 33.31 12.89 3.53
C ASP A 46 32.74 12.68 4.94
N GLY A 47 33.45 11.89 5.75
CA GLY A 47 33.15 11.76 7.16
C GLY A 47 31.89 11.01 7.52
N GLY A 48 31.06 10.62 6.56
CA GLY A 48 29.78 10.00 6.90
C GLY A 48 29.29 8.92 5.97
N CYS A 49 30.02 8.67 4.88
CA CYS A 49 29.68 7.65 3.92
C CYS A 49 30.88 6.73 3.71
N THR A 50 30.67 5.69 2.90
CA THR A 50 31.74 4.84 2.39
C THR A 50 31.86 5.03 0.88
N GLY A 51 33.04 4.74 0.35
CA GLY A 51 33.28 4.76 -1.08
C GLY A 51 34.35 3.74 -1.40
N GLU A 52 34.63 3.56 -2.70
CA GLU A 52 35.64 2.61 -3.12
C GLU A 52 36.36 3.10 -4.38
N VAL A 53 37.64 2.82 -4.46
CA VAL A 53 38.44 3.17 -5.62
C VAL A 53 38.24 2.12 -6.70
N VAL A 54 38.05 2.57 -7.95
CA VAL A 54 37.71 1.65 -9.03
C VAL A 54 38.57 1.91 -10.25
N SER A 55 39.70 2.58 -10.07
CA SER A 55 40.55 2.89 -11.21
C SER A 55 41.99 3.08 -10.76
N ASP A 56 42.93 2.85 -11.68
CA ASP A 56 44.31 3.17 -11.40
C ASP A 56 44.57 4.68 -11.44
N ARG A 57 43.55 5.48 -11.69
CA ARG A 57 43.65 6.94 -11.66
C ARG A 57 42.74 7.54 -10.60
N GLY A 58 42.46 6.77 -9.55
CA GLY A 58 41.83 7.31 -8.36
C GLY A 58 40.34 7.54 -8.45
N LEU A 59 39.64 6.85 -9.34
CA LEU A 59 38.20 7.04 -9.47
C LEU A 59 37.46 6.41 -8.30
N VAL A 60 36.53 7.16 -7.72
CA VAL A 60 35.80 6.73 -6.53
C VAL A 60 34.31 6.69 -6.84
N LEU A 61 33.66 5.58 -6.51
CA LEU A 61 32.21 5.48 -6.55
C LEU A 61 31.65 5.55 -5.13
N THR A 62 30.52 6.26 -5.00
CA THR A 62 29.76 6.32 -3.76
C THR A 62 28.29 6.47 -4.16
N ASN A 63 27.45 6.80 -3.20
CA ASN A 63 26.04 6.96 -3.52
C ASN A 63 25.74 8.36 -4.06
N HIS A 64 24.61 8.49 -4.75
CA HIS A 64 24.12 9.81 -5.13
C HIS A 64 23.81 10.64 -3.90
N HIS A 65 23.17 10.05 -2.91
CA HIS A 65 22.87 10.80 -1.71
C HIS A 65 24.10 11.03 -0.84
N CYS A 66 25.20 10.32 -1.10
CA CYS A 66 26.45 10.69 -0.43
C CYS A 66 27.07 11.90 -1.09
N GLY A 67 26.99 11.99 -2.41
CA GLY A 67 27.47 13.17 -3.10
C GLY A 67 26.48 14.30 -3.19
N TYR A 68 25.33 14.19 -2.51
CA TYR A 68 24.25 15.16 -2.69
C TYR A 68 24.68 16.57 -2.33
N ASP A 69 25.41 16.73 -1.22
CA ASP A 69 25.82 18.07 -0.79
C ASP A 69 26.64 18.77 -1.85
N MET A 70 27.55 18.05 -2.51
CA MET A 70 28.42 18.65 -3.50
C MET A 70 27.73 18.82 -4.84
N ILE A 71 26.78 17.93 -5.18
CA ILE A 71 25.95 18.16 -6.35
C ILE A 71 25.15 19.44 -6.19
N GLN A 72 24.53 19.61 -5.02
CA GLN A 72 23.74 20.81 -4.76
C GLN A 72 24.63 22.05 -4.72
N ALA A 73 25.81 21.93 -4.10
CA ALA A 73 26.69 23.08 -3.96
C ALA A 73 27.14 23.62 -5.31
N HIS A 74 27.25 22.75 -6.31
CA HIS A 74 27.66 23.13 -7.65
C HIS A 74 26.49 23.49 -8.55
N SER A 75 25.25 23.40 -8.07
CA SER A 75 24.09 23.60 -8.91
C SER A 75 23.65 25.06 -8.91
N THR A 76 23.27 25.54 -10.09
CA THR A 76 22.53 26.79 -10.27
C THR A 76 21.37 26.51 -11.21
N LEU A 77 20.53 27.52 -11.42
CA LEU A 77 19.44 27.36 -12.38
C LEU A 77 19.98 27.24 -13.80
N GLU A 78 21.15 27.83 -14.08
CA GLU A 78 21.76 27.70 -15.40
C GLU A 78 22.28 26.29 -15.63
N HIS A 79 23.03 25.74 -14.67
CA HIS A 79 23.46 24.34 -14.71
C HIS A 79 22.92 23.67 -13.44
N ASN A 80 21.81 22.95 -13.60
CA ASN A 80 21.11 22.33 -12.46
C ASN A 80 21.50 20.86 -12.41
N TYR A 81 22.68 20.61 -11.81
CA TYR A 81 23.19 19.25 -11.72
C TYR A 81 22.32 18.37 -10.84
N LEU A 82 21.67 18.94 -9.83
CA LEU A 82 20.68 18.19 -9.07
C LEU A 82 19.60 17.63 -9.99
N GLU A 83 19.16 18.43 -10.95
CA GLU A 83 18.06 18.01 -11.81
C GLU A 83 18.52 17.13 -12.96
N ASN A 84 19.60 17.53 -13.65
CA ASN A 84 19.98 16.92 -14.90
C ASN A 84 21.28 16.12 -14.82
N GLY A 85 21.88 16.04 -13.64
CA GLY A 85 23.13 15.34 -13.49
C GLY A 85 24.30 16.17 -13.96
N PHE A 86 25.48 15.55 -13.92
CA PHE A 86 26.73 16.19 -14.28
C PHE A 86 27.65 15.13 -14.83
N TRP A 87 28.37 15.46 -15.92
CA TRP A 87 29.28 14.50 -16.53
C TRP A 87 30.47 15.27 -17.10
N ALA A 88 31.57 15.27 -16.35
CA ALA A 88 32.82 15.85 -16.83
C ALA A 88 33.36 15.00 -17.97
N MET A 89 33.49 15.59 -19.16
CA MET A 89 33.95 14.86 -20.33
C MET A 89 35.46 14.76 -20.41
N ARG A 90 36.18 15.42 -19.51
CA ARG A 90 37.62 15.27 -19.38
C ARG A 90 37.99 15.61 -17.95
N GLU A 91 39.15 15.10 -17.51
CA GLU A 91 39.54 15.25 -16.11
C GLU A 91 39.63 16.72 -15.71
N ALA A 92 40.00 17.60 -16.64
CA ALA A 92 40.13 19.02 -16.31
C ALA A 92 38.78 19.66 -15.97
N ASP A 93 37.67 19.03 -16.35
CA ASP A 93 36.35 19.55 -16.07
C ASP A 93 35.75 19.01 -14.78
N GLU A 94 36.44 18.09 -14.10
CA GLU A 94 35.97 17.60 -12.82
C GLU A 94 36.04 18.72 -11.78
N LEU A 95 35.02 18.79 -10.94
CA LEU A 95 34.81 19.98 -10.13
C LEU A 95 35.39 19.81 -8.74
N PRO A 96 36.24 20.73 -8.29
CA PRO A 96 36.77 20.65 -6.93
C PRO A 96 35.69 20.98 -5.91
N ASN A 97 35.90 20.52 -4.69
CA ASN A 97 34.93 20.68 -3.60
C ASN A 97 35.62 21.22 -2.36
N LYS A 98 34.97 22.19 -1.72
CA LYS A 98 35.50 22.76 -0.49
C LYS A 98 35.15 21.87 0.70
N ASP A 99 36.13 21.70 1.59
CA ASP A 99 35.93 21.03 2.88
C ASP A 99 35.35 19.63 2.69
N ILE A 100 36.00 18.85 1.84
CA ILE A 100 35.66 17.46 1.57
C ILE A 100 36.88 16.61 1.90
N SER A 101 36.64 15.32 2.15
CA SER A 101 37.77 14.45 2.49
C SER A 101 37.45 13.02 2.12
N VAL A 102 38.52 12.26 1.87
CA VAL A 102 38.49 10.82 1.70
C VAL A 102 39.57 10.24 2.61
N VAL A 103 39.23 9.21 3.38
CA VAL A 103 40.16 8.65 4.37
C VAL A 103 40.37 7.17 4.07
N PHE A 104 41.63 6.78 3.89
CA PHE A 104 42.01 5.38 3.83
C PHE A 104 42.42 4.91 5.23
N ILE A 105 42.17 3.63 5.50
CA ILE A 105 42.56 3.02 6.77
C ILE A 105 43.81 2.21 6.48
N ASP A 106 44.97 2.83 6.71
CA ASP A 106 46.24 2.22 6.31
C ASP A 106 46.58 1.03 7.21
N LYS A 107 46.39 1.16 8.52
CA LYS A 107 46.68 0.09 9.45
C LYS A 107 45.70 0.15 10.63
N ILE A 108 45.47 -1.02 11.23
CA ILE A 108 44.63 -1.14 12.42
C ILE A 108 45.36 -2.01 13.43
N GLU A 109 45.47 -1.53 14.66
CA GLU A 109 46.15 -2.27 15.72
C GLU A 109 45.29 -2.30 16.97
N ASP A 110 45.26 -3.46 17.62
CA ASP A 110 44.65 -3.60 18.94
C ASP A 110 45.60 -3.05 19.99
N VAL A 111 45.17 -2.02 20.70
CA VAL A 111 46.01 -1.38 21.71
C VAL A 111 45.32 -1.41 23.07
N THR A 112 44.47 -2.42 23.30
CA THR A 112 43.71 -2.48 24.53
C THR A 112 44.63 -2.56 25.75
N ASP A 113 45.61 -3.46 25.71
CA ASP A 113 46.54 -3.60 26.82
C ASP A 113 47.28 -2.30 27.08
N TYR A 114 47.74 -1.63 26.02
CA TYR A 114 48.44 -0.36 26.17
C TYR A 114 47.54 0.71 26.78
N VAL A 115 46.31 0.80 26.28
CA VAL A 115 45.38 1.81 26.79
C VAL A 115 45.01 1.52 28.25
N LYS A 116 44.77 0.26 28.58
CA LYS A 116 44.46 -0.08 29.97
C LYS A 116 45.67 0.15 30.87
N LYS A 117 46.87 -0.13 30.37
CA LYS A 117 48.09 0.16 31.12
C LYS A 117 48.18 1.64 31.45
N GLU A 118 47.93 2.49 30.45
CA GLU A 118 48.03 3.94 30.65
C GLU A 118 46.92 4.44 31.59
N LEU A 119 45.72 3.88 31.47
CA LEU A 119 44.61 4.34 32.29
C LEU A 119 44.84 4.03 33.77
N LYS A 120 45.23 2.78 34.07
CA LYS A 120 45.46 2.39 35.46
C LYS A 120 46.59 3.20 36.09
N ALA A 121 47.54 3.67 35.29
CA ALA A 121 48.62 4.49 35.79
C ALA A 121 48.15 5.88 36.21
N ILE A 122 47.02 6.34 35.68
CA ILE A 122 46.49 7.62 36.14
C ILE A 122 45.93 7.50 37.55
N LYS A 123 45.46 6.30 37.91
CA LYS A 123 44.92 6.03 39.25
C LYS A 123 43.73 6.94 39.55
N ASP A 124 42.72 6.87 38.66
CA ASP A 124 41.50 7.68 38.79
C ASP A 124 40.34 6.90 38.19
N PRO A 125 39.87 5.86 38.90
CA PRO A 125 38.88 4.95 38.30
C PRO A 125 37.57 5.63 37.89
N ASN A 126 37.18 6.73 38.53
CA ASN A 126 35.92 7.38 38.18
C ASN A 126 36.04 8.34 37.00
N SER A 127 37.25 8.64 36.55
CA SER A 127 37.42 9.55 35.43
C SER A 127 36.81 8.96 34.16
N MET A 128 36.30 9.82 33.31
CA MET A 128 35.72 9.40 32.04
C MET A 128 36.74 9.44 30.90
N ASP A 129 38.03 9.58 31.22
CA ASP A 129 39.05 9.70 30.18
C ASP A 129 39.10 8.46 29.29
N TYR A 130 38.68 7.30 29.79
CA TYR A 130 38.69 6.09 28.99
C TYR A 130 37.77 6.17 27.78
N LEU A 131 36.90 7.19 27.70
CA LEU A 131 36.08 7.45 26.53
C LEU A 131 36.41 8.77 25.86
N SER A 132 37.21 9.62 26.49
CA SER A 132 37.44 10.99 26.02
C SER A 132 38.27 10.99 24.75
N PRO A 133 37.76 11.53 23.63
CA PRO A 133 38.57 11.59 22.41
C PRO A 133 39.85 12.39 22.59
N LYS A 134 39.82 13.42 23.44
CA LYS A 134 41.00 14.24 23.66
C LYS A 134 42.08 13.46 24.40
N TYR A 135 41.68 12.64 25.39
CA TYR A 135 42.65 11.84 26.11
C TYR A 135 43.17 10.70 25.24
N LEU A 136 42.28 10.02 24.51
CA LEU A 136 42.72 8.94 23.64
C LEU A 136 43.63 9.45 22.54
N GLN A 137 43.42 10.69 22.08
CA GLN A 137 44.33 11.29 21.11
C GLN A 137 45.71 11.52 21.73
N LYS A 138 45.74 11.94 23.00
CA LYS A 138 47.03 12.04 23.70
C LYS A 138 47.72 10.69 23.77
N LEU A 139 46.95 9.62 24.02
CA LEU A 139 47.54 8.28 24.04
C LEU A 139 47.95 7.85 22.64
N ALA A 140 47.17 8.24 21.63
CA ALA A 140 47.52 7.92 20.26
C ALA A 140 48.83 8.59 19.86
N ASP A 141 48.93 9.90 20.12
CA ASP A 141 50.16 10.62 19.81
C ASP A 141 51.35 10.01 20.53
N LYS A 142 51.15 9.59 21.78
CA LYS A 142 52.24 8.96 22.52
C LYS A 142 52.76 7.71 21.82
N LYS A 143 51.85 6.87 21.31
CA LYS A 143 52.26 5.67 20.60
C LYS A 143 52.92 6.02 19.27
N ALA A 144 52.23 6.79 18.43
CA ALA A 144 52.78 7.17 17.14
C ALA A 144 54.06 7.97 17.31
N GLY A 145 54.04 8.96 18.20
CA GLY A 145 55.24 9.59 18.68
C GLY A 145 55.87 10.68 17.83
N LYS A 146 56.32 11.75 18.49
CA LYS A 146 57.33 12.68 17.97
C LYS A 146 56.88 13.36 16.67
N ASN A 147 55.76 14.10 16.76
CA ASN A 147 55.25 14.88 15.64
C ASN A 147 54.86 13.97 14.47
N PHE A 148 53.94 13.04 14.72
CA PHE A 148 53.71 11.97 13.77
C PHE A 148 53.23 12.50 12.42
N SER A 149 52.31 13.46 12.42
CA SER A 149 51.76 13.95 11.17
C SER A 149 52.75 14.83 10.43
N ALA A 150 53.57 15.59 11.16
CA ALA A 150 54.59 16.42 10.53
C ALA A 150 55.59 15.57 9.75
N LYS A 151 56.08 14.48 10.36
CA LYS A 151 56.99 13.58 9.67
C LYS A 151 56.31 12.91 8.48
N ASN A 152 55.16 12.28 8.72
CA ASN A 152 54.41 11.60 7.67
C ASN A 152 53.24 12.48 7.26
N PRO A 153 53.35 13.26 6.20
CA PRO A 153 52.29 14.22 5.88
C PRO A 153 51.05 13.54 5.33
N GLY A 154 49.89 14.12 5.67
CA GLY A 154 48.61 13.53 5.31
C GLY A 154 48.25 12.28 6.08
N LEU A 155 49.15 11.77 6.92
CA LEU A 155 48.87 10.64 7.80
C LEU A 155 48.54 11.14 9.20
N SER A 156 47.65 10.41 9.87
CA SER A 156 47.29 10.73 11.24
C SER A 156 47.00 9.43 11.98
N VAL A 157 46.85 9.54 13.29
CA VAL A 157 46.63 8.38 14.15
C VAL A 157 45.46 8.69 15.09
N GLU A 158 44.61 7.68 15.30
CA GLU A 158 43.40 7.83 16.09
C GLU A 158 43.18 6.55 16.90
N ILE A 159 42.83 6.71 18.18
CA ILE A 159 42.42 5.60 19.03
C ILE A 159 40.95 5.76 19.37
N LYS A 160 40.21 4.65 19.33
CA LYS A 160 38.77 4.65 19.56
C LYS A 160 38.42 3.54 20.53
N ALA A 161 37.43 3.78 21.38
CA ALA A 161 36.95 2.79 22.33
C ALA A 161 35.84 1.94 21.72
N PHE A 162 35.87 0.65 22.02
CA PHE A 162 34.87 -0.30 21.56
C PHE A 162 34.25 -1.02 22.76
N TYR A 163 33.09 -1.62 22.53
CA TYR A 163 32.42 -2.41 23.57
C TYR A 163 32.25 -1.62 24.85
N GLY A 164 31.85 -0.36 24.74
CA GLY A 164 31.68 0.47 25.91
C GLY A 164 32.95 0.74 26.70
N GLY A 165 34.12 0.48 26.12
CA GLY A 165 35.37 0.80 26.78
C GLY A 165 36.22 -0.42 27.10
N ASN A 166 35.83 -1.58 26.59
CA ASN A 166 36.50 -2.83 26.90
C ASN A 166 37.52 -3.25 25.83
N LEU A 167 37.59 -2.55 24.71
CA LEU A 167 38.54 -2.86 23.66
C LEU A 167 38.92 -1.55 22.99
N TYR A 168 40.20 -1.40 22.66
CA TYR A 168 40.71 -0.20 22.01
C TYR A 168 41.51 -0.57 20.78
N LEU A 169 41.25 0.12 19.67
CA LEU A 169 41.96 -0.07 18.42
C LEU A 169 42.57 1.25 17.98
N MET A 170 43.80 1.20 17.48
CA MET A 170 44.47 2.37 16.94
C MET A 170 44.42 2.32 15.41
N PHE A 171 44.06 3.43 14.79
CA PHE A 171 43.88 3.52 13.35
C PHE A 171 44.89 4.49 12.76
N THR A 172 45.63 4.05 11.75
CA THR A 172 46.52 4.92 10.98
C THR A 172 45.79 5.33 9.71
N LYS A 173 45.45 6.60 9.60
CA LYS A 173 44.55 7.09 8.57
C LYS A 173 45.30 8.00 7.60
N LYS A 174 45.00 7.86 6.32
CA LYS A 174 45.57 8.69 5.26
C LYS A 174 44.43 9.49 4.63
N THR A 175 44.46 10.81 4.80
CA THR A 175 43.34 11.68 4.44
C THR A 175 43.70 12.52 3.23
N TYR A 176 42.85 12.46 2.20
CA TYR A 176 42.97 13.30 1.01
C TYR A 176 41.82 14.31 1.01
N THR A 177 42.15 15.58 0.77
CA THR A 177 41.14 16.63 0.77
C THR A 177 40.92 17.24 -0.62
N ASP A 178 41.58 16.72 -1.65
CA ASP A 178 41.29 17.11 -3.03
C ASP A 178 40.51 15.96 -3.66
N VAL A 179 39.18 16.04 -3.56
CA VAL A 179 38.27 15.03 -4.07
C VAL A 179 37.27 15.76 -4.95
N ARG A 180 37.28 15.46 -6.25
CA ARG A 180 36.55 16.26 -7.23
C ARG A 180 35.37 15.47 -7.81
N LEU A 181 34.28 16.18 -8.05
CA LEU A 181 33.08 15.56 -8.62
C LEU A 181 33.28 15.27 -10.09
N VAL A 182 33.07 14.02 -10.50
CA VAL A 182 33.31 13.57 -11.86
C VAL A 182 32.01 13.34 -12.62
N GLY A 183 31.03 12.71 -11.99
CA GLY A 183 29.80 12.40 -12.67
C GLY A 183 28.69 12.07 -11.67
N ALA A 184 27.47 12.39 -12.07
CA ALA A 184 26.31 12.10 -11.25
C ALA A 184 25.12 11.99 -12.18
N PRO A 185 24.25 11.01 -11.97
CA PRO A 185 23.03 10.93 -12.76
C PRO A 185 22.07 12.02 -12.37
N PRO A 186 21.01 12.26 -13.14
CA PRO A 186 19.93 13.11 -12.65
C PRO A 186 19.31 12.51 -11.41
N SER A 187 18.73 13.39 -10.58
CA SER A 187 18.11 12.92 -9.34
C SER A 187 16.94 11.99 -9.61
N SER A 188 16.31 12.09 -10.79
CA SER A 188 15.24 11.16 -11.14
C SER A 188 15.76 9.73 -11.22
N ILE A 189 17.07 9.55 -11.34
CA ILE A 189 17.69 8.24 -11.28
C ILE A 189 18.28 8.03 -9.89
N GLY A 190 19.20 8.92 -9.49
CA GLY A 190 19.91 8.77 -8.23
C GLY A 190 19.04 8.89 -7.00
N LYS A 191 17.85 9.49 -7.13
CA LYS A 191 16.92 9.61 -6.02
C LYS A 191 15.50 9.23 -6.46
N PHE A 192 15.37 8.26 -7.37
CA PHE A 192 14.04 7.87 -7.84
C PHE A 192 13.17 7.42 -6.67
N GLY A 193 11.94 7.92 -6.63
CA GLY A 193 11.04 7.61 -5.54
C GLY A 193 11.24 8.44 -4.30
N ALA A 194 12.30 9.24 -4.23
CA ALA A 194 12.56 10.20 -3.15
C ALA A 194 12.18 9.67 -1.77
N ASP A 195 11.32 10.41 -1.08
CA ASP A 195 10.98 10.05 0.30
C ASP A 195 10.02 8.87 0.37
N THR A 196 9.14 8.74 -0.63
CA THR A 196 8.18 7.63 -0.61
C THR A 196 8.89 6.28 -0.61
N ASP A 197 9.89 6.11 -1.46
CA ASP A 197 10.62 4.85 -1.54
C ASP A 197 11.81 4.80 -0.58
N ASN A 198 12.08 5.87 0.18
CA ASN A 198 13.16 5.83 1.14
C ASN A 198 12.88 4.78 2.22
N TRP A 199 13.88 3.96 2.50
CA TRP A 199 13.80 2.84 3.43
C TRP A 199 12.81 1.78 2.97
N ILE A 200 12.59 1.65 1.66
CA ILE A 200 11.61 0.72 1.12
C ILE A 200 12.30 -0.20 0.11
N TRP A 201 12.02 -1.50 0.22
CA TRP A 201 12.25 -2.54 -0.77
C TRP A 201 10.90 -3.13 -1.18
N PRO A 202 10.65 -3.37 -2.48
CA PRO A 202 11.48 -3.18 -3.68
C PRO A 202 11.90 -1.73 -3.92
N ARG A 203 13.12 -1.54 -4.42
CA ARG A 203 13.68 -0.23 -4.63
C ARG A 203 14.17 -0.14 -6.07
N HIS A 204 13.97 1.02 -6.69
CA HIS A 204 14.29 1.21 -8.11
C HIS A 204 15.17 2.44 -8.30
N THR A 205 16.01 2.74 -7.31
CA THR A 205 16.85 3.93 -7.31
C THR A 205 18.27 3.58 -7.78
N GLY A 206 18.79 4.36 -8.71
CA GLY A 206 20.17 4.22 -9.13
C GLY A 206 21.08 5.13 -8.33
N ASP A 207 21.29 4.78 -7.06
CA ASP A 207 21.88 5.67 -6.08
C ASP A 207 23.41 5.60 -6.16
N PHE A 208 23.98 6.33 -7.11
CA PHE A 208 25.43 6.42 -7.23
C PHE A 208 25.85 7.83 -7.65
N SER A 209 27.11 8.15 -7.34
CA SER A 209 27.81 9.29 -7.91
C SER A 209 29.29 8.93 -7.99
N ILE A 210 30.08 9.79 -8.65
CA ILE A 210 31.44 9.46 -9.04
C ILE A 210 32.37 10.61 -8.71
N PHE A 211 33.48 10.31 -8.05
CA PHE A 211 34.48 11.31 -7.68
C PHE A 211 35.86 10.83 -8.12
N ARG A 212 36.87 11.68 -7.94
CA ARG A 212 38.25 11.29 -8.20
C ARG A 212 39.18 11.94 -7.20
N ILE A 213 40.04 11.12 -6.59
CA ILE A 213 41.02 11.62 -5.63
C ILE A 213 42.21 12.20 -6.38
N TYR A 214 42.57 13.44 -6.05
CA TYR A 214 43.76 14.08 -6.60
C TYR A 214 44.81 14.18 -5.52
N ALA A 215 46.08 13.94 -5.90
CA ALA A 215 47.18 13.94 -4.97
C ALA A 215 48.36 14.67 -5.59
N ASP A 216 49.43 14.82 -4.81
CA ASP A 216 50.65 15.36 -5.39
C ASP A 216 51.27 14.32 -6.32
N LYS A 217 52.36 14.69 -6.98
CA LYS A 217 52.87 13.82 -8.02
C LYS A 217 53.52 12.55 -7.48
N ASN A 218 53.58 12.39 -6.15
CA ASN A 218 54.04 11.16 -5.52
C ASN A 218 52.90 10.34 -4.94
N GLY A 219 51.66 10.78 -5.11
CA GLY A 219 50.52 10.10 -4.53
C GLY A 219 50.20 10.49 -3.11
N ASN A 220 50.83 11.51 -2.59
CA ASN A 220 50.59 11.85 -1.20
C ASN A 220 49.51 12.92 -1.08
N PRO A 221 48.78 12.92 0.05
CA PRO A 221 47.79 13.97 0.31
C PRO A 221 48.29 15.36 0.01
N ALA A 222 47.43 16.20 -0.56
CA ALA A 222 47.77 17.58 -0.87
C ALA A 222 46.49 18.39 -0.93
N PRO A 223 46.52 19.65 -0.49
CA PRO A 223 45.32 20.49 -0.60
C PRO A 223 44.99 20.74 -2.06
N TYR A 224 43.78 21.26 -2.29
CA TYR A 224 43.33 21.46 -3.66
C TYR A 224 44.32 22.35 -4.40
N SER A 225 44.72 21.89 -5.57
CA SER A 225 45.69 22.58 -6.40
C SER A 225 45.49 22.09 -7.83
N GLU A 226 45.43 23.02 -8.79
CA GLU A 226 45.35 22.60 -10.18
C GLU A 226 46.60 21.86 -10.64
N ASP A 227 47.66 21.81 -9.82
CA ASP A 227 48.84 21.02 -10.13
C ASP A 227 48.74 19.57 -9.66
N ASN A 228 47.78 19.26 -8.79
CA ASN A 228 47.61 17.88 -8.35
C ASN A 228 47.23 16.97 -9.52
N VAL A 229 47.55 15.70 -9.39
CA VAL A 229 47.26 14.71 -10.42
C VAL A 229 46.41 13.61 -9.79
N PRO A 230 45.66 12.86 -10.60
CA PRO A 230 44.86 11.76 -10.04
C PRO A 230 45.73 10.77 -9.28
N LEU A 231 45.20 10.30 -8.15
CA LEU A 231 45.92 9.35 -7.31
C LEU A 231 46.02 8.01 -8.01
N LYS A 232 47.23 7.45 -8.08
CA LYS A 232 47.39 6.06 -8.46
C LYS A 232 47.37 5.23 -7.18
N PRO A 233 46.31 4.48 -6.91
CA PRO A 233 46.15 3.87 -5.60
C PRO A 233 46.96 2.58 -5.47
N LYS A 234 47.03 2.07 -4.24
CA LYS A 234 47.65 0.78 -3.98
C LYS A 234 46.84 -0.38 -4.53
N ARG A 235 45.57 -0.14 -4.86
CA ARG A 235 44.60 -1.21 -5.06
C ARG A 235 43.26 -0.60 -5.46
N PHE A 236 42.52 -1.27 -6.33
CA PHE A 236 41.19 -0.81 -6.68
C PHE A 236 40.33 -2.01 -7.04
N PHE A 237 39.02 -1.78 -7.07
CA PHE A 237 38.06 -2.86 -7.30
C PHE A 237 37.92 -3.14 -8.80
N ASN A 238 38.04 -4.42 -9.16
CA ASN A 238 37.56 -4.85 -10.46
C ASN A 238 36.04 -4.88 -10.45
N ILE A 239 35.44 -4.44 -11.54
CA ILE A 239 33.99 -4.42 -11.69
C ILE A 239 33.57 -5.68 -12.44
N SER A 240 32.58 -6.38 -11.91
CA SER A 240 32.11 -7.63 -12.50
C SER A 240 30.81 -7.37 -13.24
N LEU A 241 30.72 -7.91 -14.46
CA LEU A 241 29.48 -7.97 -15.22
C LEU A 241 28.82 -9.34 -15.11
N GLY A 242 29.28 -10.18 -14.18
CA GLY A 242 28.73 -11.50 -14.01
C GLY A 242 27.38 -11.55 -13.33
N GLY A 243 26.93 -10.43 -12.78
CA GLY A 243 25.60 -10.38 -12.21
C GLY A 243 25.49 -11.10 -10.88
N VAL A 244 24.24 -11.26 -10.44
CA VAL A 244 23.93 -11.92 -9.17
C VAL A 244 22.76 -12.86 -9.38
N GLN A 245 22.87 -14.05 -8.78
CA GLN A 245 21.79 -15.02 -8.71
C GLN A 245 21.29 -15.05 -7.28
N GLU A 246 20.05 -15.50 -7.11
CA GLU A 246 19.53 -15.72 -5.78
C GLU A 246 20.43 -16.70 -5.04
N ASN A 247 20.70 -16.40 -3.76
CA ASN A 247 21.51 -17.16 -2.81
C ASN A 247 23.00 -16.97 -3.04
N ASP A 248 23.43 -16.17 -4.02
CA ASP A 248 24.85 -15.86 -4.19
C ASP A 248 25.45 -15.30 -2.91
N TYR A 249 26.72 -15.63 -2.67
CA TYR A 249 27.46 -15.02 -1.59
C TYR A 249 27.69 -13.55 -1.90
N ALA A 250 27.57 -12.71 -0.88
CA ALA A 250 27.85 -11.28 -1.01
C ALA A 250 28.44 -10.76 0.28
N MET A 251 29.35 -9.79 0.16
CA MET A 251 30.01 -9.23 1.34
C MET A 251 30.32 -7.76 1.10
N ILE A 252 30.51 -7.05 2.21
CA ILE A 252 30.58 -5.59 2.21
C ILE A 252 31.65 -5.15 3.20
N MET A 253 32.42 -4.14 2.84
CA MET A 253 33.26 -3.40 3.77
C MET A 253 32.80 -1.95 3.80
N GLY A 254 32.84 -1.34 4.99
CA GLY A 254 32.39 0.03 5.10
C GLY A 254 32.49 0.51 6.53
N PHE A 255 31.91 1.70 6.76
CA PHE A 255 32.06 2.42 8.03
C PHE A 255 30.68 2.63 8.67
N PRO A 256 30.09 1.58 9.24
CA PRO A 256 28.82 1.76 9.95
C PRO A 256 28.98 2.70 11.13
N GLY A 257 28.05 3.63 11.27
CA GLY A 257 28.19 4.71 12.23
C GLY A 257 27.79 4.38 13.65
N THR A 258 26.56 3.90 13.84
CA THR A 258 26.00 3.75 15.17
C THR A 258 25.03 2.57 15.19
N THR A 259 25.19 1.70 16.19
CA THR A 259 24.16 0.73 16.55
C THR A 259 23.96 0.78 18.06
N HIS A 260 22.86 0.17 18.51
CA HIS A 260 22.47 0.18 19.92
C HIS A 260 22.09 -1.22 20.36
N ARG A 261 22.90 -2.21 19.98
CA ARG A 261 22.53 -3.60 20.22
C ARG A 261 22.71 -4.04 21.66
N TYR A 262 23.39 -3.23 22.48
CA TYR A 262 23.53 -3.52 23.91
C TYR A 262 22.63 -2.62 24.76
N PHE A 263 21.56 -2.11 24.17
CA PHE A 263 20.59 -1.31 24.92
C PHE A 263 19.94 -2.14 26.01
N THR A 264 19.79 -1.54 27.19
CA THR A 264 18.88 -2.13 28.15
C THR A 264 17.44 -1.86 27.71
N ALA A 265 16.50 -2.58 28.33
CA ALA A 265 15.10 -2.42 27.95
C ALA A 265 14.63 -0.99 28.18
N SER A 266 15.07 -0.37 29.28
CA SER A 266 14.63 0.99 29.57
C SER A 266 15.26 2.00 28.61
N GLU A 267 16.44 1.71 28.07
CA GLU A 267 17.03 2.60 27.08
C GLU A 267 16.27 2.55 25.76
N VAL A 268 15.78 1.37 25.38
CA VAL A 268 14.93 1.27 24.20
C VAL A 268 13.69 2.13 24.36
N ASP A 269 13.10 2.13 25.56
CA ASP A 269 11.93 2.97 25.84
C ASP A 269 12.25 4.45 25.68
N GLU A 270 13.35 4.90 26.27
CA GLU A 270 13.75 6.29 26.17
C GLU A 270 14.00 6.69 24.72
N TRP A 271 14.69 5.83 23.97
CA TRP A 271 14.99 6.12 22.57
C TRP A 271 13.72 6.29 21.76
N LYS A 272 12.70 5.46 22.02
CA LYS A 272 11.46 5.54 21.27
C LYS A 272 10.62 6.74 21.71
N SER A 273 10.42 6.91 23.01
CA SER A 273 9.46 7.88 23.54
C SER A 273 10.00 9.30 23.60
N ILE A 274 11.31 9.48 23.72
CA ILE A 274 11.88 10.82 23.75
C ILE A 274 12.55 11.11 22.41
N ASP A 275 13.69 10.47 22.16
CA ASP A 275 14.50 10.80 20.99
C ASP A 275 13.71 10.68 19.69
N ASN A 276 13.12 9.51 19.44
CA ASN A 276 12.50 9.26 18.14
C ASN A 276 11.19 10.02 17.99
N ASP A 277 10.34 10.01 19.02
CA ASP A 277 9.03 10.65 18.89
C ASP A 277 9.16 12.16 18.71
N ILE A 278 10.04 12.81 19.47
CA ILE A 278 10.25 14.26 19.31
C ILE A 278 10.78 14.56 17.92
N ARG A 279 11.74 13.76 17.44
CA ARG A 279 12.26 13.94 16.09
C ARG A 279 11.17 13.78 15.04
N ILE A 280 10.28 12.80 15.23
CA ILE A 280 9.23 12.54 14.25
C ILE A 280 8.28 13.73 14.15
N ARG A 281 7.82 14.24 15.29
CA ARG A 281 6.82 15.30 15.28
C ARG A 281 7.41 16.63 14.83
N MET A 282 8.60 16.98 15.32
CA MET A 282 9.20 18.26 14.96
C MET A 282 9.54 18.31 13.48
N ARG A 283 10.14 17.24 12.95
CA ARG A 283 10.64 17.27 11.58
C ARG A 283 9.52 17.17 10.54
N ASP A 284 8.45 16.45 10.84
CA ASP A 284 7.30 16.45 9.94
C ASP A 284 6.72 17.85 9.78
N ILE A 285 6.79 18.66 10.84
CA ILE A 285 6.33 20.04 10.75
C ILE A 285 7.28 20.86 9.89
N ARG A 286 8.57 20.83 10.21
CA ARG A 286 9.55 21.56 9.41
C ARG A 286 9.51 21.14 7.96
N GLN A 287 9.33 19.84 7.71
CA GLN A 287 9.43 19.35 6.33
C GLN A 287 8.20 19.72 5.52
N GLY A 288 7.01 19.68 6.13
CA GLY A 288 5.81 20.04 5.39
C GLY A 288 5.85 21.48 4.89
N VAL A 289 6.29 22.41 5.73
CA VAL A 289 6.46 23.80 5.32
C VAL A 289 7.52 23.89 4.23
N MET A 290 8.68 23.28 4.48
CA MET A 290 9.81 23.41 3.55
C MET A 290 9.48 22.87 2.18
N LEU A 291 8.80 21.72 2.11
CA LEU A 291 8.51 21.11 0.82
C LEU A 291 7.57 21.96 -0.01
N ARG A 292 6.53 22.52 0.62
CA ARG A 292 5.61 23.39 -0.10
C ARG A 292 6.34 24.59 -0.70
N GLU A 293 7.28 25.16 0.05
CA GLU A 293 8.10 26.24 -0.49
C GLU A 293 9.00 25.75 -1.62
N MET A 294 9.49 24.51 -1.51
CA MET A 294 10.44 24.00 -2.50
C MET A 294 9.74 23.73 -3.84
N LEU A 295 8.52 23.21 -3.81
CA LEU A 295 7.83 22.85 -5.04
C LEU A 295 7.27 24.07 -5.78
N ALA A 296 7.19 25.23 -5.10
CA ALA A 296 6.65 26.43 -5.71
C ALA A 296 7.70 27.30 -6.38
N ASP A 297 8.97 27.15 -6.01
CA ASP A 297 10.03 27.99 -6.53
C ASP A 297 11.25 27.14 -6.87
N PRO A 298 11.70 27.15 -8.12
CA PRO A 298 12.86 26.31 -8.48
C PRO A 298 14.15 26.73 -7.80
N GLN A 299 14.32 28.00 -7.41
CA GLN A 299 15.55 28.35 -6.72
C GLN A 299 15.49 27.99 -5.25
N ILE A 300 14.31 28.07 -4.63
CA ILE A 300 14.16 27.56 -3.27
C ILE A 300 14.44 26.06 -3.24
N LYS A 301 14.05 25.35 -4.32
CA LYS A 301 14.31 23.92 -4.41
C LYS A 301 15.80 23.64 -4.39
N ILE A 302 16.58 24.38 -5.19
CA ILE A 302 18.03 24.20 -5.19
C ILE A 302 18.59 24.51 -3.81
N MET A 303 18.17 25.64 -3.23
CA MET A 303 18.78 26.13 -2.00
C MET A 303 18.54 25.19 -0.82
N TYR A 304 17.42 24.49 -0.81
CA TYR A 304 17.03 23.69 0.35
C TYR A 304 17.02 22.19 0.09
N SER A 305 17.45 21.75 -1.10
CA SER A 305 17.36 20.33 -1.43
C SER A 305 18.18 19.48 -0.48
N ALA A 306 19.41 19.90 -0.17
CA ALA A 306 20.25 19.14 0.74
C ALA A 306 19.76 19.26 2.18
N LYS A 307 19.40 20.47 2.61
CA LYS A 307 18.84 20.65 3.94
C LYS A 307 17.61 19.78 4.14
N TYR A 308 16.76 19.69 3.11
CA TYR A 308 15.54 18.90 3.22
C TYR A 308 15.84 17.41 3.29
N ALA A 309 16.82 16.94 2.52
CA ALA A 309 17.15 15.51 2.52
C ALA A 309 17.73 15.08 3.85
N ALA A 310 18.63 15.90 4.41
CA ALA A 310 19.22 15.55 5.71
C ALA A 310 18.17 15.51 6.81
N SER A 311 17.15 16.37 6.74
CA SER A 311 16.08 16.31 7.71
C SER A 311 15.16 15.13 7.45
N GLN A 312 14.87 14.85 6.18
CA GLN A 312 13.87 13.85 5.84
C GLN A 312 14.34 12.43 6.11
N ASN A 313 15.65 12.16 5.97
CA ASN A 313 16.13 10.78 6.04
C ASN A 313 16.04 10.23 7.47
N ALA A 314 16.51 11.00 8.46
CA ALA A 314 16.45 10.54 9.83
C ALA A 314 15.05 10.63 10.42
N TYR A 315 14.19 11.48 9.86
CA TYR A 315 12.79 11.50 10.26
C TYR A 315 12.11 10.18 9.92
N LYS A 316 12.23 9.74 8.67
CA LYS A 316 11.60 8.50 8.27
C LYS A 316 12.27 7.29 8.93
N ARG A 317 13.57 7.36 9.16
CA ARG A 317 14.25 6.28 9.88
C ARG A 317 13.70 6.13 11.29
N ALA A 318 13.38 7.25 11.94
CA ALA A 318 12.84 7.19 13.30
C ALA A 318 11.46 6.53 13.30
N ILE A 319 10.65 6.79 12.28
CA ILE A 319 9.37 6.10 12.15
C ILE A 319 9.58 4.60 12.00
N GLY A 320 10.52 4.21 11.14
CA GLY A 320 10.79 2.79 10.96
C GLY A 320 11.33 2.13 12.21
N ALA A 321 12.18 2.85 12.95
CA ALA A 321 12.75 2.29 14.17
C ALA A 321 11.67 2.02 15.21
N ASN A 322 10.80 3.01 15.45
CA ASN A 322 9.71 2.83 16.40
C ASN A 322 8.74 1.75 15.93
N TRP A 323 8.61 1.56 14.62
CA TRP A 323 7.74 0.50 14.12
C TRP A 323 8.33 -0.87 14.43
N ALA A 324 9.65 -1.02 14.29
CA ALA A 324 10.29 -2.28 14.62
C ALA A 324 10.18 -2.56 16.12
N ILE A 325 10.46 -1.54 16.94
CA ILE A 325 10.33 -1.69 18.40
C ILE A 325 8.94 -2.17 18.77
N LYS A 326 7.92 -1.64 18.10
CA LYS A 326 6.54 -2.00 18.41
C LYS A 326 6.21 -3.42 17.96
N THR A 327 6.41 -3.71 16.69
CA THR A 327 5.87 -4.93 16.08
C THR A 327 6.81 -6.12 16.15
N ARG A 328 8.06 -5.94 16.55
CA ARG A 328 8.99 -7.05 16.68
C ARG A 328 9.38 -7.33 18.13
N GLY A 329 8.75 -6.64 19.07
CA GLY A 329 8.99 -6.87 20.48
C GLY A 329 10.45 -6.73 20.86
N LEU A 330 11.08 -5.63 20.43
CA LEU A 330 12.50 -5.43 20.69
C LEU A 330 12.76 -5.05 22.15
N ARG A 331 11.83 -4.33 22.77
CA ARG A 331 11.98 -3.99 24.19
C ARG A 331 12.03 -5.26 25.04
N GLN A 332 11.11 -6.19 24.79
CA GLN A 332 11.06 -7.42 25.57
C GLN A 332 12.24 -8.34 25.26
N ASN A 333 12.81 -8.24 24.05
CA ASN A 333 14.02 -9.00 23.75
C ASN A 333 15.18 -8.53 24.61
N LYS A 334 15.37 -7.22 24.74
CA LYS A 334 16.44 -6.69 25.59
C LYS A 334 16.17 -7.01 27.06
N GLN A 335 14.90 -6.96 27.47
CA GLN A 335 14.54 -7.35 28.84
C GLN A 335 14.99 -8.76 29.13
N ALA A 336 14.78 -9.68 28.17
CA ALA A 336 15.22 -11.06 28.36
C ALA A 336 16.73 -11.16 28.46
N MET A 337 17.44 -10.41 27.61
CA MET A 337 18.90 -10.50 27.59
C MET A 337 19.50 -10.01 28.90
N GLN A 338 19.02 -8.87 29.42
CA GLN A 338 19.58 -8.36 30.66
C GLN A 338 19.16 -9.24 31.84
N ASP A 339 18.00 -9.89 31.77
CA ASP A 339 17.62 -10.82 32.82
C ASP A 339 18.47 -12.08 32.77
N ARG A 340 18.83 -12.53 31.57
CA ARG A 340 19.76 -13.65 31.44
C ARG A 340 21.08 -13.35 32.15
N LEU A 341 21.63 -12.16 31.90
CA LEU A 341 22.90 -11.79 32.52
C LEU A 341 22.75 -11.68 34.04
N ILE A 342 21.67 -11.04 34.50
CA ILE A 342 21.45 -10.89 35.94
C ILE A 342 21.40 -12.26 36.60
N ALA A 343 20.72 -13.23 35.97
CA ALA A 343 20.62 -14.57 36.54
C ALA A 343 21.98 -15.26 36.55
N TRP A 344 22.74 -15.13 35.46
CA TRP A 344 24.08 -15.72 35.40
C TRP A 344 24.99 -15.13 36.46
N GLY A 345 25.01 -13.81 36.59
CA GLY A 345 25.85 -13.17 37.59
C GLY A 345 25.50 -13.60 39.00
N ALA A 346 24.21 -13.74 39.29
CA ALA A 346 23.78 -14.25 40.60
C ALA A 346 24.41 -15.60 40.87
N LYS A 347 24.47 -16.47 39.87
CA LYS A 347 25.12 -17.76 40.03
C LYS A 347 26.60 -17.58 40.33
N GLN A 348 27.30 -16.80 39.49
CA GLN A 348 28.71 -16.52 39.73
C GLN A 348 28.96 -15.87 41.08
N GLY A 349 27.94 -15.32 41.71
CA GLY A 349 28.09 -14.70 43.02
C GLY A 349 28.45 -13.23 42.99
N THR A 350 28.29 -12.56 41.86
CA THR A 350 28.56 -11.13 41.79
C THR A 350 27.30 -10.37 41.39
N PRO A 351 26.96 -9.29 42.07
CA PRO A 351 25.81 -8.47 41.69
C PRO A 351 26.15 -7.29 40.79
N ARG A 352 27.39 -7.20 40.31
CA ARG A 352 27.83 -6.06 39.52
C ARG A 352 26.96 -5.85 38.28
N TYR A 353 26.43 -6.93 37.71
CA TYR A 353 25.67 -6.82 36.47
C TYR A 353 24.23 -6.43 36.73
N GLU A 354 23.64 -6.94 37.82
CA GLU A 354 22.31 -6.47 38.21
C GLU A 354 22.36 -5.01 38.63
N GLU A 355 23.43 -4.61 39.33
CA GLU A 355 23.56 -3.22 39.73
C GLU A 355 23.70 -2.30 38.53
N ALA A 356 24.42 -2.74 37.50
CA ALA A 356 24.64 -1.89 36.33
C ALA A 356 23.35 -1.66 35.56
N VAL A 357 22.51 -2.69 35.44
CA VAL A 357 21.25 -2.53 34.73
C VAL A 357 20.30 -1.64 35.51
N HIS A 358 20.27 -1.78 36.84
CA HIS A 358 19.46 -0.88 37.66
C HIS A 358 20.00 0.54 37.62
N GLU A 359 21.32 0.69 37.55
CA GLU A 359 21.93 2.01 37.51
C GLU A 359 21.54 2.75 36.24
N ILE A 360 21.52 2.05 35.11
CA ILE A 360 21.05 2.63 33.86
C ILE A 360 19.58 3.03 33.99
N ASP A 361 18.76 2.11 34.50
CA ASP A 361 17.33 2.37 34.60
C ASP A 361 17.04 3.60 35.45
N ALA A 362 17.74 3.74 36.58
CA ALA A 362 17.49 4.87 37.46
C ALA A 362 17.91 6.18 36.81
N THR A 363 19.08 6.20 36.17
CA THR A 363 19.54 7.43 35.51
C THR A 363 18.61 7.80 34.37
N VAL A 364 18.22 6.81 33.56
CA VAL A 364 17.31 7.07 32.45
C VAL A 364 16.00 7.69 32.97
N ALA A 365 15.48 7.13 34.06
CA ALA A 365 14.25 7.64 34.64
C ALA A 365 14.43 9.08 35.14
N LYS A 366 15.60 9.39 35.68
CA LYS A 366 15.78 10.72 36.28
C LYS A 366 15.97 11.81 35.24
N ARG A 367 16.62 11.53 34.12
CA ARG A 367 16.91 12.55 33.14
C ARG A 367 15.77 12.76 32.14
N ALA A 368 14.60 12.15 32.38
CA ALA A 368 13.54 12.17 31.36
C ALA A 368 12.93 13.55 31.18
N ASP A 369 12.80 14.32 32.25
CA ASP A 369 12.26 15.68 32.11
C ASP A 369 13.19 16.56 31.31
N LEU A 370 14.47 16.58 31.67
CA LEU A 370 15.43 17.44 30.98
C LEU A 370 15.70 16.93 29.56
N ARG A 371 15.89 15.62 29.40
CA ARG A 371 16.16 15.07 28.07
C ARG A 371 15.03 15.39 27.11
N ARG A 372 13.78 15.31 27.59
CA ARG A 372 12.65 15.70 26.75
C ARG A 372 12.74 17.18 26.39
N ARG A 373 13.12 18.03 27.34
CA ARG A 373 13.30 19.44 27.03
C ARG A 373 14.49 19.66 26.11
N TYR A 374 15.54 18.85 26.26
CA TYR A 374 16.72 18.98 25.41
C TYR A 374 16.38 18.65 23.96
N TRP A 375 15.59 17.60 23.74
CA TRP A 375 15.29 17.19 22.38
C TRP A 375 14.22 18.07 21.73
N MET A 376 13.31 18.64 22.54
CA MET A 376 12.33 19.58 22.01
C MET A 376 13.04 20.81 21.44
N ILE A 377 14.01 21.35 22.17
CA ILE A 377 14.69 22.53 21.69
C ILE A 377 15.72 22.19 20.61
N GLU A 378 16.33 20.99 20.66
CA GLU A 378 17.32 20.65 19.64
C GLU A 378 16.66 20.40 18.30
N GLU A 379 15.55 19.64 18.28
CA GLU A 379 14.85 19.38 17.03
C GLU A 379 13.99 20.56 16.61
N GLY A 380 13.35 21.22 17.57
CA GLY A 380 12.43 22.29 17.26
C GLY A 380 13.09 23.59 16.81
N ILE A 381 14.23 23.93 17.39
CA ILE A 381 14.80 25.26 17.22
C ILE A 381 16.21 25.19 16.65
N ILE A 382 17.12 24.53 17.36
CA ILE A 382 18.52 24.47 16.93
C ILE A 382 18.61 23.86 15.54
N ARG A 383 17.90 22.75 15.32
CA ARG A 383 17.80 22.19 13.98
C ARG A 383 16.75 22.89 13.14
N GLY A 384 15.60 23.21 13.73
CA GLY A 384 14.44 23.56 12.95
C GLY A 384 14.42 24.97 12.42
N ILE A 385 14.99 25.92 13.17
CA ILE A 385 14.89 27.34 12.84
C ILE A 385 16.30 27.85 12.52
N GLU A 386 16.49 28.28 11.27
CA GLU A 386 17.83 28.63 10.82
C GLU A 386 18.32 29.92 11.47
N PHE A 387 17.43 30.90 11.69
CA PHE A 387 17.90 32.14 12.28
C PHE A 387 18.15 32.02 13.78
N ALA A 388 18.02 30.83 14.36
CA ALA A 388 18.60 30.59 15.68
C ALA A 388 20.12 30.62 15.62
N ARG A 389 20.70 30.45 14.44
CA ARG A 389 22.14 30.53 14.26
C ARG A 389 22.56 31.83 13.59
N SER A 390 21.72 32.86 13.66
CA SER A 390 22.11 34.19 13.24
C SER A 390 23.22 34.70 14.16
N PRO A 391 23.98 35.71 13.72
CA PRO A 391 25.16 36.13 14.49
C PRO A 391 24.79 36.70 15.85
N ILE A 392 25.59 36.36 16.84
CA ILE A 392 25.53 36.95 18.18
C ILE A 392 26.80 37.76 18.38
N PRO A 393 26.71 39.05 18.71
CA PRO A 393 27.93 39.86 18.89
C PRO A 393 28.68 39.43 20.14
N THR A 394 29.96 39.11 19.98
CA THR A 394 30.74 38.70 21.13
C THR A 394 30.89 39.85 22.11
N GLU A 395 31.22 39.51 23.35
CA GLU A 395 31.48 40.52 24.36
C GLU A 395 32.66 41.41 23.95
N ASP A 396 33.71 40.80 23.39
CA ASP A 396 34.81 41.57 22.83
C ASP A 396 34.33 42.63 21.84
N GLU A 397 33.43 42.23 20.92
CA GLU A 397 33.03 43.11 19.83
C GLU A 397 32.19 44.30 20.32
N THR A 398 31.16 44.03 21.13
CA THR A 398 30.31 45.12 21.59
C THR A 398 31.12 46.17 22.35
N LYS A 399 32.11 45.74 23.16
CA LYS A 399 32.99 46.70 23.81
C LYS A 399 34.00 47.21 22.79
N ALA A 400 33.51 47.90 21.76
CA ALA A 400 34.35 48.47 20.71
C ALA A 400 33.51 49.37 19.81
N LYS A 410 34.76 49.17 13.48
CA LYS A 410 35.24 49.09 12.10
C LYS A 410 35.88 47.73 11.82
N GLU A 411 36.81 47.33 12.67
CA GLU A 411 37.37 45.98 12.55
C GLU A 411 36.37 44.95 13.07
N ALA A 412 35.61 45.29 14.12
CA ALA A 412 34.62 44.37 14.65
C ALA A 412 33.41 44.27 13.75
N ILE A 413 33.03 45.36 13.07
CA ILE A 413 31.89 45.31 12.16
C ILE A 413 32.20 44.43 10.96
N ASP A 414 33.46 44.08 10.73
CA ASP A 414 33.80 43.16 9.64
C ASP A 414 33.64 41.71 10.07
N LYS A 415 33.99 41.39 11.32
CA LYS A 415 33.77 40.04 11.81
C LYS A 415 32.28 39.73 11.95
N ILE A 416 31.46 40.74 12.24
CA ILE A 416 30.01 40.52 12.32
C ILE A 416 29.41 40.42 10.93
N ARG A 417 29.90 41.22 9.98
CA ARG A 417 29.53 41.03 8.58
C ARG A 417 29.84 39.61 8.14
N THR A 418 31.02 39.10 8.53
CA THR A 418 31.40 37.73 8.20
C THR A 418 30.36 36.73 8.67
N ARG A 419 29.90 36.87 9.91
CA ARG A 419 28.96 35.88 10.44
C ARG A 419 27.56 36.10 9.88
N TYR A 420 27.20 37.34 9.56
CA TYR A 420 25.98 37.57 8.79
C TYR A 420 26.08 36.95 7.41
N SER A 421 27.27 36.92 6.83
CA SER A 421 27.44 36.31 5.51
C SER A 421 27.11 34.83 5.55
N LYS A 422 27.74 34.09 6.46
CA LYS A 422 27.54 32.65 6.52
C LYS A 422 26.10 32.30 6.88
N PHE A 423 25.48 33.11 7.72
CA PHE A 423 24.08 32.88 8.09
C PHE A 423 23.15 33.09 6.89
N ALA A 424 23.21 34.27 6.29
CA ALA A 424 22.36 34.60 5.14
C ALA A 424 23.10 34.32 3.83
N ASN A 425 23.52 33.06 3.68
CA ASN A 425 24.31 32.65 2.52
C ASN A 425 23.38 32.34 1.33
N LYS A 426 23.97 31.80 0.26
CA LYS A 426 23.21 31.53 -0.97
C LYS A 426 22.04 30.59 -0.73
N ASP A 427 22.10 29.76 0.30
CA ASP A 427 21.07 28.77 0.59
C ASP A 427 19.96 29.30 1.47
N TYR A 428 20.06 30.53 1.99
CA TYR A 428 19.16 31.00 3.02
C TYR A 428 18.06 31.87 2.43
N SER A 429 16.81 31.47 2.62
CA SER A 429 15.65 32.28 2.31
C SER A 429 15.00 32.71 3.61
N ALA A 430 15.05 34.01 3.90
CA ALA A 430 14.41 34.53 5.11
C ALA A 430 12.92 34.31 5.07
N GLU A 431 12.32 34.32 3.88
CA GLU A 431 10.88 34.09 3.78
C GLU A 431 10.53 32.63 4.07
N VAL A 432 11.37 31.69 3.61
CA VAL A 432 11.15 30.29 3.95
C VAL A 432 11.33 30.06 5.44
N ASP A 433 12.36 30.68 6.03
CA ASP A 433 12.66 30.45 7.44
C ASP A 433 11.55 30.98 8.34
N LYS A 434 10.94 32.10 7.99
CA LYS A 434 9.84 32.62 8.79
C LYS A 434 8.64 31.69 8.77
N LYS A 435 8.29 31.17 7.59
CA LYS A 435 7.21 30.19 7.51
C LYS A 435 7.53 28.96 8.35
N VAL A 436 8.79 28.53 8.33
CA VAL A 436 9.18 27.37 9.13
C VAL A 436 9.13 27.72 10.61
N ALA A 437 9.68 28.88 10.99
CA ALA A 437 9.78 29.24 12.40
C ALA A 437 8.41 29.32 13.06
N VAL A 438 7.44 29.95 12.38
CA VAL A 438 6.10 30.08 12.95
C VAL A 438 5.49 28.71 13.21
N ALA A 439 5.62 27.80 12.24
CA ALA A 439 5.08 26.44 12.42
C ALA A 439 5.80 25.71 13.55
N MET A 440 7.12 25.89 13.65
CA MET A 440 7.88 25.17 14.66
C MET A 440 7.65 25.73 16.06
N LEU A 441 7.76 27.06 16.22
CA LEU A 441 7.55 27.67 17.53
C LEU A 441 6.15 27.40 18.06
N THR A 442 5.17 27.27 17.17
CA THR A 442 3.79 26.99 17.60
C THR A 442 3.69 25.63 18.27
N GLU A 443 4.29 24.60 17.67
CA GLU A 443 4.37 23.30 18.34
C GLU A 443 5.25 23.38 19.57
N TYR A 444 6.38 24.09 19.47
CA TYR A 444 7.26 24.24 20.62
C TYR A 444 6.55 24.91 21.79
N LEU A 445 5.87 26.03 21.53
CA LEU A 445 5.19 26.76 22.59
C LEU A 445 4.06 25.94 23.20
N LYS A 446 3.46 25.04 22.43
CA LYS A 446 2.36 24.23 22.96
C LYS A 446 2.86 23.04 23.77
N GLU A 447 4.12 22.63 23.61
CA GLU A 447 4.64 21.49 24.34
C GLU A 447 5.53 21.86 25.51
N ILE A 448 6.17 23.03 25.49
CA ILE A 448 7.05 23.46 26.57
C ILE A 448 6.33 24.53 27.37
N PRO A 449 6.18 24.37 28.69
CA PRO A 449 5.48 25.38 29.49
C PRO A 449 6.26 26.68 29.58
N TYR A 450 5.51 27.75 29.89
CA TYR A 450 6.07 29.10 29.91
C TYR A 450 7.32 29.18 30.77
N GLU A 451 7.22 28.74 32.03
CA GLU A 451 8.34 28.82 32.96
C GLU A 451 9.57 28.05 32.48
N ASN A 452 9.44 27.26 31.42
CA ASN A 452 10.55 26.47 30.88
C ASN A 452 11.01 26.95 29.51
N LEU A 453 10.39 27.98 28.95
CA LEU A 453 10.81 28.48 27.65
C LEU A 453 12.15 29.22 27.77
N PRO A 454 12.93 29.26 26.69
CA PRO A 454 14.02 30.25 26.62
C PRO A 454 13.41 31.63 26.80
N LEU A 455 14.18 32.52 27.43
CA LEU A 455 13.63 33.75 27.97
C LEU A 455 12.92 34.58 26.89
N HIS A 456 13.57 34.73 25.72
CA HIS A 456 13.00 35.59 24.69
C HIS A 456 11.64 35.09 24.22
N LEU A 457 11.38 33.78 24.32
CA LEU A 457 10.13 33.23 23.82
C LEU A 457 8.94 33.55 24.71
N ARG A 458 9.15 34.12 25.90
CA ARG A 458 8.01 34.56 26.71
C ARG A 458 7.22 35.66 26.04
N LEU A 459 7.85 36.43 25.13
CA LEU A 459 7.20 37.58 24.54
C LEU A 459 6.01 37.22 23.67
N VAL A 460 5.88 35.95 23.28
CA VAL A 460 4.68 35.53 22.53
C VAL A 460 3.45 35.63 23.42
N LYS A 461 3.54 35.11 24.64
CA LYS A 461 2.48 35.31 25.62
C LYS A 461 2.48 36.74 26.14
N ASP A 462 3.65 37.21 26.61
CA ASP A 462 3.74 38.49 27.29
C ASP A 462 3.30 39.64 26.39
N ARG A 463 4.00 39.83 25.28
CA ARG A 463 3.89 41.05 24.48
C ARG A 463 3.01 40.90 23.25
N PHE A 464 2.81 39.68 22.74
CA PHE A 464 2.14 39.49 21.46
C PHE A 464 0.81 38.77 21.57
N ALA A 465 0.34 38.48 22.79
CA ALA A 465 -1.01 37.94 23.00
C ALA A 465 -1.25 36.65 22.22
N GLY A 466 -0.25 35.78 22.20
CA GLY A 466 -0.35 34.49 21.54
C GLY A 466 -0.01 34.51 20.06
N ASP A 467 -0.06 35.67 19.42
CA ASP A 467 0.26 35.79 18.00
C ASP A 467 1.68 35.34 17.71
N VAL A 468 1.85 34.14 17.17
CA VAL A 468 3.18 33.64 16.84
C VAL A 468 3.72 34.32 15.59
N GLN A 469 2.86 34.47 14.57
CA GLN A 469 3.29 35.12 13.33
C GLN A 469 3.83 36.52 13.60
N ALA A 470 3.08 37.32 14.37
CA ALA A 470 3.53 38.68 14.66
C ALA A 470 4.86 38.70 15.40
N TYR A 471 5.08 37.71 16.26
CA TYR A 471 6.33 37.64 17.01
C TYR A 471 7.52 37.42 16.09
N VAL A 472 7.42 36.44 15.19
CA VAL A 472 8.48 36.20 14.23
C VAL A 472 8.59 37.37 13.26
N ASP A 473 7.44 37.87 12.79
CA ASP A 473 7.44 39.04 11.89
C ASP A 473 8.20 40.21 12.50
N ASP A 474 8.02 40.43 13.80
CA ASP A 474 8.68 41.56 14.46
C ASP A 474 10.18 41.33 14.58
N ILE A 475 10.60 40.07 14.78
CA ILE A 475 12.03 39.77 14.85
C ILE A 475 12.72 40.20 13.57
N PHE A 476 12.18 39.82 12.42
CA PHE A 476 12.81 40.19 11.15
C PHE A 476 12.62 41.66 10.83
N ALA A 477 11.46 42.23 11.19
CA ALA A 477 11.19 43.62 10.87
C ALA A 477 12.22 44.56 11.48
N ARG A 478 12.50 44.39 12.78
CA ARG A 478 13.27 45.35 13.54
C ARG A 478 14.73 44.93 13.78
N SER A 479 15.19 43.83 13.18
CA SER A 479 16.51 43.32 13.50
C SER A 479 17.55 43.80 12.49
N VAL A 480 18.78 43.94 12.98
CA VAL A 480 19.92 44.27 12.14
C VAL A 480 20.15 43.17 11.09
N PHE A 481 19.77 41.93 11.41
CA PHE A 481 19.99 40.80 10.53
C PHE A 481 18.73 40.34 9.81
N GLY A 482 17.63 41.10 9.92
CA GLY A 482 16.38 40.72 9.29
C GLY A 482 16.36 40.82 7.78
N SER A 483 17.33 41.53 7.19
CA SER A 483 17.45 41.65 5.75
C SER A 483 18.82 42.23 5.43
N GLU A 484 19.25 42.04 4.17
CA GLU A 484 20.51 42.62 3.73
C GLU A 484 20.46 44.13 3.83
N ALA A 485 19.36 44.75 3.41
CA ALA A 485 19.25 46.20 3.48
C ALA A 485 19.32 46.70 4.92
N GLN A 486 18.68 45.97 5.85
CA GLN A 486 18.71 46.40 7.24
C GLN A 486 20.09 46.20 7.87
N PHE A 487 20.87 45.23 7.39
CA PHE A 487 22.22 45.08 7.92
C PHE A 487 23.14 46.18 7.39
N ASP A 488 23.04 46.51 6.11
CA ASP A 488 23.84 47.61 5.56
C ASP A 488 23.59 48.90 6.31
N ALA A 489 22.32 49.20 6.62
CA ALA A 489 22.00 50.38 7.40
C ALA A 489 22.69 50.34 8.77
N PHE A 490 22.90 49.14 9.31
CA PHE A 490 23.59 49.02 10.60
C PHE A 490 25.10 49.10 10.43
N ALA A 491 25.64 48.40 9.43
CA ALA A 491 27.08 48.45 9.19
C ALA A 491 27.56 49.86 8.88
N ALA A 492 26.65 50.76 8.48
CA ALA A 492 27.03 52.13 8.14
C ALA A 492 27.27 52.97 9.39
N VAL A 493 26.26 53.07 10.26
CA VAL A 493 26.43 53.74 11.55
C VAL A 493 26.13 52.72 12.64
N PRO A 494 27.06 51.83 12.96
CA PRO A 494 26.79 50.81 13.98
C PRO A 494 26.61 51.44 15.36
N SER A 495 25.49 51.12 15.99
CA SER A 495 25.29 51.37 17.40
C SER A 495 25.73 50.14 18.20
N VAL A 496 25.77 50.29 19.52
CA VAL A 496 25.78 49.14 20.41
C VAL A 496 24.52 49.07 21.26
N GLU A 497 23.87 50.20 21.53
CA GLU A 497 22.54 50.19 22.13
C GLU A 497 21.47 49.74 21.15
N LYS A 498 21.81 49.64 19.85
CA LYS A 498 20.87 49.08 18.88
C LYS A 498 20.98 47.56 18.86
N LEU A 499 22.20 47.02 18.81
CA LEU A 499 22.37 45.57 18.74
C LEU A 499 22.07 44.89 20.06
N ALA A 500 22.38 45.54 21.19
CA ALA A 500 22.20 44.90 22.48
C ALA A 500 20.73 44.67 22.82
N GLU A 501 19.81 45.25 22.05
CA GLU A 501 18.39 45.00 22.19
C GLU A 501 17.79 44.38 20.93
N ASP A 502 18.63 43.90 20.01
CA ASP A 502 18.16 43.40 18.73
C ASP A 502 17.30 42.16 18.93
N PRO A 503 16.09 42.10 18.36
CA PRO A 503 15.19 40.97 18.65
C PRO A 503 15.72 39.63 18.17
N MET A 504 16.34 39.57 16.98
CA MET A 504 16.87 38.30 16.52
C MET A 504 18.09 37.88 17.35
N VAL A 505 18.98 38.82 17.65
CA VAL A 505 20.12 38.51 18.51
C VAL A 505 19.63 38.02 19.87
N LEU A 506 18.61 38.68 20.43
CA LEU A 506 18.05 38.26 21.71
C LEU A 506 17.34 36.91 21.61
N PHE A 507 16.85 36.55 20.42
CA PHE A 507 16.29 35.22 20.22
C PHE A 507 17.39 34.17 20.16
N ALA A 508 18.38 34.38 19.29
CA ALA A 508 19.44 33.39 19.10
C ALA A 508 20.20 33.13 20.41
N SER A 509 20.48 34.19 21.17
CA SER A 509 21.22 34.01 22.42
C SER A 509 20.39 33.33 23.49
N SER A 510 19.08 33.57 23.49
CA SER A 510 18.23 32.98 24.53
C SER A 510 18.02 31.49 24.29
N VAL A 511 17.74 31.09 23.04
CA VAL A 511 17.52 29.67 22.76
C VAL A 511 18.82 28.89 22.90
N PHE A 512 19.95 29.51 22.55
CA PHE A 512 21.22 28.82 22.74
C PHE A 512 21.64 28.81 24.20
N ASP A 513 21.25 29.83 24.97
CA ASP A 513 21.43 29.77 26.41
C ASP A 513 20.75 28.54 26.98
N GLU A 514 19.47 28.35 26.63
CA GLU A 514 18.71 27.21 27.16
C GLU A 514 19.29 25.89 26.66
N TYR A 515 19.66 25.83 25.38
CA TYR A 515 20.28 24.63 24.82
C TYR A 515 21.47 24.18 25.66
N ARG A 516 22.33 25.12 26.05
CA ARG A 516 23.52 24.76 26.81
C ARG A 516 23.19 24.49 28.27
N LYS A 517 22.24 25.23 28.84
CA LYS A 517 21.82 24.94 30.22
C LYS A 517 21.31 23.51 30.34
N LEU A 518 20.48 23.08 29.39
CA LEU A 518 20.00 21.71 29.38
C LEU A 518 21.15 20.73 29.20
N TYR A 519 22.10 21.05 28.32
CA TYR A 519 23.24 20.17 28.09
C TYR A 519 24.08 20.02 29.35
N ASN A 520 24.49 21.15 29.94
CA ASN A 520 25.30 21.11 31.15
C ASN A 520 24.59 20.41 32.29
N GLU A 521 23.26 20.49 32.32
CA GLU A 521 22.51 19.77 33.34
C GLU A 521 22.44 18.28 33.02
N LEU A 522 22.32 17.94 31.73
CA LEU A 522 22.11 16.55 31.33
C LEU A 522 23.42 15.78 31.25
N ARG A 523 24.49 16.44 30.81
CA ARG A 523 25.78 15.77 30.63
C ARG A 523 26.26 15.00 31.87
N PRO A 524 26.05 15.46 33.10
CA PRO A 524 26.45 14.62 34.26
C PRO A 524 25.74 13.28 34.32
N TYR A 525 24.46 13.21 33.89
CA TYR A 525 23.77 11.93 33.88
C TYR A 525 24.36 10.94 32.88
N ASP A 526 25.11 11.43 31.88
CA ASP A 526 25.71 10.54 30.90
C ASP A 526 26.71 9.59 31.54
N ASP A 527 27.44 10.06 32.57
CA ASP A 527 28.59 9.30 33.05
C ASP A 527 28.18 8.02 33.77
N PRO A 528 27.22 8.01 34.69
CA PRO A 528 26.84 6.72 35.31
C PRO A 528 26.32 5.70 34.30
N ILE A 529 25.56 6.13 33.29
CA ILE A 529 25.14 5.19 32.26
C ILE A 529 26.36 4.61 31.54
N LEU A 530 27.29 5.49 31.14
CA LEU A 530 28.45 5.05 30.38
C LEU A 530 29.29 4.05 31.17
N ARG A 531 29.48 4.30 32.48
CA ARG A 531 30.24 3.37 33.30
C ARG A 531 29.48 2.04 33.47
N ALA A 532 28.16 2.12 33.68
CA ALA A 532 27.36 0.91 33.75
C ALA A 532 27.39 0.14 32.43
N GLN A 533 27.39 0.87 31.32
CA GLN A 533 27.46 0.21 30.01
C GLN A 533 28.73 -0.61 29.87
N ARG A 534 29.86 -0.09 30.36
CA ARG A 534 31.11 -0.85 30.32
C ARG A 534 30.98 -2.14 31.10
N THR A 535 30.33 -2.10 32.26
CA THR A 535 30.16 -3.32 33.07
C THR A 535 29.15 -4.27 32.42
N TYR A 536 28.02 -3.72 31.95
CA TYR A 536 27.01 -4.56 31.31
C TYR A 536 27.57 -5.29 30.10
N ILE A 537 28.32 -4.59 29.26
CA ILE A 537 28.86 -5.20 28.05
C ILE A 537 29.95 -6.22 28.40
N ALA A 538 30.74 -5.94 29.45
CA ALA A 538 31.76 -6.91 29.87
C ALA A 538 31.12 -8.19 30.37
N GLY A 539 29.99 -8.09 31.07
CA GLY A 539 29.32 -9.29 31.55
C GLY A 539 28.75 -10.13 30.43
N LEU A 540 28.22 -9.48 29.40
CA LEU A 540 27.72 -10.22 28.25
C LEU A 540 28.86 -10.86 27.46
N LEU A 541 30.01 -10.20 27.39
CA LEU A 541 31.17 -10.79 26.72
C LEU A 541 31.71 -11.98 27.49
N GLU A 542 31.70 -11.91 28.81
CA GLU A 542 32.18 -13.02 29.62
C GLU A 542 31.17 -14.17 29.61
N MET A 543 29.88 -13.86 29.76
CA MET A 543 28.86 -14.90 29.87
C MET A 543 28.77 -15.72 28.59
N ASP A 544 28.83 -15.07 27.42
CA ASP A 544 28.55 -15.73 26.16
C ASP A 544 29.75 -15.82 25.22
N GLY A 545 30.93 -15.38 25.65
CA GLY A 545 32.08 -15.39 24.77
C GLY A 545 32.01 -14.32 23.71
N ASP A 546 33.15 -14.01 23.07
CA ASP A 546 33.21 -12.95 22.07
C ASP A 546 33.36 -13.48 20.65
N GLN A 547 33.29 -14.80 20.46
CA GLN A 547 33.41 -15.35 19.12
C GLN A 547 32.22 -14.93 18.24
N ASP A 548 31.03 -14.81 18.83
CA ASP A 548 29.82 -14.48 18.08
C ASP A 548 29.24 -13.13 18.49
N GLN A 549 30.03 -12.27 19.11
CA GLN A 549 29.61 -10.92 19.43
C GLN A 549 30.49 -9.93 18.69
N PHE A 550 29.92 -8.77 18.37
CA PHE A 550 30.68 -7.71 17.73
C PHE A 550 30.31 -6.37 18.37
N PRO A 551 31.25 -5.45 18.46
CA PRO A 551 30.98 -4.18 19.14
C PRO A 551 30.06 -3.30 18.33
N ASP A 552 29.28 -2.49 19.04
CA ASP A 552 28.41 -1.52 18.39
C ASP A 552 29.21 -0.68 17.42
N ALA A 553 28.57 -0.32 16.30
CA ALA A 553 29.25 0.46 15.28
C ALA A 553 29.67 1.81 15.83
N ASN A 554 30.84 2.29 15.39
CA ASN A 554 31.40 3.53 15.91
C ASN A 554 32.19 4.25 14.81
N LEU A 555 31.69 4.21 13.58
CA LEU A 555 32.33 4.87 12.44
C LEU A 555 33.75 4.35 12.23
N THR A 556 33.93 3.03 12.34
CA THR A 556 35.19 2.40 12.01
C THR A 556 34.94 1.27 11.02
N LEU A 557 36.01 0.82 10.39
CA LEU A 557 35.89 -0.14 9.30
C LEU A 557 35.43 -1.50 9.81
N ARG A 558 34.41 -2.05 9.14
CA ARG A 558 33.84 -3.35 9.48
C ARG A 558 33.54 -4.10 8.19
N PHE A 559 33.38 -5.42 8.31
CA PHE A 559 32.91 -6.22 7.20
C PHE A 559 31.69 -7.03 7.63
N THR A 560 30.84 -7.34 6.65
CA THR A 560 29.65 -8.13 6.87
C THR A 560 29.39 -8.96 5.63
N TYR A 561 28.86 -10.18 5.82
CA TYR A 561 28.62 -11.08 4.71
C TYR A 561 27.25 -11.74 4.85
N GLY A 562 26.77 -12.30 3.75
CA GLY A 562 25.49 -12.97 3.69
C GLY A 562 25.18 -13.46 2.29
N GLN A 563 23.91 -13.61 1.95
CA GLN A 563 23.49 -14.06 0.63
C GLN A 563 22.54 -13.06 -0.02
N VAL A 564 22.59 -13.01 -1.35
CA VAL A 564 21.63 -12.25 -2.14
C VAL A 564 20.28 -12.95 -2.01
N LYS A 565 19.31 -12.29 -1.39
CA LYS A 565 18.06 -12.97 -1.05
C LYS A 565 16.98 -11.94 -0.75
N GLY A 566 15.77 -12.20 -1.25
CA GLY A 566 14.62 -11.41 -0.90
C GLY A 566 14.07 -11.74 0.47
N TYR A 567 12.89 -11.20 0.76
CA TYR A 567 12.24 -11.47 2.03
C TYR A 567 10.74 -11.35 1.87
N SER A 568 10.02 -11.81 2.90
CA SER A 568 8.56 -11.73 2.92
C SER A 568 8.13 -10.80 4.04
N PRO A 569 7.51 -9.66 3.74
CA PRO A 569 7.14 -8.71 4.80
C PRO A 569 5.92 -9.15 5.59
N ARG A 570 5.03 -9.91 4.97
CA ARG A 570 3.83 -10.38 5.66
C ARG A 570 3.30 -11.61 4.93
N ASP A 571 2.19 -12.13 5.45
CA ASP A 571 1.61 -13.38 4.96
C ASP A 571 1.27 -13.30 3.49
N ASN A 572 1.72 -14.30 2.72
CA ASN A 572 1.43 -14.47 1.30
C ASN A 572 2.01 -13.38 0.42
N VAL A 573 2.95 -12.58 0.94
CA VAL A 573 3.61 -11.53 0.18
C VAL A 573 5.10 -11.80 0.22
N TYR A 574 5.71 -11.99 -0.95
CA TYR A 574 7.15 -12.18 -1.06
C TYR A 574 7.76 -11.15 -1.99
N TYR A 575 8.85 -10.53 -1.55
CA TYR A 575 9.65 -9.63 -2.36
C TYR A 575 10.91 -10.37 -2.79
N GLY A 576 11.15 -10.42 -4.09
CA GLY A 576 12.31 -11.12 -4.62
C GLY A 576 13.61 -10.36 -4.35
N HIS A 577 14.69 -10.93 -4.86
CA HIS A 577 16.03 -10.45 -4.58
C HIS A 577 16.51 -9.38 -5.56
N GLN A 578 15.76 -9.10 -6.62
CA GLN A 578 16.25 -8.22 -7.68
C GLN A 578 15.10 -7.42 -8.29
N THR A 579 15.34 -6.13 -8.51
CA THR A 579 14.42 -5.29 -9.26
C THR A 579 15.02 -4.98 -10.63
N THR A 580 14.16 -4.52 -11.54
CA THR A 580 14.56 -4.28 -12.93
C THR A 580 14.14 -2.89 -13.36
N LEU A 581 14.68 -2.47 -14.51
CA LEU A 581 14.29 -1.19 -15.10
C LEU A 581 12.81 -1.15 -15.46
N ASP A 582 12.18 -2.32 -15.62
CA ASP A 582 10.74 -2.36 -15.82
C ASP A 582 10.01 -1.79 -14.62
N GLY A 583 10.56 -1.97 -13.42
CA GLY A 583 9.92 -1.43 -12.23
C GLY A 583 9.98 0.09 -12.16
N VAL A 584 11.05 0.69 -12.68
CA VAL A 584 11.11 2.14 -12.78
C VAL A 584 9.97 2.65 -13.66
N MET A 585 9.79 2.03 -14.84
CA MET A 585 8.76 2.49 -15.76
C MET A 585 7.35 2.21 -15.23
N GLU A 586 7.16 1.12 -14.49
CA GLU A 586 5.86 0.88 -13.87
C GLU A 586 5.50 2.00 -12.90
N LYS A 587 6.51 2.58 -12.24
CA LYS A 587 6.28 3.59 -11.21
C LYS A 587 6.22 5.01 -11.75
N GLU A 588 6.50 5.24 -13.03
CA GLU A 588 6.58 6.59 -13.56
C GLU A 588 5.26 7.33 -13.42
N ASP A 589 5.32 8.54 -12.90
CA ASP A 589 4.15 9.42 -12.78
C ASP A 589 4.62 10.83 -13.03
N PRO A 590 4.33 11.41 -14.20
CA PRO A 590 4.85 12.75 -14.51
C PRO A 590 4.26 13.84 -13.65
N ASP A 591 3.17 13.57 -12.95
CA ASP A 591 2.55 14.54 -12.05
C ASP A 591 3.01 14.40 -10.60
N ASN A 592 3.94 13.48 -10.34
CA ASN A 592 4.48 13.27 -9.00
C ASN A 592 5.99 13.53 -9.08
N TRP A 593 6.43 14.62 -8.44
CA TRP A 593 7.85 14.99 -8.50
C TRP A 593 8.76 13.84 -8.07
N GLU A 594 8.25 12.94 -7.24
CA GLU A 594 9.08 11.84 -6.75
C GLU A 594 9.33 10.79 -7.83
N PHE A 595 8.40 10.64 -8.79
CA PHE A 595 8.43 9.50 -9.70
C PHE A 595 8.49 9.91 -11.17
N VAL A 596 9.03 11.09 -11.47
CA VAL A 596 9.31 11.42 -12.86
C VAL A 596 10.52 10.65 -13.35
N VAL A 597 10.54 10.33 -14.64
CA VAL A 597 11.57 9.50 -15.24
C VAL A 597 12.24 10.29 -16.37
N ASP A 598 13.57 10.22 -16.42
CA ASP A 598 14.33 10.95 -17.43
C ASP A 598 14.07 10.34 -18.80
N PRO A 599 13.69 11.15 -19.81
CA PRO A 599 13.46 10.58 -21.15
C PRO A 599 14.64 9.85 -21.74
N LYS A 600 15.87 10.19 -21.35
CA LYS A 600 17.00 9.42 -21.83
C LYS A 600 16.95 7.99 -21.30
N LEU A 601 16.55 7.82 -20.04
CA LEU A 601 16.42 6.48 -19.47
C LEU A 601 15.28 5.71 -20.15
N LYS A 602 14.16 6.37 -20.41
CA LYS A 602 13.03 5.70 -21.06
C LYS A 602 13.39 5.25 -22.46
N ALA A 603 14.07 6.10 -23.23
CA ALA A 603 14.47 5.71 -24.58
C ALA A 603 15.37 4.50 -24.55
N VAL A 604 16.30 4.44 -23.59
CA VAL A 604 17.16 3.27 -23.44
C VAL A 604 16.30 2.05 -23.12
N TYR A 605 15.34 2.20 -22.22
CA TYR A 605 14.47 1.08 -21.89
C TYR A 605 13.64 0.63 -23.09
N GLU A 606 13.03 1.59 -23.79
CA GLU A 606 12.12 1.24 -24.88
C GLU A 606 12.86 0.56 -26.03
N ARG A 607 14.09 1.00 -26.31
CA ARG A 607 14.88 0.44 -27.39
C ARG A 607 15.70 -0.77 -26.95
N LYS A 608 15.64 -1.14 -25.67
CA LYS A 608 16.46 -2.22 -25.10
C LYS A 608 17.93 -2.01 -25.43
N ASP A 609 18.39 -0.76 -25.35
CA ASP A 609 19.79 -0.42 -25.62
C ASP A 609 20.61 -0.65 -24.35
N PHE A 610 20.81 -1.93 -24.04
CA PHE A 610 21.41 -2.32 -22.77
C PHE A 610 22.89 -2.68 -22.89
N GLY A 611 23.38 -2.99 -24.10
CA GLY A 611 24.77 -3.39 -24.23
C GLY A 611 25.08 -4.67 -23.48
N ARG A 612 26.28 -4.74 -22.92
CA ARG A 612 26.68 -5.88 -22.11
C ARG A 612 26.25 -5.74 -20.64
N TYR A 613 25.46 -4.71 -20.32
CA TYR A 613 25.03 -4.48 -18.95
C TYR A 613 23.76 -5.23 -18.59
N ALA A 614 23.01 -5.69 -19.58
CA ALA A 614 21.81 -6.47 -19.30
C ALA A 614 22.21 -7.78 -18.63
N ASP A 615 21.26 -8.34 -17.89
CA ASP A 615 21.41 -9.72 -17.47
C ASP A 615 21.47 -10.61 -18.71
N ARG A 616 22.01 -11.82 -18.56
CA ARG A 616 22.01 -12.75 -19.68
C ARG A 616 20.60 -12.99 -20.20
N SER A 617 19.59 -12.88 -19.33
CA SER A 617 18.21 -13.07 -19.73
C SER A 617 17.72 -12.01 -20.71
N GLY A 618 18.44 -10.89 -20.83
CA GLY A 618 18.01 -9.76 -21.62
C GLY A 618 17.35 -8.65 -20.82
N ARG A 619 16.96 -8.92 -19.58
CA ARG A 619 16.37 -7.90 -18.73
C ARG A 619 17.46 -7.07 -18.07
N MET A 620 17.12 -5.83 -17.73
CA MET A 620 18.08 -4.86 -17.22
C MET A 620 17.94 -4.75 -15.71
N PRO A 621 18.92 -5.18 -14.92
CA PRO A 621 18.81 -5.05 -13.47
C PRO A 621 18.95 -3.61 -13.01
N VAL A 622 18.36 -3.32 -11.85
CA VAL A 622 18.51 -2.04 -11.18
C VAL A 622 19.16 -2.20 -9.80
N ALA A 623 18.56 -3.03 -8.96
CA ALA A 623 19.04 -3.18 -7.59
C ALA A 623 18.83 -4.61 -7.12
N PHE A 624 19.55 -4.98 -6.06
CA PHE A 624 19.31 -6.24 -5.38
C PHE A 624 19.51 -6.03 -3.88
N CYS A 625 19.12 -7.04 -3.10
CA CYS A 625 19.20 -6.96 -1.66
C CYS A 625 19.85 -8.23 -1.11
N ALA A 626 20.38 -8.13 0.11
CA ALA A 626 21.18 -9.19 0.69
C ALA A 626 21.04 -9.19 2.20
N THR A 627 21.39 -10.32 2.81
CA THR A 627 21.23 -10.51 4.25
C THR A 627 22.38 -9.90 5.05
N THR A 628 23.24 -9.09 4.43
CA THR A 628 24.30 -8.40 5.15
C THR A 628 23.70 -7.50 6.23
N HIS A 629 24.52 -7.15 7.20
CA HIS A 629 24.09 -6.30 8.32
C HIS A 629 24.78 -4.96 8.19
N THR A 630 24.03 -3.94 7.78
CA THR A 630 24.55 -2.61 7.55
C THR A 630 23.71 -1.60 8.33
N THR A 631 24.21 -0.37 8.38
CA THR A 631 23.50 0.73 9.02
C THR A 631 24.02 2.05 8.42
N GLY A 632 23.49 3.16 8.94
CA GLY A 632 23.95 4.47 8.51
C GLY A 632 25.46 4.58 8.61
N GLY A 633 26.09 5.07 7.53
CA GLY A 633 27.53 5.05 7.36
C GLY A 633 28.00 4.06 6.31
N ASN A 634 27.22 3.00 6.09
CA ASN A 634 27.55 2.01 5.07
C ASN A 634 27.17 2.47 3.66
N SER A 635 26.59 3.65 3.51
CA SER A 635 26.24 4.13 2.18
C SER A 635 27.47 4.21 1.29
N GLY A 636 27.31 3.75 0.05
CA GLY A 636 28.39 3.70 -0.90
C GLY A 636 29.35 2.55 -0.68
N SER A 637 29.10 1.68 0.29
CA SER A 637 30.01 0.59 0.59
C SER A 637 30.13 -0.33 -0.63
N PRO A 638 31.33 -0.79 -0.96
CA PRO A 638 31.47 -1.78 -2.03
C PRO A 638 30.78 -3.08 -1.63
N VAL A 639 30.02 -3.64 -2.56
CA VAL A 639 29.43 -4.95 -2.39
C VAL A 639 30.19 -5.91 -3.32
N MET A 640 30.79 -6.94 -2.74
CA MET A 640 31.66 -7.85 -3.47
C MET A 640 31.00 -9.21 -3.64
N ASN A 641 31.27 -9.85 -4.77
CA ASN A 641 30.90 -11.25 -4.97
C ASN A 641 31.96 -12.14 -4.34
N ALA A 642 31.87 -13.44 -4.59
CA ALA A 642 32.77 -14.40 -3.94
C ALA A 642 34.22 -14.24 -4.38
N ASN A 643 34.47 -13.56 -5.49
CA ASN A 643 35.82 -13.31 -5.97
C ASN A 643 36.34 -11.94 -5.56
N GLY A 644 35.60 -11.21 -4.72
CA GLY A 644 35.98 -9.87 -4.34
C GLY A 644 35.72 -8.81 -5.39
N GLU A 645 35.16 -9.18 -6.53
CA GLU A 645 34.87 -8.22 -7.58
C GLU A 645 33.60 -7.44 -7.23
N LEU A 646 33.56 -6.18 -7.68
CA LEU A 646 32.44 -5.30 -7.36
C LEU A 646 31.19 -5.71 -8.12
N ILE A 647 30.09 -5.87 -7.39
CA ILE A 647 28.80 -6.15 -8.00
C ILE A 647 27.73 -5.12 -7.68
N GLY A 648 28.01 -4.18 -6.78
CA GLY A 648 27.03 -3.16 -6.47
C GLY A 648 27.57 -2.24 -5.41
N LEU A 649 26.76 -1.21 -5.11
CA LEU A 649 27.01 -0.28 -4.03
C LEU A 649 25.86 -0.36 -3.05
N ASN A 650 26.16 -0.63 -1.78
CA ASN A 650 25.14 -0.56 -0.75
C ASN A 650 24.60 0.87 -0.69
N PHE A 651 23.29 1.01 -0.51
CA PHE A 651 22.78 2.36 -0.30
C PHE A 651 21.62 2.49 0.67
N ASP A 652 21.00 1.42 1.15
CA ASP A 652 19.87 1.58 2.07
C ASP A 652 19.57 0.27 2.77
N ARG A 653 18.54 0.29 3.62
CA ARG A 653 17.94 -0.89 4.21
C ARG A 653 16.45 -0.91 3.91
N ASN A 654 15.87 -2.10 3.91
CA ASN A 654 14.42 -2.22 3.83
C ASN A 654 13.76 -1.68 5.10
N TRP A 655 12.44 -1.48 5.04
CA TRP A 655 11.71 -0.92 6.17
C TRP A 655 11.97 -1.70 7.45
N GLU A 656 11.78 -3.01 7.41
CA GLU A 656 12.02 -3.83 8.60
C GLU A 656 13.48 -3.80 9.02
N GLY A 657 14.39 -3.59 8.08
CA GLY A 657 15.81 -3.55 8.38
C GLY A 657 16.21 -2.40 9.30
N VAL A 658 15.40 -1.35 9.37
CA VAL A 658 15.70 -0.22 10.25
C VAL A 658 15.86 -0.69 11.68
N GLY A 659 15.15 -1.75 12.06
CA GLY A 659 15.27 -2.30 13.39
C GLY A 659 16.59 -3.01 13.66
N GLY A 660 17.41 -3.21 12.63
CA GLY A 660 18.69 -3.88 12.78
C GLY A 660 19.68 -3.16 13.68
N ASP A 661 19.46 -1.87 13.96
CA ASP A 661 20.32 -1.17 14.91
C ASP A 661 20.04 -1.60 16.34
N ILE A 662 18.92 -2.26 16.58
CA ILE A 662 18.59 -2.82 17.88
C ILE A 662 18.73 -4.33 17.88
N GLN A 663 18.24 -5.00 16.85
CA GLN A 663 18.36 -6.45 16.74
C GLN A 663 18.23 -6.87 15.28
N TYR A 664 19.15 -7.73 14.84
CA TYR A 664 19.09 -8.33 13.52
C TYR A 664 18.14 -9.54 13.56
N LEU A 665 17.21 -9.60 12.60
CA LEU A 665 16.32 -10.73 12.44
C LEU A 665 16.45 -11.22 11.01
N ALA A 666 16.85 -12.49 10.84
CA ALA A 666 17.25 -12.99 9.53
C ALA A 666 16.11 -12.95 8.51
N ASP A 667 14.87 -13.11 8.97
CA ASP A 667 13.75 -13.05 8.03
C ASP A 667 13.44 -11.65 7.53
N TYR A 668 14.15 -10.61 8.00
CA TYR A 668 13.71 -9.24 7.73
C TYR A 668 14.84 -8.25 7.43
N GLN A 669 16.09 -8.53 7.76
CA GLN A 669 17.16 -7.56 7.59
C GLN A 669 17.76 -7.70 6.20
N ARG A 670 17.66 -6.65 5.39
CA ARG A 670 18.24 -6.66 4.06
C ARG A 670 18.91 -5.32 3.80
N SER A 671 20.13 -5.37 3.26
CA SER A 671 20.76 -4.20 2.68
C SER A 671 20.26 -4.02 1.25
N ILE A 672 19.93 -2.79 0.88
CA ILE A 672 19.48 -2.47 -0.47
C ILE A 672 20.67 -1.93 -1.25
N ILE A 673 20.89 -2.49 -2.44
CA ILE A 673 22.16 -2.39 -3.15
C ILE A 673 21.89 -2.09 -4.61
N VAL A 674 22.48 -1.03 -5.14
CA VAL A 674 22.33 -0.72 -6.56
C VAL A 674 23.25 -1.62 -7.37
N ASP A 675 22.68 -2.28 -8.39
CA ASP A 675 23.44 -3.22 -9.21
C ASP A 675 24.49 -2.48 -10.02
N ILE A 676 25.74 -2.99 -9.98
CA ILE A 676 26.83 -2.30 -10.67
C ILE A 676 26.62 -2.26 -12.18
N ARG A 677 25.86 -3.22 -12.74
CA ARG A 677 25.56 -3.16 -14.16
C ARG A 677 24.66 -1.98 -14.48
N TYR A 678 23.78 -1.59 -13.55
CA TYR A 678 22.93 -0.43 -13.76
C TYR A 678 23.73 0.86 -13.66
N VAL A 679 24.69 0.91 -12.73
CA VAL A 679 25.60 2.05 -12.66
C VAL A 679 26.27 2.26 -14.01
N LEU A 680 26.80 1.19 -14.59
CA LEU A 680 27.52 1.30 -15.85
C LEU A 680 26.58 1.69 -16.98
N LEU A 681 25.37 1.11 -17.02
CA LEU A 681 24.40 1.51 -18.05
C LEU A 681 24.15 3.00 -18.01
N VAL A 682 23.98 3.55 -16.81
CA VAL A 682 23.68 4.97 -16.68
C VAL A 682 24.88 5.81 -17.08
N ILE A 683 26.08 5.43 -16.64
CA ILE A 683 27.29 6.13 -17.07
C ILE A 683 27.39 6.12 -18.59
N ASP A 684 27.19 4.94 -19.20
CA ASP A 684 27.36 4.76 -20.63
C ASP A 684 26.23 5.41 -21.43
N LYS A 685 25.00 4.94 -21.22
CA LYS A 685 23.91 5.30 -22.12
C LYS A 685 23.18 6.58 -21.73
N VAL A 686 23.25 7.00 -20.47
CA VAL A 686 22.61 8.24 -20.04
C VAL A 686 23.61 9.37 -19.90
N GLY A 687 24.76 9.12 -19.27
CA GLY A 687 25.76 10.15 -19.14
C GLY A 687 26.65 10.32 -20.36
N GLY A 688 26.82 9.25 -21.14
CA GLY A 688 27.67 9.32 -22.30
C GLY A 688 29.14 9.54 -21.99
N CYS A 689 29.60 9.09 -20.83
CA CYS A 689 30.96 9.37 -20.38
C CYS A 689 31.81 8.10 -20.51
N GLN A 690 32.15 7.81 -21.77
CA GLN A 690 32.88 6.58 -22.11
C GLN A 690 34.22 6.49 -21.39
N ARG A 691 34.87 7.63 -21.14
CA ARG A 691 36.22 7.62 -20.59
C ARG A 691 36.27 7.00 -19.21
N LEU A 692 35.17 7.04 -18.46
CA LEU A 692 35.19 6.48 -17.11
C LEU A 692 35.17 4.96 -17.11
N LEU A 693 34.54 4.36 -18.12
CA LEU A 693 34.55 2.90 -18.23
C LEU A 693 35.83 2.39 -18.87
N ASP A 694 36.48 3.22 -19.70
CA ASP A 694 37.77 2.84 -20.26
C ASP A 694 38.83 2.71 -19.17
N GLU A 695 38.76 3.54 -18.13
CA GLU A 695 39.74 3.50 -17.06
C GLU A 695 39.39 2.50 -15.96
N MET A 696 38.15 2.04 -15.91
CA MET A 696 37.82 0.92 -15.03
C MET A 696 38.39 -0.38 -15.61
N ASN A 697 38.53 -1.37 -14.74
CA ASN A 697 38.89 -2.73 -15.17
C ASN A 697 37.61 -3.57 -15.05
N ILE A 698 36.96 -3.80 -16.18
CA ILE A 698 35.64 -4.43 -16.22
C ILE A 698 35.81 -5.88 -16.61
N VAL A 699 35.30 -6.78 -15.79
CA VAL A 699 35.45 -8.24 -15.99
C VAL A 699 34.21 -8.75 -16.71
N PRO A 700 34.35 -9.27 -17.93
CA PRO A 700 33.17 -9.75 -18.66
C PRO A 700 32.58 -10.98 -17.98
N ALA A 701 31.35 -11.30 -18.39
CA ALA A 701 30.76 -12.56 -17.99
C ALA A 701 31.29 -13.68 -18.88
N HIS A 702 31.21 -14.91 -18.38
CA HIS A 702 31.71 -16.06 -19.12
C HIS A 702 31.03 -16.19 -20.48
N HIS A 703 29.80 -15.69 -20.60
CA HIS A 703 29.02 -15.81 -21.82
C HIS A 703 29.17 -14.62 -22.76
N HIS A 704 30.00 -13.64 -22.40
CA HIS A 704 30.34 -12.59 -23.35
C HIS A 704 31.47 -13.09 -24.25
N MET B 1 -8.42 -26.10 -21.65
CA MET B 1 -7.37 -25.33 -21.01
C MET B 1 -7.75 -23.86 -21.00
N ASP B 2 -8.99 -23.57 -21.40
CA ASP B 2 -9.36 -22.25 -21.88
C ASP B 2 -10.07 -21.44 -20.80
N GLU B 3 -9.60 -20.21 -20.61
CA GLU B 3 -10.24 -19.26 -19.71
C GLU B 3 -11.59 -18.83 -20.29
N GLY B 4 -12.61 -18.79 -19.45
CA GLY B 4 -13.89 -18.29 -19.90
C GLY B 4 -15.02 -18.75 -19.01
N MET B 5 -16.20 -18.18 -19.28
CA MET B 5 -17.45 -18.52 -18.60
C MET B 5 -18.30 -19.31 -19.58
N TRP B 6 -17.99 -20.60 -19.71
CA TRP B 6 -18.54 -21.42 -20.77
C TRP B 6 -19.98 -21.84 -20.49
N LEU B 7 -20.77 -21.94 -21.56
CA LEU B 7 -22.10 -22.50 -21.47
C LEU B 7 -22.03 -23.98 -21.07
N MET B 8 -23.12 -24.48 -20.50
CA MET B 8 -23.12 -25.88 -20.07
C MET B 8 -23.07 -26.83 -21.25
N GLN B 9 -23.60 -26.41 -22.40
CA GLN B 9 -23.49 -27.24 -23.60
C GLN B 9 -22.06 -27.31 -24.11
N GLN B 10 -21.21 -26.36 -23.72
CA GLN B 10 -19.83 -26.36 -24.19
C GLN B 10 -18.94 -27.30 -23.39
N LEU B 11 -19.46 -27.92 -22.33
CA LEU B 11 -18.65 -28.85 -21.55
C LEU B 11 -18.23 -30.05 -22.38
N GLY B 12 -19.11 -30.53 -23.26
CA GLY B 12 -18.77 -31.66 -24.11
C GLY B 12 -17.49 -31.42 -24.90
N ARG B 13 -17.29 -30.19 -25.37
CA ARG B 13 -16.12 -29.86 -26.18
C ARG B 13 -14.89 -29.58 -25.31
N LYS B 14 -15.08 -28.95 -24.15
CA LYS B 14 -13.96 -28.60 -23.29
C LYS B 14 -13.46 -29.77 -22.47
N TYR B 15 -14.24 -30.85 -22.36
CA TYR B 15 -13.97 -31.91 -21.40
C TYR B 15 -12.58 -32.50 -21.58
N ALA B 16 -12.20 -32.80 -22.82
CA ALA B 16 -10.89 -33.39 -23.07
C ALA B 16 -9.77 -32.46 -22.60
N GLN B 17 -9.94 -31.15 -22.81
CA GLN B 17 -8.94 -30.20 -22.35
C GLN B 17 -8.91 -30.12 -20.83
N MET B 18 -10.06 -30.29 -20.18
CA MET B 18 -10.07 -30.25 -18.72
C MET B 18 -9.41 -31.48 -18.12
N LYS B 19 -9.52 -32.63 -18.78
CA LYS B 19 -8.77 -33.80 -18.36
C LYS B 19 -7.27 -33.55 -18.47
N GLU B 20 -6.84 -32.97 -19.60
CA GLU B 20 -5.45 -32.59 -19.79
C GLU B 20 -4.94 -31.78 -18.61
N ARG B 21 -5.77 -30.89 -18.08
CA ARG B 21 -5.37 -29.96 -17.04
C ARG B 21 -5.61 -30.49 -15.63
N GLY B 22 -6.16 -31.69 -15.49
CA GLY B 22 -6.24 -32.35 -14.20
C GLY B 22 -7.61 -32.86 -13.80
N LEU B 23 -8.67 -32.58 -14.55
CA LEU B 23 -9.99 -33.05 -14.17
C LEU B 23 -10.04 -34.58 -14.15
N LYS B 24 -10.65 -35.14 -13.11
CA LYS B 24 -10.73 -36.57 -12.95
C LYS B 24 -12.15 -37.12 -12.92
N MET B 25 -13.17 -36.26 -12.90
CA MET B 25 -14.55 -36.75 -12.89
C MET B 25 -14.96 -37.31 -14.25
N LYS B 26 -16.01 -38.14 -14.23
CA LYS B 26 -16.76 -38.43 -15.44
C LYS B 26 -17.52 -37.18 -15.86
N GLU B 27 -17.50 -36.89 -17.17
CA GLU B 27 -18.12 -35.66 -17.67
C GLU B 27 -19.56 -35.53 -17.20
N TYR B 28 -20.35 -36.59 -17.35
CA TYR B 28 -21.77 -36.53 -17.04
C TYR B 28 -22.07 -36.71 -15.56
N ASP B 29 -21.04 -36.91 -14.74
CA ASP B 29 -21.17 -36.71 -13.29
C ASP B 29 -21.13 -35.24 -12.93
N LEU B 30 -20.54 -34.40 -13.78
CA LEU B 30 -20.42 -32.98 -13.52
C LEU B 30 -21.63 -32.21 -14.06
N TYR B 31 -21.91 -32.37 -15.35
CA TYR B 31 -23.13 -31.83 -15.95
C TYR B 31 -23.70 -32.86 -16.90
N ASN B 32 -24.94 -33.25 -16.65
CA ASN B 32 -25.67 -34.16 -17.53
C ASN B 32 -26.97 -33.50 -17.94
N PRO B 33 -27.12 -33.10 -19.22
CA PRO B 33 -28.38 -32.47 -19.64
C PRO B 33 -29.57 -33.41 -19.65
N ASN B 34 -29.37 -34.71 -19.39
CA ASN B 34 -30.43 -35.69 -19.45
C ASN B 34 -30.47 -36.59 -18.22
N GLY B 35 -29.86 -36.15 -17.12
CA GLY B 35 -29.81 -36.95 -15.91
C GLY B 35 -29.23 -36.13 -14.79
N THR B 36 -29.11 -36.77 -13.63
CA THR B 36 -28.65 -36.09 -12.44
C THR B 36 -27.13 -35.99 -12.43
N SER B 37 -26.64 -34.83 -12.00
CA SER B 37 -25.20 -34.58 -11.94
C SER B 37 -24.94 -33.52 -10.87
N LEU B 38 -23.66 -33.15 -10.72
CA LEU B 38 -23.27 -32.14 -9.75
C LEU B 38 -23.95 -30.81 -10.00
N LYS B 39 -24.38 -30.56 -11.26
CA LYS B 39 -25.07 -29.31 -11.56
C LYS B 39 -26.32 -29.14 -10.72
N ASP B 40 -27.00 -30.24 -10.39
CA ASP B 40 -28.21 -30.19 -9.60
C ASP B 40 -27.96 -29.86 -8.14
N ALA B 41 -26.71 -29.68 -7.74
CA ALA B 41 -26.39 -29.24 -6.39
C ALA B 41 -26.09 -27.74 -6.32
N VAL B 42 -26.19 -27.03 -7.44
CA VAL B 42 -25.86 -25.61 -7.51
C VAL B 42 -27.15 -24.83 -7.62
N VAL B 43 -27.21 -23.69 -6.93
CA VAL B 43 -28.42 -22.86 -6.91
C VAL B 43 -28.03 -21.42 -7.20
N LEU B 44 -28.97 -20.69 -7.80
CA LEU B 44 -28.95 -19.23 -7.86
C LEU B 44 -29.53 -18.72 -6.55
N PHE B 45 -28.68 -18.10 -5.73
CA PHE B 45 -29.07 -17.72 -4.37
C PHE B 45 -29.64 -16.31 -4.37
N ASP B 46 -30.95 -16.21 -4.08
CA ASP B 46 -31.65 -14.93 -3.88
C ASP B 46 -31.43 -13.97 -5.04
N GLY B 47 -31.52 -14.49 -6.27
CA GLY B 47 -31.53 -13.66 -7.46
C GLY B 47 -30.21 -13.04 -7.86
N GLY B 48 -29.17 -13.08 -7.02
CA GLY B 48 -27.95 -12.40 -7.35
C GLY B 48 -26.67 -13.04 -6.87
N CYS B 49 -26.75 -14.25 -6.34
CA CYS B 49 -25.56 -14.94 -5.84
C CYS B 49 -25.67 -16.40 -6.23
N THR B 50 -24.59 -17.13 -5.98
CA THR B 50 -24.58 -18.57 -6.15
C THR B 50 -24.46 -19.22 -4.78
N GLY B 51 -25.08 -20.42 -4.65
CA GLY B 51 -24.88 -21.27 -3.50
C GLY B 51 -24.79 -22.72 -3.94
N GLU B 52 -24.53 -23.59 -2.97
CA GLU B 52 -24.45 -25.01 -3.28
C GLU B 52 -25.02 -25.82 -2.11
N VAL B 53 -25.72 -26.90 -2.45
CA VAL B 53 -26.27 -27.81 -1.45
C VAL B 53 -25.17 -28.76 -1.00
N VAL B 54 -25.04 -28.96 0.32
CA VAL B 54 -23.93 -29.75 0.84
C VAL B 54 -24.40 -30.84 1.81
N SER B 55 -25.68 -31.21 1.77
CA SER B 55 -26.12 -32.27 2.66
C SER B 55 -27.45 -32.85 2.20
N ASP B 56 -27.70 -34.10 2.62
CA ASP B 56 -28.94 -34.82 2.35
C ASP B 56 -30.16 -34.17 3.00
N ARG B 57 -29.96 -33.16 3.85
CA ARG B 57 -31.06 -32.44 4.48
C ARG B 57 -31.15 -30.99 4.01
N GLY B 58 -30.63 -30.70 2.81
CA GLY B 58 -30.84 -29.42 2.18
C GLY B 58 -29.97 -28.28 2.67
N LEU B 59 -28.88 -28.56 3.37
CA LEU B 59 -27.99 -27.50 3.81
C LEU B 59 -27.35 -26.81 2.60
N VAL B 60 -27.34 -25.48 2.64
CA VAL B 60 -26.80 -24.67 1.55
C VAL B 60 -25.69 -23.79 2.10
N LEU B 61 -24.57 -23.74 1.39
CA LEU B 61 -23.50 -22.79 1.69
C LEU B 61 -23.52 -21.67 0.66
N THR B 62 -23.25 -20.45 1.12
CA THR B 62 -23.05 -19.30 0.26
C THR B 62 -22.17 -18.32 1.02
N ASN B 63 -21.96 -17.14 0.44
CA ASN B 63 -21.07 -16.16 1.05
C ASN B 63 -21.74 -15.45 2.22
N HIS B 64 -20.90 -14.90 3.10
CA HIS B 64 -21.41 -14.04 4.17
C HIS B 64 -22.05 -12.79 3.59
N HIS B 65 -21.42 -12.18 2.58
CA HIS B 65 -21.96 -10.95 2.00
C HIS B 65 -23.17 -11.22 1.11
N CYS B 66 -23.38 -12.47 0.68
CA CYS B 66 -24.63 -12.86 0.04
C CYS B 66 -25.73 -13.11 1.06
N GLY B 67 -25.39 -13.72 2.20
CA GLY B 67 -26.34 -13.85 3.29
C GLY B 67 -26.57 -12.57 4.07
N TYR B 68 -25.90 -11.48 3.70
CA TYR B 68 -25.83 -10.29 4.53
C TYR B 68 -27.22 -9.73 4.83
N ASP B 69 -28.11 -9.69 3.82
CA ASP B 69 -29.43 -9.12 4.03
C ASP B 69 -30.22 -9.93 5.06
N MET B 70 -30.14 -11.26 5.00
CA MET B 70 -30.84 -12.09 5.96
C MET B 70 -30.29 -11.88 7.36
N ILE B 71 -28.96 -11.94 7.51
CA ILE B 71 -28.32 -11.69 8.80
C ILE B 71 -28.70 -10.31 9.31
N GLN B 72 -28.70 -9.31 8.43
CA GLN B 72 -29.08 -7.96 8.84
C GLN B 72 -30.55 -7.90 9.24
N ALA B 73 -31.43 -8.54 8.47
CA ALA B 73 -32.86 -8.43 8.73
C ALA B 73 -33.24 -9.05 10.06
N HIS B 74 -32.50 -10.04 10.53
CA HIS B 74 -32.76 -10.68 11.81
C HIS B 74 -31.97 -10.06 12.96
N SER B 75 -31.28 -8.95 12.72
CA SER B 75 -30.39 -8.35 13.70
C SER B 75 -31.08 -7.24 14.46
N THR B 76 -30.87 -7.20 15.77
CA THR B 76 -31.18 -6.07 16.63
C THR B 76 -29.97 -5.82 17.53
N LEU B 77 -30.02 -4.72 18.28
CA LEU B 77 -28.90 -4.45 19.19
C LEU B 77 -28.82 -5.49 20.31
N GLU B 78 -29.94 -6.13 20.63
CA GLU B 78 -29.94 -7.16 21.67
C GLU B 78 -29.41 -8.50 21.14
N HIS B 79 -29.88 -8.93 19.97
CA HIS B 79 -29.31 -10.08 19.28
C HIS B 79 -28.71 -9.58 17.97
N ASN B 80 -27.49 -9.06 18.06
CA ASN B 80 -26.77 -8.50 16.91
C ASN B 80 -26.07 -9.63 16.19
N TYR B 81 -26.77 -10.25 15.24
CA TYR B 81 -26.19 -11.34 14.47
C TYR B 81 -25.15 -10.84 13.48
N LEU B 82 -25.24 -9.57 13.08
CA LEU B 82 -24.18 -8.98 12.27
C LEU B 82 -22.86 -8.90 13.04
N GLU B 83 -22.92 -8.50 14.30
CA GLU B 83 -21.71 -8.31 15.09
C GLU B 83 -21.14 -9.64 15.57
N ASN B 84 -21.98 -10.50 16.13
CA ASN B 84 -21.51 -11.69 16.84
C ASN B 84 -21.75 -12.99 16.10
N GLY B 85 -22.40 -12.95 14.94
CA GLY B 85 -22.74 -14.17 14.24
C GLY B 85 -23.99 -14.82 14.80
N PHE B 86 -24.33 -15.97 14.22
CA PHE B 86 -25.56 -16.67 14.56
C PHE B 86 -25.38 -18.15 14.26
N TRP B 87 -25.87 -19.00 15.16
CA TRP B 87 -25.75 -20.45 15.01
C TRP B 87 -27.00 -21.09 15.59
N ALA B 88 -27.93 -21.50 14.72
CA ALA B 88 -29.09 -22.26 15.15
C ALA B 88 -28.64 -23.63 15.64
N MET B 89 -28.94 -23.94 16.90
CA MET B 89 -28.43 -25.18 17.48
C MET B 89 -29.30 -26.39 17.15
N ARG B 90 -30.53 -26.19 16.70
CA ARG B 90 -31.33 -27.26 16.12
C ARG B 90 -32.08 -26.71 14.92
N GLU B 91 -32.60 -27.62 14.09
CA GLU B 91 -33.28 -27.21 12.87
C GLU B 91 -34.46 -26.30 13.16
N ALA B 92 -35.11 -26.45 14.32
CA ALA B 92 -36.26 -25.65 14.66
C ALA B 92 -35.90 -24.19 14.93
N ASP B 93 -34.65 -23.91 15.32
CA ASP B 93 -34.23 -22.54 15.58
C ASP B 93 -33.85 -21.79 14.32
N GLU B 94 -33.85 -22.45 13.16
CA GLU B 94 -33.40 -21.82 11.94
C GLU B 94 -34.41 -20.76 11.50
N LEU B 95 -33.90 -19.59 11.14
CA LEU B 95 -34.74 -18.40 10.98
C LEU B 95 -35.30 -18.33 9.57
N PRO B 96 -36.62 -18.36 9.40
CA PRO B 96 -37.21 -18.16 8.08
C PRO B 96 -36.94 -16.75 7.58
N ASN B 97 -37.04 -16.59 6.26
CA ASN B 97 -36.73 -15.32 5.63
C ASN B 97 -37.82 -14.95 4.63
N LYS B 98 -38.16 -13.66 4.60
CA LYS B 98 -39.20 -13.15 3.71
C LYS B 98 -38.59 -12.74 2.38
N ASP B 99 -39.31 -13.02 1.30
CA ASP B 99 -38.91 -12.65 -0.06
C ASP B 99 -37.49 -13.14 -0.37
N ILE B 100 -37.33 -14.45 -0.27
CA ILE B 100 -36.07 -15.14 -0.53
C ILE B 100 -36.36 -16.27 -1.50
N SER B 101 -35.32 -16.79 -2.14
CA SER B 101 -35.49 -17.91 -3.05
C SER B 101 -34.15 -18.53 -3.36
N VAL B 102 -34.19 -19.81 -3.74
CA VAL B 102 -33.09 -20.47 -4.44
C VAL B 102 -33.66 -21.11 -5.70
N VAL B 103 -32.88 -21.09 -6.77
CA VAL B 103 -33.30 -21.61 -8.06
C VAL B 103 -32.34 -22.71 -8.47
N PHE B 104 -32.88 -23.91 -8.72
CA PHE B 104 -32.15 -24.95 -9.42
C PHE B 104 -32.43 -24.85 -10.92
N ILE B 105 -31.43 -25.19 -11.72
CA ILE B 105 -31.57 -25.23 -13.17
C ILE B 105 -31.82 -26.68 -13.55
N ASP B 106 -33.10 -27.00 -13.77
CA ASP B 106 -33.49 -28.39 -14.01
C ASP B 106 -33.13 -28.86 -15.41
N LYS B 107 -33.30 -28.00 -16.42
CA LYS B 107 -33.03 -28.36 -17.81
C LYS B 107 -32.62 -27.14 -18.60
N ILE B 108 -31.79 -27.36 -19.63
CA ILE B 108 -31.31 -26.31 -20.51
C ILE B 108 -31.47 -26.80 -21.95
N GLU B 109 -32.10 -25.98 -22.80
CA GLU B 109 -32.31 -26.33 -24.19
C GLU B 109 -31.98 -25.16 -25.09
N ASP B 110 -31.30 -25.44 -26.21
CA ASP B 110 -31.13 -24.44 -27.25
C ASP B 110 -32.45 -24.26 -28.00
N VAL B 111 -32.86 -23.00 -28.19
CA VAL B 111 -34.09 -22.71 -28.91
C VAL B 111 -33.85 -21.58 -29.90
N THR B 112 -32.61 -21.47 -30.40
CA THR B 112 -32.25 -20.35 -31.26
C THR B 112 -33.05 -20.36 -32.56
N ASP B 113 -33.08 -21.51 -33.24
CA ASP B 113 -33.82 -21.60 -34.50
C ASP B 113 -35.31 -21.37 -34.27
N TYR B 114 -35.87 -21.93 -33.20
CA TYR B 114 -37.27 -21.69 -32.87
C TYR B 114 -37.53 -20.20 -32.69
N VAL B 115 -36.70 -19.53 -31.88
CA VAL B 115 -36.89 -18.10 -31.62
C VAL B 115 -36.68 -17.30 -32.90
N LYS B 116 -35.61 -17.61 -33.64
CA LYS B 116 -35.31 -16.86 -34.86
C LYS B 116 -36.42 -17.03 -35.89
N LYS B 117 -36.93 -18.26 -36.07
CA LYS B 117 -38.03 -18.49 -36.99
C LYS B 117 -39.27 -17.70 -36.56
N GLU B 118 -39.54 -17.66 -35.26
CA GLU B 118 -40.69 -16.89 -34.79
C GLU B 118 -40.46 -15.38 -34.88
N LEU B 119 -39.20 -14.94 -34.87
CA LEU B 119 -38.93 -13.50 -34.97
C LEU B 119 -39.20 -12.98 -36.37
N LYS B 120 -38.96 -13.81 -37.39
CA LYS B 120 -39.24 -13.40 -38.77
C LYS B 120 -40.73 -13.27 -39.05
N ALA B 121 -41.60 -13.79 -38.19
CA ALA B 121 -43.03 -13.61 -38.36
C ALA B 121 -43.48 -12.20 -37.99
N ILE B 122 -42.54 -11.34 -37.63
CA ILE B 122 -42.82 -9.96 -37.29
C ILE B 122 -42.59 -9.02 -38.46
N LYS B 123 -41.62 -9.33 -39.35
CA LYS B 123 -41.30 -8.54 -40.54
C LYS B 123 -41.46 -7.05 -40.30
N ASP B 124 -40.67 -6.57 -39.36
CA ASP B 124 -40.71 -5.18 -38.87
C ASP B 124 -39.25 -4.77 -38.66
N PRO B 125 -38.62 -4.14 -39.64
CA PRO B 125 -37.16 -4.03 -39.64
C PRO B 125 -36.60 -3.17 -38.52
N ASN B 126 -37.28 -3.06 -37.38
CA ASN B 126 -36.85 -2.19 -36.29
C ASN B 126 -37.39 -2.68 -34.96
N SER B 127 -38.01 -3.86 -34.94
CA SER B 127 -38.61 -4.38 -33.71
C SER B 127 -37.51 -4.78 -32.73
N MET B 128 -37.67 -4.36 -31.47
CA MET B 128 -36.78 -4.79 -30.40
C MET B 128 -37.32 -6.01 -29.67
N ASP B 129 -38.22 -6.78 -30.30
CA ASP B 129 -38.81 -7.93 -29.61
C ASP B 129 -37.79 -9.02 -29.34
N TYR B 130 -36.77 -9.15 -30.20
CA TYR B 130 -35.75 -10.17 -30.02
C TYR B 130 -34.98 -10.02 -28.71
N LEU B 131 -35.16 -8.90 -28.00
CA LEU B 131 -34.61 -8.72 -26.66
C LEU B 131 -35.68 -8.52 -25.60
N SER B 132 -36.95 -8.50 -25.97
CA SER B 132 -38.01 -8.21 -25.01
C SER B 132 -38.21 -9.38 -24.04
N PRO B 133 -38.08 -9.17 -22.73
CA PRO B 133 -38.32 -10.28 -21.80
C PRO B 133 -39.72 -10.85 -21.86
N LYS B 134 -40.74 -9.99 -21.98
CA LYS B 134 -42.11 -10.50 -21.98
C LYS B 134 -42.43 -11.21 -23.28
N TYR B 135 -41.87 -10.75 -24.41
CA TYR B 135 -42.05 -11.47 -25.67
C TYR B 135 -41.40 -12.84 -25.59
N LEU B 136 -40.16 -12.89 -25.12
CA LEU B 136 -39.47 -14.18 -25.01
C LEU B 136 -40.22 -15.11 -24.06
N GLN B 137 -40.84 -14.55 -23.02
CA GLN B 137 -41.67 -15.37 -22.13
C GLN B 137 -42.87 -15.95 -22.88
N LYS B 138 -43.47 -15.16 -23.78
CA LYS B 138 -44.53 -15.69 -24.62
C LYS B 138 -44.03 -16.89 -25.42
N LEU B 139 -42.83 -16.78 -25.97
CA LEU B 139 -42.26 -17.89 -26.74
C LEU B 139 -41.92 -19.07 -25.84
N ALA B 140 -41.53 -18.80 -24.59
CA ALA B 140 -41.21 -19.88 -23.65
C ALA B 140 -42.46 -20.62 -23.24
N ASP B 141 -43.51 -19.89 -22.84
CA ASP B 141 -44.78 -20.52 -22.52
C ASP B 141 -45.31 -21.33 -23.70
N LYS B 142 -45.10 -20.82 -24.91
CA LYS B 142 -45.54 -21.55 -26.11
C LYS B 142 -44.83 -22.89 -26.23
N LYS B 143 -43.49 -22.89 -26.17
CA LYS B 143 -42.76 -24.14 -26.38
C LYS B 143 -42.91 -25.08 -25.19
N ALA B 144 -43.11 -24.55 -23.99
CA ALA B 144 -43.26 -25.41 -22.82
C ALA B 144 -44.58 -26.15 -22.81
N GLY B 145 -45.58 -25.65 -23.54
CA GLY B 145 -46.85 -26.34 -23.69
C GLY B 145 -47.93 -25.79 -22.76
N LYS B 146 -49.16 -26.18 -23.05
CA LYS B 146 -50.30 -25.78 -22.24
C LYS B 146 -50.33 -26.60 -20.95
N ASN B 147 -50.67 -25.93 -19.84
CA ASN B 147 -50.80 -26.56 -18.53
C ASN B 147 -49.44 -27.07 -18.02
N PHE B 148 -48.35 -26.44 -18.45
CA PHE B 148 -47.02 -26.86 -17.99
C PHE B 148 -46.84 -26.54 -16.51
N SER B 149 -47.07 -25.29 -16.12
CA SER B 149 -46.88 -24.89 -14.73
C SER B 149 -47.94 -25.49 -13.81
N ALA B 150 -49.01 -26.07 -14.37
CA ALA B 150 -49.94 -26.84 -13.56
C ALA B 150 -49.43 -28.25 -13.34
N LYS B 151 -49.13 -28.96 -14.43
CA LYS B 151 -48.64 -30.34 -14.38
C LYS B 151 -47.20 -30.46 -13.85
N ASN B 152 -46.60 -29.38 -13.34
CA ASN B 152 -45.25 -29.42 -12.79
C ASN B 152 -45.14 -28.42 -11.66
N PRO B 153 -45.38 -28.85 -10.42
CA PRO B 153 -45.33 -27.92 -9.29
C PRO B 153 -43.94 -27.31 -9.12
N GLY B 154 -43.89 -26.00 -9.01
CA GLY B 154 -42.65 -25.29 -8.74
C GLY B 154 -41.71 -25.14 -9.92
N LEU B 155 -42.10 -25.61 -11.11
CA LEU B 155 -41.27 -25.49 -12.30
C LEU B 155 -41.78 -24.36 -13.18
N SER B 156 -40.84 -23.58 -13.73
CA SER B 156 -41.18 -22.56 -14.71
C SER B 156 -40.13 -22.57 -15.80
N VAL B 157 -40.42 -21.88 -16.89
CA VAL B 157 -39.52 -21.80 -18.03
C VAL B 157 -39.19 -20.33 -18.28
N GLU B 158 -38.01 -20.11 -18.87
CA GLU B 158 -37.53 -18.78 -19.18
C GLU B 158 -36.58 -18.88 -20.37
N ILE B 159 -36.76 -18.00 -21.35
CA ILE B 159 -35.88 -17.92 -22.51
C ILE B 159 -35.00 -16.69 -22.35
N LYS B 160 -33.69 -16.86 -22.57
CA LYS B 160 -32.77 -15.74 -22.47
C LYS B 160 -31.95 -15.63 -23.75
N ALA B 161 -31.64 -14.39 -24.11
CA ALA B 161 -30.85 -14.10 -25.30
C ALA B 161 -29.36 -14.06 -24.94
N PHE B 162 -28.53 -14.56 -25.85
CA PHE B 162 -27.09 -14.56 -25.70
C PHE B 162 -26.48 -13.97 -26.96
N TYR B 163 -25.20 -13.60 -26.86
CA TYR B 163 -24.43 -13.08 -28.01
C TYR B 163 -25.18 -11.94 -28.70
N GLY B 164 -25.84 -11.09 -27.91
CA GLY B 164 -26.58 -9.97 -28.48
C GLY B 164 -27.74 -10.37 -29.37
N GLY B 165 -28.35 -11.53 -29.12
CA GLY B 165 -29.48 -11.96 -29.92
C GLY B 165 -29.19 -13.03 -30.96
N ASN B 166 -27.96 -13.56 -31.00
CA ASN B 166 -27.58 -14.58 -31.97
C ASN B 166 -27.76 -15.99 -31.43
N LEU B 167 -28.16 -16.13 -30.17
CA LEU B 167 -28.25 -17.43 -29.51
C LEU B 167 -29.32 -17.32 -28.42
N TYR B 168 -30.21 -18.31 -28.36
CA TYR B 168 -31.26 -18.33 -27.35
C TYR B 168 -31.27 -19.68 -26.66
N LEU B 169 -31.31 -19.65 -25.33
CA LEU B 169 -31.44 -20.85 -24.51
C LEU B 169 -32.70 -20.73 -23.67
N MET B 170 -33.38 -21.86 -23.49
CA MET B 170 -34.54 -21.95 -22.63
C MET B 170 -34.17 -22.74 -21.39
N PHE B 171 -34.50 -22.19 -20.22
CA PHE B 171 -34.17 -22.79 -18.94
C PHE B 171 -35.44 -23.27 -18.25
N THR B 172 -35.40 -24.49 -17.73
CA THR B 172 -36.42 -24.98 -16.81
C THR B 172 -35.88 -24.81 -15.40
N LYS B 173 -36.60 -24.08 -14.56
CA LYS B 173 -36.12 -23.70 -13.24
C LYS B 173 -37.04 -24.25 -12.16
N LYS B 174 -36.45 -24.61 -11.03
CA LYS B 174 -37.18 -25.06 -9.84
C LYS B 174 -36.87 -24.10 -8.70
N THR B 175 -37.89 -23.39 -8.23
CA THR B 175 -37.70 -22.28 -7.29
C THR B 175 -38.29 -22.64 -5.93
N TYR B 176 -37.46 -22.60 -4.89
CA TYR B 176 -37.89 -22.78 -3.51
C TYR B 176 -37.82 -21.44 -2.79
N THR B 177 -38.86 -21.13 -2.01
CA THR B 177 -38.94 -19.84 -1.33
C THR B 177 -38.86 -19.92 0.19
N ASP B 178 -38.81 -21.13 0.76
CA ASP B 178 -38.61 -21.28 2.20
C ASP B 178 -37.14 -21.60 2.41
N VAL B 179 -36.34 -20.56 2.58
CA VAL B 179 -34.90 -20.67 2.74
C VAL B 179 -34.53 -19.97 4.05
N ARG B 180 -34.10 -20.75 5.03
CA ARG B 180 -33.96 -20.29 6.41
C ARG B 180 -32.51 -20.16 6.81
N LEU B 181 -32.20 -19.13 7.59
CA LEU B 181 -30.82 -18.89 8.03
C LEU B 181 -30.42 -19.91 9.09
N VAL B 182 -29.26 -20.53 8.89
CA VAL B 182 -28.78 -21.60 9.77
C VAL B 182 -27.55 -21.16 10.56
N GLY B 183 -26.59 -20.50 9.90
CA GLY B 183 -25.35 -20.15 10.57
C GLY B 183 -24.67 -19.00 9.86
N ALA B 184 -23.91 -18.23 10.62
CA ALA B 184 -23.17 -17.09 10.08
C ALA B 184 -22.04 -16.74 11.03
N PRO B 185 -20.83 -16.57 10.52
CA PRO B 185 -19.73 -16.14 11.38
C PRO B 185 -19.95 -14.72 11.83
N PRO B 186 -19.28 -14.27 12.89
CA PRO B 186 -19.25 -12.84 13.16
C PRO B 186 -18.67 -12.11 11.96
N SER B 187 -19.18 -10.90 11.72
CA SER B 187 -18.72 -10.12 10.58
C SER B 187 -17.23 -9.80 10.64
N SER B 188 -16.62 -9.87 11.82
CA SER B 188 -15.18 -9.73 11.90
C SER B 188 -14.45 -10.89 11.23
N ILE B 189 -15.15 -11.98 10.95
CA ILE B 189 -14.63 -13.07 10.13
C ILE B 189 -15.17 -12.99 8.70
N GLY B 190 -16.50 -12.96 8.56
CA GLY B 190 -17.11 -12.97 7.25
C GLY B 190 -16.89 -11.71 6.44
N LYS B 191 -16.45 -10.63 7.10
CA LYS B 191 -16.21 -9.36 6.42
C LYS B 191 -14.91 -8.73 6.91
N PHE B 192 -13.93 -9.56 7.30
CA PHE B 192 -12.67 -9.06 7.82
C PHE B 192 -11.97 -8.17 6.79
N GLY B 193 -11.50 -7.01 7.25
CA GLY B 193 -10.92 -6.03 6.36
C GLY B 193 -11.91 -5.15 5.65
N ALA B 194 -13.21 -5.48 5.72
CA ALA B 194 -14.30 -4.67 5.19
C ALA B 194 -13.99 -4.13 3.79
N ASP B 195 -14.08 -2.80 3.64
CA ASP B 195 -13.92 -2.18 2.34
C ASP B 195 -12.45 -1.97 1.98
N THR B 196 -11.56 -1.85 2.97
CA THR B 196 -10.14 -1.68 2.69
C THR B 196 -9.58 -2.90 1.96
N ASP B 197 -10.00 -4.09 2.35
CA ASP B 197 -9.56 -5.33 1.71
C ASP B 197 -10.51 -5.80 0.60
N ASN B 198 -11.61 -5.09 0.37
CA ASN B 198 -12.51 -5.47 -0.71
C ASN B 198 -11.80 -5.34 -2.06
N TRP B 199 -12.00 -6.35 -2.92
CA TRP B 199 -11.34 -6.42 -4.23
C TRP B 199 -9.82 -6.50 -4.10
N ILE B 200 -9.31 -7.04 -2.98
CA ILE B 200 -7.87 -7.12 -2.74
C ILE B 200 -7.47 -8.57 -2.51
N TRP B 201 -6.33 -8.94 -3.10
CA TRP B 201 -5.57 -10.12 -2.76
C TRP B 201 -4.17 -9.67 -2.37
N PRO B 202 -3.57 -10.20 -1.29
CA PRO B 202 -4.04 -11.22 -0.34
C PRO B 202 -5.31 -10.85 0.42
N ARG B 203 -6.13 -11.84 0.71
CA ARG B 203 -7.39 -11.67 1.41
C ARG B 203 -7.45 -12.63 2.58
N HIS B 204 -7.99 -12.18 3.70
CA HIS B 204 -8.08 -12.99 4.90
C HIS B 204 -9.51 -12.99 5.44
N THR B 205 -10.48 -12.98 4.52
CA THR B 205 -11.89 -12.96 4.86
C THR B 205 -12.45 -14.37 4.77
N GLY B 206 -13.13 -14.80 5.83
CA GLY B 206 -13.87 -16.06 5.81
C GLY B 206 -15.30 -15.81 5.41
N ASP B 207 -15.54 -15.66 4.10
CA ASP B 207 -16.79 -15.12 3.57
C ASP B 207 -17.78 -16.24 3.31
N PHE B 208 -18.44 -16.70 4.37
CA PHE B 208 -19.45 -17.75 4.23
C PHE B 208 -20.62 -17.48 5.15
N SER B 209 -21.74 -18.11 4.83
CA SER B 209 -22.93 -18.17 5.68
C SER B 209 -23.72 -19.40 5.25
N ILE B 210 -24.67 -19.82 6.09
CA ILE B 210 -25.30 -21.12 5.94
C ILE B 210 -26.82 -20.95 5.98
N PHE B 211 -27.51 -21.64 5.07
CA PHE B 211 -28.97 -21.67 5.00
C PHE B 211 -29.44 -23.11 4.82
N ARG B 212 -30.76 -23.30 4.80
CA ARG B 212 -31.33 -24.61 4.54
C ARG B 212 -32.61 -24.45 3.74
N ILE B 213 -32.76 -25.27 2.70
CA ILE B 213 -33.96 -25.26 1.87
C ILE B 213 -35.05 -26.10 2.53
N TYR B 214 -36.22 -25.51 2.72
CA TYR B 214 -37.39 -26.24 3.19
C TYR B 214 -38.39 -26.37 2.04
N ALA B 215 -39.18 -27.44 2.10
CA ALA B 215 -40.17 -27.74 1.07
C ALA B 215 -41.28 -28.57 1.70
N ASP B 216 -42.25 -28.98 0.90
CA ASP B 216 -43.33 -29.79 1.43
C ASP B 216 -42.86 -31.23 1.62
N LYS B 217 -43.79 -32.10 2.03
CA LYS B 217 -43.46 -33.48 2.37
C LYS B 217 -42.87 -34.25 1.20
N ASN B 218 -43.16 -33.83 -0.03
CA ASN B 218 -42.71 -34.55 -1.23
C ASN B 218 -41.48 -33.92 -1.85
N GLY B 219 -40.88 -32.91 -1.23
CA GLY B 219 -39.74 -32.23 -1.79
C GLY B 219 -40.08 -31.13 -2.76
N ASN B 220 -41.34 -30.77 -2.89
CA ASN B 220 -41.65 -29.76 -3.88
C ASN B 220 -41.70 -28.37 -3.23
N PRO B 221 -41.39 -27.34 -4.02
CA PRO B 221 -41.44 -25.98 -3.49
C PRO B 221 -42.78 -25.68 -2.81
N ALA B 222 -42.70 -24.96 -1.70
CA ALA B 222 -43.88 -24.55 -0.94
C ALA B 222 -43.51 -23.28 -0.19
N PRO B 223 -44.41 -22.31 -0.10
CA PRO B 223 -44.11 -21.10 0.67
C PRO B 223 -43.90 -21.45 2.12
N TYR B 224 -43.28 -20.52 2.86
CA TYR B 224 -42.91 -20.78 4.24
C TYR B 224 -44.09 -21.31 5.04
N SER B 225 -43.87 -22.43 5.71
CA SER B 225 -44.86 -23.02 6.60
C SER B 225 -44.11 -23.83 7.65
N GLU B 226 -44.63 -23.82 8.87
CA GLU B 226 -44.03 -24.65 9.92
C GLU B 226 -44.19 -26.14 9.64
N ASP B 227 -45.08 -26.52 8.72
CA ASP B 227 -45.19 -27.92 8.31
C ASP B 227 -44.08 -28.34 7.36
N ASN B 228 -43.42 -27.39 6.71
CA ASN B 228 -42.39 -27.73 5.74
C ASN B 228 -41.21 -28.41 6.42
N VAL B 229 -40.54 -29.27 5.67
CA VAL B 229 -39.45 -30.08 6.20
C VAL B 229 -38.23 -29.88 5.30
N PRO B 230 -37.04 -30.19 5.81
CA PRO B 230 -35.81 -29.98 5.02
C PRO B 230 -35.89 -30.68 3.67
N LEU B 231 -35.38 -29.99 2.64
CA LEU B 231 -35.37 -30.57 1.31
C LEU B 231 -34.40 -31.73 1.23
N LYS B 232 -34.86 -32.85 0.68
CA LYS B 232 -33.99 -33.97 0.38
C LYS B 232 -33.56 -33.84 -1.08
N PRO B 233 -32.36 -33.36 -1.37
CA PRO B 233 -32.04 -32.95 -2.74
C PRO B 233 -31.60 -34.11 -3.61
N LYS B 234 -31.70 -33.88 -4.93
CA LYS B 234 -31.19 -34.84 -5.90
C LYS B 234 -29.73 -35.19 -5.63
N ARG B 235 -28.93 -34.17 -5.31
CA ARG B 235 -27.49 -34.32 -5.23
C ARG B 235 -26.95 -33.21 -4.33
N PHE B 236 -25.85 -33.51 -3.63
CA PHE B 236 -25.15 -32.50 -2.86
C PHE B 236 -23.66 -32.74 -2.96
N PHE B 237 -22.90 -31.72 -2.60
CA PHE B 237 -21.44 -31.78 -2.72
C PHE B 237 -20.83 -32.55 -1.55
N ASN B 238 -19.84 -33.37 -1.87
CA ASN B 238 -18.90 -33.84 -0.86
C ASN B 238 -17.90 -32.73 -0.57
N ILE B 239 -17.48 -32.63 0.68
CA ILE B 239 -16.50 -31.63 1.09
C ILE B 239 -15.16 -32.30 1.27
N SER B 240 -14.12 -31.67 0.75
CA SER B 240 -12.76 -32.19 0.81
C SER B 240 -11.99 -31.54 1.95
N LEU B 241 -11.19 -32.34 2.65
CA LEU B 241 -10.20 -31.84 3.59
C LEU B 241 -8.78 -31.94 3.04
N GLY B 242 -8.61 -32.41 1.81
CA GLY B 242 -7.30 -32.57 1.22
C GLY B 242 -6.61 -31.25 0.92
N GLY B 243 -7.35 -30.16 0.88
CA GLY B 243 -6.75 -28.86 0.68
C GLY B 243 -6.35 -28.61 -0.76
N VAL B 244 -5.52 -27.58 -0.92
CA VAL B 244 -5.04 -27.16 -2.24
C VAL B 244 -3.54 -26.98 -2.18
N GLN B 245 -2.89 -27.28 -3.30
CA GLN B 245 -1.48 -26.99 -3.50
C GLN B 245 -1.34 -26.09 -4.73
N GLU B 246 -0.21 -25.39 -4.80
CA GLU B 246 0.07 -24.57 -5.96
C GLU B 246 -0.12 -25.37 -7.24
N ASN B 247 -0.80 -24.73 -8.21
CA ASN B 247 -1.06 -25.25 -9.56
C ASN B 247 -2.11 -26.36 -9.59
N ASP B 248 -2.75 -26.67 -8.46
CA ASP B 248 -3.85 -27.63 -8.46
C ASP B 248 -4.94 -27.22 -9.45
N TYR B 249 -5.61 -28.22 -10.04
CA TYR B 249 -6.76 -27.94 -10.87
C TYR B 249 -7.93 -27.48 -10.02
N ALA B 250 -8.67 -26.49 -10.52
CA ALA B 250 -9.84 -25.96 -9.82
C ALA B 250 -10.90 -25.58 -10.83
N MET B 251 -12.16 -25.79 -10.46
CA MET B 251 -13.29 -25.50 -11.35
C MET B 251 -14.43 -24.92 -10.55
N ILE B 252 -15.30 -24.19 -11.26
CA ILE B 252 -16.40 -23.44 -10.65
C ILE B 252 -17.64 -23.58 -11.52
N MET B 253 -18.80 -23.70 -10.86
CA MET B 253 -20.09 -23.49 -11.50
C MET B 253 -20.82 -22.37 -10.75
N GLY B 254 -21.62 -21.59 -11.48
CA GLY B 254 -22.31 -20.49 -10.85
C GLY B 254 -22.98 -19.60 -11.88
N PHE B 255 -23.46 -18.45 -11.40
CA PHE B 255 -24.32 -17.56 -12.17
C PHE B 255 -23.67 -16.19 -12.35
N PRO B 256 -22.64 -16.08 -13.19
CA PRO B 256 -22.07 -14.76 -13.49
C PRO B 256 -23.11 -13.85 -14.12
N GLY B 257 -23.12 -12.60 -13.67
CA GLY B 257 -24.17 -11.67 -14.04
C GLY B 257 -23.94 -10.88 -15.31
N THR B 258 -22.86 -10.11 -15.38
CA THR B 258 -22.63 -9.23 -16.53
C THR B 258 -21.16 -9.18 -16.89
N THR B 259 -20.86 -9.36 -18.18
CA THR B 259 -19.55 -9.02 -18.73
C THR B 259 -19.75 -8.22 -20.01
N HIS B 260 -18.69 -7.54 -20.42
CA HIS B 260 -18.72 -6.61 -21.56
C HIS B 260 -17.60 -6.91 -22.53
N ARG B 261 -17.30 -8.20 -22.72
CA ARG B 261 -16.15 -8.58 -23.53
C ARG B 261 -16.32 -8.26 -25.01
N TYR B 262 -17.54 -7.94 -25.45
CA TYR B 262 -17.80 -7.64 -26.85
C TYR B 262 -17.99 -6.15 -27.11
N PHE B 263 -17.60 -5.31 -26.15
CA PHE B 263 -17.55 -3.86 -26.37
C PHE B 263 -16.71 -3.53 -27.60
N THR B 264 -17.18 -2.58 -28.40
CA THR B 264 -16.26 -1.92 -29.31
C THR B 264 -15.46 -0.88 -28.52
N ALA B 265 -14.41 -0.35 -29.16
CA ALA B 265 -13.47 0.52 -28.47
C ALA B 265 -14.16 1.74 -27.87
N SER B 266 -15.03 2.40 -28.64
CA SER B 266 -15.68 3.60 -28.15
C SER B 266 -16.70 3.32 -27.06
N GLU B 267 -17.18 2.08 -26.93
CA GLU B 267 -18.03 1.72 -25.80
C GLU B 267 -17.24 1.58 -24.51
N VAL B 268 -15.98 1.15 -24.59
CA VAL B 268 -15.11 1.12 -23.43
C VAL B 268 -14.91 2.55 -22.90
N ASP B 269 -14.65 3.49 -23.81
CA ASP B 269 -14.47 4.89 -23.42
C ASP B 269 -15.72 5.42 -22.73
N GLU B 270 -16.90 5.14 -23.29
CA GLU B 270 -18.14 5.60 -22.68
C GLU B 270 -18.33 5.00 -21.30
N TRP B 271 -18.12 3.69 -21.17
CA TRP B 271 -18.28 3.02 -19.88
C TRP B 271 -17.36 3.62 -18.84
N LYS B 272 -16.13 3.97 -19.23
CA LYS B 272 -15.18 4.53 -18.28
C LYS B 272 -15.57 5.94 -17.84
N SER B 273 -15.87 6.81 -18.81
CA SER B 273 -16.01 8.24 -18.55
C SER B 273 -17.43 8.67 -18.17
N ILE B 274 -18.43 7.82 -18.38
CA ILE B 274 -19.80 8.18 -18.00
C ILE B 274 -20.27 7.27 -16.88
N ASP B 275 -20.52 6.00 -17.21
CA ASP B 275 -21.11 5.08 -16.23
C ASP B 275 -20.26 4.97 -14.97
N ASN B 276 -18.96 4.71 -15.13
CA ASN B 276 -18.11 4.49 -13.96
C ASN B 276 -17.73 5.79 -13.27
N ASP B 277 -17.35 6.81 -14.05
CA ASP B 277 -16.92 8.07 -13.45
C ASP B 277 -18.04 8.71 -12.65
N ILE B 278 -19.28 8.66 -13.16
CA ILE B 278 -20.41 9.20 -12.42
C ILE B 278 -20.69 8.37 -11.18
N ARG B 279 -20.62 7.04 -11.30
CA ARG B 279 -20.88 6.18 -10.14
C ARG B 279 -19.84 6.40 -9.04
N ILE B 280 -18.58 6.61 -9.43
CA ILE B 280 -17.55 6.88 -8.43
C ILE B 280 -17.83 8.20 -7.72
N ARG B 281 -18.18 9.24 -8.48
CA ARG B 281 -18.39 10.56 -7.91
C ARG B 281 -19.59 10.57 -6.96
N MET B 282 -20.74 10.06 -7.42
CA MET B 282 -21.95 10.14 -6.63
C MET B 282 -21.88 9.24 -5.40
N ARG B 283 -21.37 8.03 -5.55
CA ARG B 283 -21.33 7.11 -4.42
C ARG B 283 -20.30 7.52 -3.38
N ASP B 284 -19.21 8.16 -3.82
CA ASP B 284 -18.26 8.72 -2.86
C ASP B 284 -18.95 9.69 -1.90
N ILE B 285 -19.88 10.49 -2.43
CA ILE B 285 -20.60 11.45 -1.59
C ILE B 285 -21.58 10.74 -0.67
N ARG B 286 -22.36 9.81 -1.24
CA ARG B 286 -23.38 9.12 -0.45
C ARG B 286 -22.75 8.33 0.69
N GLN B 287 -21.70 7.56 0.40
CA GLN B 287 -21.10 6.71 1.41
C GLN B 287 -20.45 7.53 2.53
N GLY B 288 -19.85 8.66 2.18
CA GLY B 288 -19.20 9.48 3.18
C GLY B 288 -20.15 9.96 4.25
N VAL B 289 -21.36 10.39 3.84
CA VAL B 289 -22.37 10.79 4.81
C VAL B 289 -22.85 9.59 5.60
N MET B 290 -23.15 8.48 4.92
CA MET B 290 -23.73 7.32 5.57
C MET B 290 -22.76 6.69 6.58
N LEU B 291 -21.46 6.63 6.22
CA LEU B 291 -20.49 6.06 7.15
C LEU B 291 -20.37 6.91 8.40
N ARG B 292 -20.31 8.24 8.24
CA ARG B 292 -20.23 9.14 9.37
C ARG B 292 -21.37 8.89 10.35
N GLU B 293 -22.59 8.76 9.84
CA GLU B 293 -23.75 8.54 10.70
C GLU B 293 -23.77 7.13 11.27
N MET B 294 -23.13 6.17 10.60
CA MET B 294 -23.07 4.81 11.12
C MET B 294 -22.04 4.66 12.24
N LEU B 295 -20.96 5.45 12.19
CA LEU B 295 -19.96 5.37 13.25
C LEU B 295 -20.53 5.86 14.58
N ALA B 296 -21.26 6.98 14.57
CA ALA B 296 -22.14 7.30 15.67
C ALA B 296 -23.40 6.44 15.58
N ASP B 297 -24.27 6.55 16.59
CA ASP B 297 -25.57 5.89 16.62
C ASP B 297 -25.51 4.42 16.23
N PRO B 298 -25.12 3.53 17.13
CA PRO B 298 -25.07 2.10 16.80
C PRO B 298 -26.38 1.51 16.28
N GLN B 299 -27.52 2.14 16.58
CA GLN B 299 -28.76 1.67 15.98
C GLN B 299 -28.85 2.01 14.50
N ILE B 300 -28.17 3.06 14.06
CA ILE B 300 -28.11 3.37 12.64
C ILE B 300 -27.19 2.40 11.92
N LYS B 301 -26.07 2.03 12.57
CA LYS B 301 -25.13 1.08 11.98
C LYS B 301 -25.84 -0.20 11.56
N ILE B 302 -26.70 -0.73 12.44
CA ILE B 302 -27.46 -1.93 12.12
C ILE B 302 -28.41 -1.67 10.96
N MET B 303 -29.15 -0.56 11.03
CA MET B 303 -30.17 -0.25 10.03
C MET B 303 -29.56 -0.11 8.63
N TYR B 304 -28.35 0.41 8.54
CA TYR B 304 -27.77 0.80 7.26
C TYR B 304 -26.56 -0.05 6.87
N SER B 305 -26.37 -1.20 7.53
CA SER B 305 -25.25 -2.07 7.19
C SER B 305 -25.35 -2.58 5.76
N ALA B 306 -26.48 -3.21 5.43
CA ALA B 306 -26.62 -3.83 4.11
C ALA B 306 -26.69 -2.79 3.01
N LYS B 307 -27.39 -1.67 3.23
CA LYS B 307 -27.43 -0.60 2.25
C LYS B 307 -26.03 -0.08 1.96
N TYR B 308 -25.26 0.18 3.01
CA TYR B 308 -23.91 0.72 2.83
C TYR B 308 -23.00 -0.32 2.17
N ALA B 309 -23.11 -1.58 2.60
CA ALA B 309 -22.33 -2.65 1.97
C ALA B 309 -22.60 -2.70 0.47
N ALA B 310 -23.88 -2.66 0.08
CA ALA B 310 -24.24 -2.77 -1.33
C ALA B 310 -23.66 -1.62 -2.14
N SER B 311 -23.86 -0.38 -1.65
CA SER B 311 -23.39 0.79 -2.38
C SER B 311 -21.86 0.81 -2.45
N GLN B 312 -21.19 0.40 -1.37
CA GLN B 312 -19.74 0.51 -1.32
C GLN B 312 -19.07 -0.45 -2.29
N ASN B 313 -19.64 -1.66 -2.46
CA ASN B 313 -18.98 -2.67 -3.26
C ASN B 313 -18.85 -2.23 -4.72
N ALA B 314 -19.95 -1.80 -5.33
CA ALA B 314 -19.90 -1.35 -6.72
C ALA B 314 -19.15 -0.04 -6.87
N TYR B 315 -19.09 0.78 -5.82
CA TYR B 315 -18.28 1.99 -5.86
C TYR B 315 -16.81 1.65 -6.07
N LYS B 316 -16.28 0.74 -5.23
CA LYS B 316 -14.88 0.36 -5.36
C LYS B 316 -14.63 -0.47 -6.61
N ARG B 317 -15.62 -1.23 -7.06
CA ARG B 317 -15.47 -1.98 -8.31
C ARG B 317 -15.26 -1.04 -9.49
N ALA B 318 -15.99 0.08 -9.52
CA ALA B 318 -15.86 1.02 -10.63
C ALA B 318 -14.50 1.70 -10.63
N ILE B 319 -13.90 1.91 -9.45
CA ILE B 319 -12.54 2.43 -9.41
C ILE B 319 -11.56 1.42 -9.98
N GLY B 320 -11.72 0.15 -9.59
CA GLY B 320 -10.86 -0.89 -10.13
C GLY B 320 -11.08 -1.15 -11.60
N ALA B 321 -12.34 -1.04 -12.05
CA ALA B 321 -12.63 -1.19 -13.47
C ALA B 321 -11.91 -0.12 -14.28
N ASN B 322 -12.02 1.15 -13.85
CA ASN B 322 -11.37 2.23 -14.58
C ASN B 322 -9.85 2.10 -14.52
N TRP B 323 -9.31 1.63 -13.39
CA TRP B 323 -7.87 1.46 -13.31
C TRP B 323 -7.38 0.41 -14.30
N ALA B 324 -8.15 -0.68 -14.44
CA ALA B 324 -7.76 -1.72 -15.40
C ALA B 324 -7.83 -1.20 -16.83
N ILE B 325 -8.85 -0.41 -17.15
CA ILE B 325 -8.97 0.15 -18.49
C ILE B 325 -7.78 1.04 -18.81
N LYS B 326 -7.41 1.91 -17.86
CA LYS B 326 -6.31 2.83 -18.09
C LYS B 326 -4.97 2.10 -18.16
N THR B 327 -4.71 1.21 -17.19
CA THR B 327 -3.37 0.65 -17.05
C THR B 327 -3.10 -0.52 -17.97
N ARG B 328 -4.12 -1.18 -18.50
CA ARG B 328 -3.93 -2.29 -19.43
C ARG B 328 -4.24 -1.91 -20.86
N GLY B 329 -4.74 -0.70 -21.11
CA GLY B 329 -5.15 -0.33 -22.44
C GLY B 329 -6.21 -1.26 -22.99
N LEU B 330 -7.25 -1.49 -22.20
CA LEU B 330 -8.33 -2.37 -22.64
C LEU B 330 -9.03 -1.80 -23.86
N ARG B 331 -9.00 -0.47 -24.02
CA ARG B 331 -9.65 0.14 -25.17
C ARG B 331 -8.99 -0.30 -26.47
N GLN B 332 -7.66 -0.23 -26.54
CA GLN B 332 -6.99 -0.56 -27.80
C GLN B 332 -7.08 -2.04 -28.13
N ASN B 333 -7.26 -2.90 -27.13
CA ASN B 333 -7.47 -4.31 -27.43
C ASN B 333 -8.85 -4.55 -28.04
N LYS B 334 -9.83 -3.72 -27.71
CA LYS B 334 -11.10 -3.76 -28.42
C LYS B 334 -10.97 -3.13 -29.80
N GLN B 335 -10.14 -2.08 -29.89
CA GLN B 335 -9.81 -1.52 -31.19
C GLN B 335 -9.24 -2.57 -32.13
N ALA B 336 -8.32 -3.40 -31.62
CA ALA B 336 -7.68 -4.40 -32.46
C ALA B 336 -8.68 -5.44 -32.96
N MET B 337 -9.62 -5.84 -32.09
CA MET B 337 -10.59 -6.85 -32.48
C MET B 337 -11.48 -6.34 -33.62
N GLN B 338 -12.11 -5.18 -33.43
CA GLN B 338 -12.98 -4.63 -34.46
C GLN B 338 -12.20 -4.30 -35.74
N ASP B 339 -10.90 -4.07 -35.64
CA ASP B 339 -10.10 -3.88 -36.84
C ASP B 339 -9.98 -5.16 -37.65
N ARG B 340 -9.77 -6.30 -36.98
CA ARG B 340 -9.70 -7.58 -37.67
C ARG B 340 -10.99 -7.86 -38.42
N LEU B 341 -12.13 -7.74 -37.73
CA LEU B 341 -13.42 -8.01 -38.38
C LEU B 341 -13.63 -7.11 -39.59
N ILE B 342 -13.33 -5.81 -39.44
CA ILE B 342 -13.45 -4.88 -40.56
C ILE B 342 -12.58 -5.33 -41.72
N ALA B 343 -11.35 -5.73 -41.45
CA ALA B 343 -10.47 -6.24 -42.50
C ALA B 343 -11.03 -7.52 -43.10
N TRP B 344 -11.39 -8.48 -42.25
CA TRP B 344 -11.92 -9.75 -42.75
C TRP B 344 -13.23 -9.53 -43.49
N GLY B 345 -14.08 -8.63 -43.00
CA GLY B 345 -15.31 -8.34 -43.71
C GLY B 345 -15.07 -7.78 -45.11
N ALA B 346 -14.09 -6.89 -45.24
CA ALA B 346 -13.74 -6.37 -46.56
C ALA B 346 -13.28 -7.50 -47.48
N LYS B 347 -12.43 -8.39 -46.97
CA LYS B 347 -11.98 -9.52 -47.77
C LYS B 347 -13.13 -10.42 -48.19
N GLN B 348 -14.17 -10.52 -47.35
CA GLN B 348 -15.36 -11.30 -47.68
C GLN B 348 -16.36 -10.52 -48.54
N GLY B 349 -16.04 -9.29 -48.93
CA GLY B 349 -16.96 -8.50 -49.72
C GLY B 349 -18.23 -8.11 -49.00
N THR B 350 -18.26 -8.15 -47.67
CA THR B 350 -19.44 -7.80 -46.88
C THR B 350 -19.11 -6.61 -46.00
N PRO B 351 -19.78 -5.47 -46.18
CA PRO B 351 -19.51 -4.29 -45.35
C PRO B 351 -20.41 -4.14 -44.13
N ARG B 352 -21.31 -5.09 -43.88
CA ARG B 352 -22.26 -4.95 -42.78
C ARG B 352 -21.57 -4.78 -41.45
N TYR B 353 -20.38 -5.36 -41.30
CA TYR B 353 -19.71 -5.36 -40.01
C TYR B 353 -19.04 -4.02 -39.72
N GLU B 354 -18.41 -3.43 -40.74
CA GLU B 354 -17.83 -2.10 -40.56
C GLU B 354 -18.90 -1.06 -40.32
N GLU B 355 -20.04 -1.18 -41.01
CA GLU B 355 -21.15 -0.26 -40.77
C GLU B 355 -21.65 -0.39 -39.33
N ALA B 356 -21.66 -1.61 -38.79
CA ALA B 356 -22.06 -1.80 -37.39
C ALA B 356 -21.07 -1.11 -36.46
N VAL B 357 -19.77 -1.37 -36.64
CA VAL B 357 -18.75 -0.72 -35.83
C VAL B 357 -18.90 0.79 -35.91
N HIS B 358 -19.07 1.33 -37.12
CA HIS B 358 -19.15 2.76 -37.30
C HIS B 358 -20.45 3.33 -36.73
N GLU B 359 -21.55 2.60 -36.90
CA GLU B 359 -22.82 3.06 -36.35
C GLU B 359 -22.76 3.13 -34.83
N ILE B 360 -22.18 2.11 -34.18
CA ILE B 360 -21.98 2.15 -32.73
C ILE B 360 -21.16 3.37 -32.35
N ASP B 361 -20.05 3.59 -33.05
CA ASP B 361 -19.14 4.68 -32.71
C ASP B 361 -19.85 6.03 -32.78
N ALA B 362 -20.62 6.27 -33.84
CA ALA B 362 -21.28 7.56 -33.98
C ALA B 362 -22.42 7.72 -32.97
N THR B 363 -23.20 6.66 -32.75
CA THR B 363 -24.36 6.77 -31.88
C THR B 363 -23.97 6.89 -30.41
N VAL B 364 -22.85 6.27 -30.02
CA VAL B 364 -22.34 6.46 -28.65
C VAL B 364 -22.02 7.92 -28.42
N ALA B 365 -21.36 8.57 -29.39
CA ALA B 365 -21.05 9.98 -29.27
C ALA B 365 -22.31 10.82 -29.16
N LYS B 366 -23.36 10.46 -29.92
CA LYS B 366 -24.59 11.25 -29.92
C LYS B 366 -25.29 11.18 -28.56
N ARG B 367 -25.29 10.02 -27.91
CA ARG B 367 -26.08 9.80 -26.71
C ARG B 367 -25.37 10.21 -25.44
N ALA B 368 -24.22 10.88 -25.52
CA ALA B 368 -23.41 11.14 -24.34
C ALA B 368 -24.13 12.07 -23.36
N ASP B 369 -24.70 13.17 -23.87
CA ASP B 369 -25.35 14.14 -22.99
C ASP B 369 -26.50 13.50 -22.22
N LEU B 370 -27.37 12.78 -22.92
CA LEU B 370 -28.53 12.17 -22.28
C LEU B 370 -28.13 11.05 -21.34
N ARG B 371 -27.04 10.33 -21.66
CA ARG B 371 -26.60 9.25 -20.78
C ARG B 371 -25.94 9.78 -19.52
N ARG B 372 -25.20 10.89 -19.63
CA ARG B 372 -24.69 11.56 -18.44
C ARG B 372 -25.82 11.96 -17.51
N ARG B 373 -26.88 12.54 -18.07
CA ARG B 373 -28.03 12.92 -17.27
C ARG B 373 -28.72 11.70 -16.66
N TYR B 374 -28.80 10.60 -17.42
CA TYR B 374 -29.43 9.39 -16.92
C TYR B 374 -28.67 8.85 -15.72
N TRP B 375 -27.34 8.79 -15.82
CA TRP B 375 -26.55 8.26 -14.72
C TRP B 375 -26.46 9.25 -13.56
N MET B 376 -26.59 10.55 -13.84
CA MET B 376 -26.58 11.53 -12.77
C MET B 376 -27.82 11.41 -11.90
N ILE B 377 -28.98 11.20 -12.53
CA ILE B 377 -30.20 11.03 -11.73
C ILE B 377 -30.27 9.64 -11.11
N GLU B 378 -29.81 8.61 -11.83
CA GLU B 378 -29.88 7.25 -11.29
C GLU B 378 -28.97 7.09 -10.09
N GLU B 379 -27.70 7.49 -10.23
CA GLU B 379 -26.77 7.39 -9.10
C GLU B 379 -27.05 8.46 -8.07
N GLY B 380 -27.40 9.67 -8.51
CA GLY B 380 -27.56 10.77 -7.57
C GLY B 380 -28.83 10.70 -6.76
N ILE B 381 -29.94 10.29 -7.38
CA ILE B 381 -31.24 10.41 -6.73
C ILE B 381 -31.96 9.06 -6.64
N ILE B 382 -32.12 8.38 -7.78
CA ILE B 382 -32.90 7.14 -7.78
C ILE B 382 -32.28 6.11 -6.84
N ARG B 383 -30.95 5.99 -6.86
CA ARG B 383 -30.26 5.19 -5.87
C ARG B 383 -29.85 6.00 -4.65
N GLY B 384 -29.55 7.29 -4.83
CA GLY B 384 -28.88 8.05 -3.79
C GLY B 384 -29.77 8.48 -2.65
N ILE B 385 -31.06 8.73 -2.92
CA ILE B 385 -31.96 9.33 -1.94
C ILE B 385 -33.13 8.39 -1.73
N GLU B 386 -33.38 8.03 -0.48
CA GLU B 386 -34.38 7.00 -0.19
C GLU B 386 -35.80 7.53 -0.31
N PHE B 387 -36.03 8.83 -0.06
CA PHE B 387 -37.41 9.31 -0.18
C PHE B 387 -37.81 9.63 -1.62
N ALA B 388 -36.93 9.36 -2.59
CA ALA B 388 -37.39 9.28 -3.97
C ALA B 388 -38.28 8.06 -4.18
N ARG B 389 -38.22 7.08 -3.28
CA ARG B 389 -39.03 5.87 -3.35
C ARG B 389 -40.16 5.88 -2.33
N SER B 390 -40.54 7.05 -1.83
CA SER B 390 -41.69 7.19 -0.96
C SER B 390 -42.97 6.96 -1.76
N PRO B 391 -44.12 6.78 -1.10
CA PRO B 391 -45.35 6.45 -1.84
C PRO B 391 -45.77 7.53 -2.82
N ILE B 392 -46.27 7.09 -3.97
CA ILE B 392 -46.89 7.95 -4.97
C ILE B 392 -48.28 7.42 -5.23
N PRO B 393 -49.33 8.15 -4.85
CA PRO B 393 -50.69 7.63 -5.03
C PRO B 393 -51.02 7.39 -6.50
N THR B 394 -51.50 6.19 -6.79
CA THR B 394 -52.04 5.91 -8.12
C THR B 394 -53.30 6.74 -8.36
N GLU B 395 -53.71 6.81 -9.63
CA GLU B 395 -54.87 7.63 -9.96
C GLU B 395 -56.17 6.95 -9.55
N ASP B 396 -56.20 5.62 -9.52
CA ASP B 396 -57.35 4.91 -8.97
C ASP B 396 -57.50 5.22 -7.49
N GLU B 397 -56.39 5.11 -6.73
CA GLU B 397 -56.40 5.48 -5.33
C GLU B 397 -56.83 6.93 -5.16
N THR B 398 -56.40 7.81 -6.06
CA THR B 398 -56.76 9.22 -5.95
C THR B 398 -58.24 9.46 -6.24
N LYS B 399 -58.78 8.79 -7.26
CA LYS B 399 -60.21 8.88 -7.52
C LYS B 399 -61.01 8.31 -6.36
N ALA B 400 -60.47 7.27 -5.71
CA ALA B 400 -61.13 6.70 -4.54
C ALA B 400 -61.28 7.75 -3.44
N LEU B 401 -60.19 8.45 -3.10
CA LEU B 401 -60.22 9.41 -2.01
C LEU B 401 -61.07 10.64 -2.30
N GLN B 402 -61.48 10.84 -3.55
CA GLN B 402 -62.51 11.83 -3.87
C GLN B 402 -63.81 11.09 -4.21
N GLY B 403 -64.43 10.55 -3.16
CA GLY B 403 -65.63 9.77 -3.33
C GLY B 403 -66.43 9.62 -2.06
N ALA B 406 -65.55 6.33 2.44
CA ALA B 406 -66.38 5.23 1.97
C ALA B 406 -65.70 3.89 2.10
N SER B 407 -66.40 2.85 1.66
CA SER B 407 -65.81 1.53 1.58
C SER B 407 -64.51 1.53 0.77
N ALA B 408 -64.49 2.21 -0.37
CA ALA B 408 -63.32 2.12 -1.24
C ALA B 408 -62.14 2.93 -0.72
N ARG B 409 -62.41 4.06 -0.04
CA ARG B 409 -61.34 4.90 0.48
C ARG B 409 -60.39 4.12 1.38
N LYS B 410 -60.93 3.29 2.27
CA LYS B 410 -60.07 2.47 3.13
C LYS B 410 -59.14 1.60 2.30
N GLU B 411 -59.68 0.95 1.26
CA GLU B 411 -58.84 0.16 0.36
C GLU B 411 -57.67 0.99 -0.17
N ALA B 412 -57.95 2.23 -0.58
CA ALA B 412 -56.88 3.10 -1.07
C ALA B 412 -55.92 3.46 0.05
N ILE B 413 -56.45 3.89 1.20
CA ILE B 413 -55.59 4.30 2.31
C ILE B 413 -54.79 3.11 2.83
N ASP B 414 -55.40 1.92 2.84
CA ASP B 414 -54.67 0.72 3.28
C ASP B 414 -53.47 0.46 2.39
N LYS B 415 -53.68 0.41 1.07
CA LYS B 415 -52.58 0.17 0.15
C LYS B 415 -51.52 1.25 0.24
N ILE B 416 -51.95 2.51 0.37
CA ILE B 416 -51.00 3.59 0.57
C ILE B 416 -50.23 3.40 1.88
N ARG B 417 -50.92 2.92 2.92
CA ARG B 417 -50.26 2.71 4.21
C ARG B 417 -49.16 1.67 4.10
N THR B 418 -49.42 0.56 3.41
CA THR B 418 -48.42 -0.49 3.28
C THR B 418 -47.21 0.01 2.51
N ARG B 419 -47.43 0.75 1.43
CA ARG B 419 -46.31 1.33 0.69
C ARG B 419 -45.53 2.29 1.57
N TYR B 420 -46.23 3.03 2.43
CA TYR B 420 -45.53 3.92 3.37
C TYR B 420 -44.64 3.12 4.31
N SER B 421 -45.19 2.06 4.92
CA SER B 421 -44.41 1.27 5.86
C SER B 421 -43.25 0.54 5.17
N LYS B 422 -43.41 0.20 3.88
CA LYS B 422 -42.29 -0.30 3.11
C LYS B 422 -41.20 0.76 3.01
N PHE B 423 -41.58 2.02 2.83
CA PHE B 423 -40.62 3.11 2.73
C PHE B 423 -39.99 3.41 4.08
N ALA B 424 -40.81 3.67 5.09
CA ALA B 424 -40.33 3.97 6.43
C ALA B 424 -40.35 2.71 7.30
N ASN B 425 -39.50 1.76 6.92
CA ASN B 425 -39.40 0.50 7.65
C ASN B 425 -38.34 0.62 8.74
N LYS B 426 -38.02 -0.50 9.38
CA LYS B 426 -37.10 -0.48 10.51
C LYS B 426 -35.70 -0.03 10.11
N ASP B 427 -35.32 -0.17 8.84
CA ASP B 427 -34.00 0.22 8.38
C ASP B 427 -33.91 1.67 7.97
N TYR B 428 -35.03 2.40 7.98
CA TYR B 428 -35.06 3.78 7.51
C TYR B 428 -34.91 4.78 8.65
N SER B 429 -34.15 5.84 8.40
CA SER B 429 -34.03 6.98 9.31
C SER B 429 -34.14 8.24 8.47
N ALA B 430 -35.25 8.97 8.62
CA ALA B 430 -35.42 10.23 7.90
C ALA B 430 -34.26 11.19 8.20
N GLU B 431 -33.77 11.18 9.44
CA GLU B 431 -32.65 12.06 9.78
C GLU B 431 -31.41 11.75 8.97
N VAL B 432 -31.11 10.45 8.78
CA VAL B 432 -29.98 10.08 7.94
C VAL B 432 -30.27 10.38 6.48
N ASP B 433 -31.49 10.05 6.02
CA ASP B 433 -31.83 10.28 4.62
C ASP B 433 -31.77 11.76 4.26
N LYS B 434 -32.20 12.63 5.17
CA LYS B 434 -32.11 14.07 4.92
C LYS B 434 -30.66 14.52 4.79
N LYS B 435 -29.78 13.99 5.64
CA LYS B 435 -28.37 14.33 5.55
C LYS B 435 -27.78 13.88 4.22
N VAL B 436 -28.13 12.68 3.77
CA VAL B 436 -27.64 12.19 2.48
C VAL B 436 -28.25 13.01 1.35
N ALA B 437 -29.56 13.27 1.41
CA ALA B 437 -30.24 13.97 0.33
C ALA B 437 -29.68 15.37 0.12
N VAL B 438 -29.31 16.06 1.21
CA VAL B 438 -28.72 17.38 1.07
C VAL B 438 -27.38 17.30 0.35
N ALA B 439 -26.57 16.30 0.68
CA ALA B 439 -25.26 16.16 0.04
C ALA B 439 -25.39 15.74 -1.42
N MET B 440 -26.26 14.76 -1.70
CA MET B 440 -26.43 14.29 -3.07
C MET B 440 -27.05 15.37 -3.96
N LEU B 441 -28.06 16.07 -3.47
CA LEU B 441 -28.70 17.10 -4.29
C LEU B 441 -27.80 18.31 -4.50
N THR B 442 -26.95 18.63 -3.52
CA THR B 442 -25.96 19.69 -3.72
C THR B 442 -25.09 19.39 -4.93
N GLU B 443 -24.60 18.16 -5.03
CA GLU B 443 -23.78 17.78 -6.17
C GLU B 443 -24.60 17.70 -7.45
N TYR B 444 -25.80 17.10 -7.38
CA TYR B 444 -26.65 17.01 -8.55
C TYR B 444 -26.96 18.39 -9.14
N LEU B 445 -27.28 19.35 -8.27
CA LEU B 445 -27.64 20.69 -8.74
C LEU B 445 -26.42 21.44 -9.26
N LYS B 446 -25.25 21.18 -8.69
CA LYS B 446 -24.02 21.80 -9.18
C LYS B 446 -23.66 21.35 -10.58
N GLU B 447 -24.14 20.17 -11.01
CA GLU B 447 -23.80 19.59 -12.30
C GLU B 447 -24.91 19.67 -13.33
N ILE B 448 -26.14 19.46 -12.93
CA ILE B 448 -27.30 19.53 -13.85
C ILE B 448 -27.79 20.94 -13.86
N PRO B 449 -27.87 21.62 -15.00
CA PRO B 449 -28.39 22.98 -15.05
C PRO B 449 -29.90 23.00 -14.91
N TYR B 450 -30.42 24.21 -14.66
CA TYR B 450 -31.84 24.41 -14.40
C TYR B 450 -32.71 23.81 -15.48
N GLU B 451 -32.30 23.92 -16.74
CA GLU B 451 -33.14 23.49 -17.86
C GLU B 451 -33.35 21.98 -17.88
N ASN B 452 -32.45 21.20 -17.27
CA ASN B 452 -32.53 19.75 -17.31
C ASN B 452 -32.91 19.15 -15.97
N LEU B 453 -33.20 19.97 -14.97
CA LEU B 453 -33.59 19.46 -13.67
C LEU B 453 -34.97 18.83 -13.71
N PRO B 454 -35.25 17.87 -12.83
CA PRO B 454 -36.65 17.54 -12.54
C PRO B 454 -37.37 18.79 -12.09
N LEU B 455 -38.64 18.91 -12.49
CA LEU B 455 -39.39 20.16 -12.30
C LEU B 455 -39.37 20.60 -10.84
N HIS B 456 -39.62 19.67 -9.91
CA HIS B 456 -39.71 20.04 -8.51
C HIS B 456 -38.38 20.55 -7.97
N LEU B 457 -37.26 20.14 -8.58
CA LEU B 457 -35.96 20.60 -8.12
C LEU B 457 -35.68 22.05 -8.49
N ARG B 458 -36.46 22.62 -9.41
CA ARG B 458 -36.34 24.05 -9.67
C ARG B 458 -36.70 24.87 -8.44
N LEU B 459 -37.55 24.31 -7.56
CA LEU B 459 -37.97 25.02 -6.37
C LEU B 459 -36.82 25.27 -5.39
N VAL B 460 -35.67 24.60 -5.56
CA VAL B 460 -34.54 24.86 -4.68
C VAL B 460 -34.09 26.31 -4.81
N LYS B 461 -33.99 26.80 -6.05
CA LYS B 461 -33.62 28.19 -6.29
C LYS B 461 -34.84 29.08 -6.45
N ASP B 462 -35.92 28.56 -7.04
CA ASP B 462 -37.09 29.39 -7.33
C ASP B 462 -37.77 29.87 -6.05
N ARG B 463 -37.84 29.02 -5.02
CA ARG B 463 -38.54 29.38 -3.80
C ARG B 463 -37.78 29.09 -2.52
N PHE B 464 -36.57 28.53 -2.58
CA PHE B 464 -35.75 28.34 -1.40
C PHE B 464 -34.41 29.03 -1.48
N ALA B 465 -34.22 29.92 -2.47
CA ALA B 465 -33.01 30.75 -2.57
C ALA B 465 -31.75 29.88 -2.58
N GLY B 466 -31.84 28.71 -3.20
CA GLY B 466 -30.71 27.81 -3.29
C GLY B 466 -30.32 27.12 -2.00
N ASP B 467 -31.14 27.20 -0.96
CA ASP B 467 -30.87 26.52 0.30
C ASP B 467 -31.40 25.09 0.19
N VAL B 468 -30.50 24.16 -0.18
CA VAL B 468 -30.90 22.77 -0.34
C VAL B 468 -31.44 22.21 0.97
N GLN B 469 -30.76 22.51 2.08
CA GLN B 469 -31.16 21.97 3.38
C GLN B 469 -32.58 22.42 3.75
N ALA B 470 -32.93 23.67 3.44
CA ALA B 470 -34.27 24.15 3.74
C ALA B 470 -35.31 23.54 2.80
N TYR B 471 -34.91 23.26 1.56
CA TYR B 471 -35.79 22.55 0.63
C TYR B 471 -36.08 21.15 1.12
N VAL B 472 -35.05 20.44 1.59
CA VAL B 472 -35.24 19.10 2.11
C VAL B 472 -35.99 19.13 3.44
N ASP B 473 -35.58 20.03 4.34
CA ASP B 473 -36.27 20.19 5.61
C ASP B 473 -37.76 20.45 5.40
N ASP B 474 -38.12 21.14 4.31
CA ASP B 474 -39.51 21.44 4.05
C ASP B 474 -40.26 20.25 3.47
N ILE B 475 -39.58 19.40 2.70
CA ILE B 475 -40.23 18.19 2.18
C ILE B 475 -40.75 17.34 3.34
N PHE B 476 -39.92 17.17 4.38
CA PHE B 476 -40.34 16.35 5.51
C PHE B 476 -41.23 17.12 6.49
N ALA B 477 -41.05 18.44 6.59
CA ALA B 477 -41.87 19.22 7.50
C ALA B 477 -43.35 19.14 7.12
N ARG B 478 -43.64 19.18 5.82
CA ARG B 478 -45.01 19.32 5.34
C ARG B 478 -45.56 18.08 4.67
N SER B 479 -44.80 16.99 4.60
CA SER B 479 -45.26 15.82 3.84
C SER B 479 -46.15 14.92 4.69
N VAL B 480 -47.20 14.41 4.03
CA VAL B 480 -47.99 13.31 4.55
C VAL B 480 -47.10 12.14 4.97
N PHE B 481 -45.94 11.99 4.35
CA PHE B 481 -45.05 10.86 4.60
C PHE B 481 -43.79 11.25 5.35
N GLY B 482 -43.72 12.48 5.87
CA GLY B 482 -42.51 12.94 6.55
C GLY B 482 -42.30 12.35 7.92
N SER B 483 -43.34 11.74 8.50
CA SER B 483 -43.23 11.10 9.81
C SER B 483 -44.46 10.23 10.01
N GLU B 484 -44.34 9.25 10.92
CA GLU B 484 -45.46 8.36 11.18
C GLU B 484 -46.64 9.11 11.78
N ALA B 485 -46.35 10.09 12.65
CA ALA B 485 -47.42 10.92 13.21
C ALA B 485 -48.15 11.67 12.11
N GLN B 486 -47.39 12.28 11.20
CA GLN B 486 -48.00 13.07 10.13
C GLN B 486 -48.83 12.20 9.20
N PHE B 487 -48.37 10.96 8.95
CA PHE B 487 -49.14 10.07 8.09
C PHE B 487 -50.42 9.60 8.78
N ASP B 488 -50.34 9.29 10.08
CA ASP B 488 -51.52 8.84 10.81
C ASP B 488 -52.60 9.91 10.83
N ALA B 489 -52.21 11.17 11.01
CA ALA B 489 -53.18 12.26 10.94
C ALA B 489 -53.75 12.39 9.53
N PHE B 490 -52.98 12.05 8.50
CA PHE B 490 -53.51 12.07 7.14
C PHE B 490 -54.45 10.88 6.89
N ALA B 491 -54.15 9.72 7.45
CA ALA B 491 -55.02 8.57 7.26
C ALA B 491 -56.38 8.81 7.92
N ALA B 492 -56.39 9.48 9.06
CA ALA B 492 -57.65 9.80 9.73
C ALA B 492 -58.52 10.71 8.85
N VAL B 493 -57.95 11.81 8.38
CA VAL B 493 -58.68 12.70 7.47
C VAL B 493 -57.93 12.80 6.15
N PRO B 494 -58.10 11.85 5.22
CA PRO B 494 -57.49 11.99 3.91
C PRO B 494 -58.08 13.18 3.15
N SER B 495 -57.22 13.86 2.39
CA SER B 495 -57.61 15.04 1.63
C SER B 495 -56.89 15.02 0.30
N VAL B 496 -57.65 14.87 -0.80
CA VAL B 496 -57.07 14.97 -2.13
C VAL B 496 -56.34 16.29 -2.31
N GLU B 497 -56.83 17.35 -1.66
CA GLU B 497 -56.24 18.68 -1.84
C GLU B 497 -54.82 18.75 -1.29
N LYS B 498 -54.56 18.05 -0.18
CA LYS B 498 -53.22 18.06 0.39
C LYS B 498 -52.30 17.07 -0.31
N LEU B 499 -52.80 15.88 -0.62
CA LEU B 499 -51.97 14.86 -1.27
C LEU B 499 -51.58 15.29 -2.69
N ALA B 500 -52.37 16.16 -3.32
CA ALA B 500 -52.04 16.62 -4.66
C ALA B 500 -50.89 17.62 -4.67
N GLU B 501 -50.67 18.32 -3.55
CA GLU B 501 -49.60 19.30 -3.45
C GLU B 501 -48.59 18.92 -2.36
N ASP B 502 -48.48 17.62 -2.06
CA ASP B 502 -47.53 17.17 -1.05
C ASP B 502 -46.12 17.28 -1.59
N PRO B 503 -45.20 17.94 -0.88
CA PRO B 503 -43.86 18.17 -1.44
C PRO B 503 -43.05 16.89 -1.64
N MET B 504 -43.27 15.84 -0.85
CA MET B 504 -42.55 14.60 -1.08
C MET B 504 -43.10 13.85 -2.28
N VAL B 505 -44.42 13.70 -2.35
CA VAL B 505 -45.04 13.08 -3.52
C VAL B 505 -44.63 13.82 -4.78
N LEU B 506 -44.61 15.15 -4.72
CA LEU B 506 -44.21 15.94 -5.88
C LEU B 506 -42.74 15.69 -6.22
N PHE B 507 -41.88 15.66 -5.21
CA PHE B 507 -40.48 15.34 -5.44
C PHE B 507 -40.34 13.97 -6.09
N ALA B 508 -40.89 12.95 -5.43
CA ALA B 508 -40.75 11.58 -5.90
C ALA B 508 -41.25 11.44 -7.34
N SER B 509 -42.43 11.96 -7.63
CA SER B 509 -42.97 11.84 -8.98
C SER B 509 -42.12 12.61 -9.98
N SER B 510 -41.63 13.79 -9.58
CA SER B 510 -40.87 14.60 -10.52
C SER B 510 -39.53 13.95 -10.88
N VAL B 511 -38.85 13.35 -9.88
CA VAL B 511 -37.56 12.72 -10.19
C VAL B 511 -37.77 11.46 -11.01
N PHE B 512 -38.86 10.73 -10.78
CA PHE B 512 -39.14 9.56 -11.59
C PHE B 512 -39.68 9.91 -12.97
N ASP B 513 -40.30 11.09 -13.11
CA ASP B 513 -40.71 11.57 -14.43
C ASP B 513 -39.49 11.85 -15.31
N GLU B 514 -38.51 12.55 -14.76
CA GLU B 514 -37.28 12.85 -15.50
C GLU B 514 -36.51 11.57 -15.79
N TYR B 515 -36.54 10.62 -14.86
CA TYR B 515 -35.85 9.34 -15.03
C TYR B 515 -36.45 8.53 -16.18
N ARG B 516 -37.79 8.47 -16.25
CA ARG B 516 -38.44 7.78 -17.35
C ARG B 516 -38.36 8.60 -18.64
N LYS B 517 -38.24 9.93 -18.52
CA LYS B 517 -38.06 10.77 -19.69
C LYS B 517 -36.73 10.48 -20.38
N LEU B 518 -35.64 10.48 -19.60
CA LEU B 518 -34.32 10.20 -20.16
C LEU B 518 -34.24 8.80 -20.73
N TYR B 519 -34.85 7.81 -20.06
CA TYR B 519 -34.89 6.47 -20.61
C TYR B 519 -35.53 6.46 -21.99
N ASN B 520 -36.60 7.23 -22.17
CA ASN B 520 -37.31 7.25 -23.44
C ASN B 520 -36.49 7.97 -24.51
N GLU B 521 -35.94 9.14 -24.18
CA GLU B 521 -35.15 9.89 -25.14
C GLU B 521 -33.87 9.17 -25.52
N LEU B 522 -33.41 8.22 -24.69
CA LEU B 522 -32.24 7.42 -25.03
C LEU B 522 -32.58 6.20 -25.88
N ARG B 523 -33.85 5.79 -25.92
CA ARG B 523 -34.23 4.60 -26.67
C ARG B 523 -33.89 4.65 -28.16
N PRO B 524 -34.10 5.75 -28.89
CA PRO B 524 -33.66 5.79 -30.29
C PRO B 524 -32.16 5.83 -30.47
N TYR B 525 -31.39 5.89 -29.38
CA TYR B 525 -29.94 5.71 -29.44
C TYR B 525 -29.52 4.32 -28.99
N ASP B 526 -30.07 3.84 -27.87
CA ASP B 526 -29.74 2.50 -27.40
C ASP B 526 -30.15 1.43 -28.40
N ASP B 527 -31.33 1.58 -29.02
CA ASP B 527 -31.85 0.54 -29.91
C ASP B 527 -30.95 0.28 -31.12
N PRO B 528 -30.51 1.29 -31.88
CA PRO B 528 -29.59 0.99 -33.00
C PRO B 528 -28.28 0.41 -32.52
N ILE B 529 -27.80 0.80 -31.33
CA ILE B 529 -26.61 0.20 -30.77
C ILE B 529 -26.81 -1.31 -30.55
N LEU B 530 -27.97 -1.68 -30.01
CA LEU B 530 -28.25 -3.09 -29.78
C LEU B 530 -28.32 -3.86 -31.09
N ARG B 531 -29.04 -3.32 -32.09
CA ARG B 531 -29.09 -3.97 -33.39
C ARG B 531 -27.70 -4.08 -34.00
N ALA B 532 -26.88 -3.03 -33.84
CA ALA B 532 -25.51 -3.06 -34.36
C ALA B 532 -24.67 -4.08 -33.60
N GLN B 533 -24.94 -4.26 -32.31
CA GLN B 533 -24.17 -5.23 -31.53
C GLN B 533 -24.41 -6.65 -32.00
N ARG B 534 -25.67 -6.98 -32.33
CA ARG B 534 -25.95 -8.32 -32.85
C ARG B 534 -25.13 -8.60 -34.10
N THR B 535 -25.08 -7.65 -35.03
CA THR B 535 -24.32 -7.83 -36.26
C THR B 535 -22.82 -7.94 -35.98
N TYR B 536 -22.32 -7.17 -35.00
CA TYR B 536 -20.91 -7.22 -34.66
C TYR B 536 -20.52 -8.57 -34.08
N ILE B 537 -21.31 -9.06 -33.13
CA ILE B 537 -21.00 -10.35 -32.50
C ILE B 537 -21.17 -11.48 -33.48
N ALA B 538 -22.16 -11.39 -34.36
CA ALA B 538 -22.36 -12.42 -35.37
C ALA B 538 -21.14 -12.53 -36.28
N GLY B 539 -20.58 -11.38 -36.69
CA GLY B 539 -19.38 -11.41 -37.51
C GLY B 539 -18.19 -12.00 -36.77
N LEU B 540 -17.98 -11.58 -35.52
CA LEU B 540 -16.92 -12.16 -34.70
C LEU B 540 -17.08 -13.68 -34.59
N LEU B 541 -18.31 -14.13 -34.36
CA LEU B 541 -18.56 -15.58 -34.32
C LEU B 541 -18.30 -16.22 -35.67
N GLU B 542 -18.76 -15.59 -36.75
CA GLU B 542 -18.50 -16.12 -38.08
C GLU B 542 -17.01 -16.13 -38.38
N MET B 543 -16.31 -15.05 -38.03
CA MET B 543 -14.91 -14.92 -38.42
C MET B 543 -14.03 -15.93 -37.69
N ASP B 544 -14.29 -16.17 -36.41
CA ASP B 544 -13.42 -17.02 -35.60
C ASP B 544 -14.09 -18.28 -35.09
N GLY B 545 -15.35 -18.53 -35.42
CA GLY B 545 -16.03 -19.71 -34.96
C GLY B 545 -16.42 -19.61 -33.49
N ASP B 546 -17.43 -20.39 -33.12
CA ASP B 546 -17.92 -20.40 -31.74
C ASP B 546 -17.15 -21.34 -30.83
N GLN B 547 -16.04 -21.94 -31.31
CA GLN B 547 -15.39 -23.01 -30.56
C GLN B 547 -14.69 -22.48 -29.31
N ASP B 548 -13.98 -21.36 -29.42
CA ASP B 548 -13.28 -20.76 -28.30
C ASP B 548 -13.88 -19.42 -27.89
N GLN B 549 -15.19 -19.26 -28.06
CA GLN B 549 -15.90 -18.07 -27.64
C GLN B 549 -17.04 -18.46 -26.70
N PHE B 550 -17.35 -17.56 -25.78
CA PHE B 550 -18.50 -17.73 -24.90
C PHE B 550 -19.26 -16.41 -24.83
N PRO B 551 -20.58 -16.46 -24.69
CA PRO B 551 -21.36 -15.23 -24.63
C PRO B 551 -21.14 -14.49 -23.32
N ASP B 552 -21.28 -13.17 -23.38
CA ASP B 552 -21.18 -12.34 -22.20
C ASP B 552 -22.16 -12.83 -21.13
N ALA B 553 -21.79 -12.64 -19.87
CA ALA B 553 -22.60 -13.13 -18.76
C ALA B 553 -23.97 -12.47 -18.75
N ASN B 554 -25.01 -13.26 -18.50
CA ASN B 554 -26.38 -12.79 -18.49
C ASN B 554 -27.17 -13.47 -17.36
N LEU B 555 -26.50 -13.69 -16.23
CA LEU B 555 -27.08 -14.36 -15.07
C LEU B 555 -27.65 -15.73 -15.44
N THR B 556 -26.84 -16.51 -16.16
CA THR B 556 -27.16 -17.89 -16.44
C THR B 556 -26.01 -18.77 -16.00
N LEU B 557 -26.32 -20.04 -15.74
CA LEU B 557 -25.33 -20.98 -15.22
C LEU B 557 -24.19 -21.18 -16.21
N ARG B 558 -22.96 -21.04 -15.72
CA ARG B 558 -21.77 -21.24 -16.53
C ARG B 558 -20.74 -21.99 -15.70
N PHE B 559 -19.77 -22.61 -16.37
CA PHE B 559 -18.66 -23.28 -15.71
C PHE B 559 -17.35 -22.63 -16.14
N THR B 560 -16.38 -22.66 -15.23
CA THR B 560 -15.05 -22.15 -15.53
C THR B 560 -14.04 -23.01 -14.79
N TYR B 561 -12.83 -23.09 -15.35
CA TYR B 561 -11.79 -23.89 -14.75
C TYR B 561 -10.45 -23.20 -14.92
N GLY B 562 -9.51 -23.59 -14.08
CA GLY B 562 -8.18 -23.00 -14.06
C GLY B 562 -7.32 -23.71 -13.05
N GLN B 563 -6.30 -23.01 -12.55
CA GLN B 563 -5.43 -23.56 -11.53
C GLN B 563 -5.38 -22.66 -10.32
N VAL B 564 -5.09 -23.26 -9.17
CA VAL B 564 -4.77 -22.49 -7.97
C VAL B 564 -3.40 -21.85 -8.16
N LYS B 565 -3.34 -20.52 -8.14
CA LYS B 565 -2.11 -19.85 -8.53
C LYS B 565 -2.15 -18.39 -8.11
N GLY B 566 -1.05 -17.93 -7.52
CA GLY B 566 -0.87 -16.53 -7.23
C GLY B 566 -0.47 -15.75 -8.47
N TYR B 567 -0.03 -14.51 -8.24
CA TYR B 567 0.29 -13.62 -9.35
C TYR B 567 1.20 -12.51 -8.85
N SER B 568 1.82 -11.81 -9.80
CA SER B 568 2.73 -10.71 -9.51
C SER B 568 2.06 -9.39 -9.90
N PRO B 569 1.83 -8.47 -8.96
CA PRO B 569 1.18 -7.21 -9.31
C PRO B 569 2.11 -6.19 -9.93
N ARG B 570 3.41 -6.27 -9.63
CA ARG B 570 4.38 -5.33 -10.18
C ARG B 570 5.76 -5.95 -10.06
N ASP B 571 6.78 -5.19 -10.47
CA ASP B 571 8.15 -5.69 -10.49
C ASP B 571 8.59 -6.16 -9.10
N ASN B 572 9.08 -7.40 -9.04
CA ASN B 572 9.72 -7.97 -7.85
C ASN B 572 8.76 -8.23 -6.70
N VAL B 573 7.45 -8.22 -6.96
CA VAL B 573 6.44 -8.50 -5.93
C VAL B 573 5.64 -9.72 -6.38
N TYR B 574 5.52 -10.71 -5.50
CA TYR B 574 4.70 -11.88 -5.78
C TYR B 574 3.75 -12.12 -4.63
N TYR B 575 2.46 -12.30 -4.96
CA TYR B 575 1.47 -12.81 -4.03
C TYR B 575 1.28 -14.29 -4.31
N GLY B 576 1.42 -15.12 -3.29
CA GLY B 576 1.25 -16.55 -3.45
C GLY B 576 -0.20 -16.96 -3.54
N HIS B 577 -0.42 -18.26 -3.65
CA HIS B 577 -1.74 -18.81 -3.89
C HIS B 577 -2.59 -18.98 -2.63
N GLN B 578 -2.07 -18.67 -1.45
CA GLN B 578 -2.75 -19.13 -0.24
C GLN B 578 -2.40 -18.25 0.95
N THR B 579 -3.43 -17.77 1.66
CA THR B 579 -3.26 -17.02 2.90
C THR B 579 -3.56 -17.92 4.09
N THR B 580 -3.03 -17.53 5.25
CA THR B 580 -3.16 -18.29 6.48
C THR B 580 -3.80 -17.45 7.57
N LEU B 581 -4.17 -18.13 8.66
CA LEU B 581 -4.76 -17.45 9.81
C LEU B 581 -3.75 -16.52 10.48
N ASP B 582 -2.44 -16.81 10.33
CA ASP B 582 -1.43 -15.87 10.78
C ASP B 582 -1.63 -14.51 10.13
N GLY B 583 -2.01 -14.49 8.86
CA GLY B 583 -2.24 -13.23 8.16
C GLY B 583 -3.38 -12.44 8.75
N VAL B 584 -4.39 -13.13 9.30
CA VAL B 584 -5.45 -12.44 10.02
C VAL B 584 -4.87 -11.74 11.25
N MET B 585 -4.02 -12.46 12.00
CA MET B 585 -3.47 -11.91 13.23
C MET B 585 -2.48 -10.79 12.96
N GLU B 586 -1.72 -10.90 11.86
CA GLU B 586 -0.82 -9.81 11.49
C GLU B 586 -1.59 -8.52 11.28
N LYS B 587 -2.82 -8.62 10.79
CA LYS B 587 -3.62 -7.47 10.42
C LYS B 587 -4.47 -6.94 11.57
N GLU B 588 -4.48 -7.59 12.73
CA GLU B 588 -5.40 -7.19 13.78
C GLU B 588 -5.13 -5.76 14.22
N ASP B 589 -6.22 -5.02 14.48
CA ASP B 589 -6.15 -3.68 15.03
C ASP B 589 -7.46 -3.38 15.75
N PRO B 590 -7.48 -3.45 17.09
CA PRO B 590 -8.72 -3.17 17.82
C PRO B 590 -9.27 -1.76 17.62
N ASP B 591 -8.41 -0.81 17.23
CA ASP B 591 -8.82 0.57 17.01
C ASP B 591 -9.34 0.82 15.61
N ASN B 592 -9.47 -0.21 14.77
CA ASN B 592 -9.96 -0.06 13.40
C ASN B 592 -11.13 -1.01 13.22
N TRP B 593 -12.33 -0.46 13.04
CA TRP B 593 -13.52 -1.29 12.93
C TRP B 593 -13.37 -2.32 11.80
N GLU B 594 -12.62 -1.98 10.76
CA GLU B 594 -12.42 -2.90 9.65
C GLU B 594 -11.55 -4.10 10.03
N PHE B 595 -10.72 -4.00 11.06
CA PHE B 595 -9.70 -5.01 11.28
C PHE B 595 -9.71 -5.55 12.70
N VAL B 596 -10.86 -5.53 13.37
CA VAL B 596 -10.97 -6.22 14.65
C VAL B 596 -11.01 -7.72 14.40
N VAL B 597 -10.45 -8.48 15.33
CA VAL B 597 -10.39 -9.93 15.24
C VAL B 597 -11.21 -10.54 16.37
N ASP B 598 -12.10 -11.46 16.02
CA ASP B 598 -12.94 -12.14 16.98
C ASP B 598 -12.09 -12.78 18.06
N PRO B 599 -12.30 -12.44 19.34
CA PRO B 599 -11.47 -13.04 20.41
C PRO B 599 -11.47 -14.55 20.41
N LYS B 600 -12.61 -15.19 20.15
CA LYS B 600 -12.66 -16.65 20.16
C LYS B 600 -11.75 -17.24 19.09
N LEU B 601 -11.77 -16.67 17.88
CA LEU B 601 -10.90 -17.15 16.82
C LEU B 601 -9.44 -16.93 17.18
N LYS B 602 -9.13 -15.82 17.85
CA LYS B 602 -7.75 -15.55 18.24
C LYS B 602 -7.23 -16.58 19.23
N ALA B 603 -8.09 -17.05 20.14
CA ALA B 603 -7.69 -18.12 21.05
C ALA B 603 -7.38 -19.40 20.28
N VAL B 604 -8.23 -19.73 19.30
CA VAL B 604 -7.99 -20.90 18.45
C VAL B 604 -6.60 -20.82 17.82
N TYR B 605 -6.22 -19.63 17.34
CA TYR B 605 -4.91 -19.46 16.73
C TYR B 605 -3.79 -19.68 17.73
N GLU B 606 -3.91 -19.08 18.92
CA GLU B 606 -2.87 -19.21 19.94
C GLU B 606 -2.71 -20.65 20.39
N ARG B 607 -3.81 -21.36 20.61
CA ARG B 607 -3.76 -22.75 21.02
C ARG B 607 -3.36 -23.69 19.89
N LYS B 608 -3.30 -23.19 18.65
CA LYS B 608 -3.16 -24.05 17.47
C LYS B 608 -4.23 -25.12 17.44
N ASP B 609 -5.43 -24.78 17.95
CA ASP B 609 -6.54 -25.73 18.01
C ASP B 609 -7.23 -25.80 16.66
N PHE B 610 -6.51 -26.36 15.68
CA PHE B 610 -6.99 -26.45 14.31
C PHE B 610 -7.55 -27.82 13.95
N GLY B 611 -7.37 -28.82 14.81
CA GLY B 611 -7.87 -30.15 14.50
C GLY B 611 -7.32 -30.66 13.18
N ARG B 612 -8.22 -31.18 12.36
CA ARG B 612 -7.89 -31.75 11.06
C ARG B 612 -7.93 -30.73 9.93
N TYR B 613 -8.15 -29.45 10.24
CA TYR B 613 -8.36 -28.43 9.22
C TYR B 613 -7.07 -27.75 8.77
N ALA B 614 -5.98 -27.88 9.52
CA ALA B 614 -4.73 -27.24 9.12
C ALA B 614 -4.04 -28.03 8.03
N ASP B 615 -3.17 -27.35 7.27
CA ASP B 615 -2.43 -28.04 6.24
C ASP B 615 -1.35 -28.92 6.88
N ARG B 616 -0.71 -29.74 6.03
CA ARG B 616 0.20 -30.78 6.51
C ARG B 616 1.42 -30.21 7.21
N SER B 617 1.52 -28.88 7.31
CA SER B 617 2.60 -28.22 8.02
C SER B 617 2.13 -27.57 9.30
N GLY B 618 0.89 -27.81 9.72
CA GLY B 618 0.38 -27.22 10.94
C GLY B 618 -0.08 -25.79 10.84
N ARG B 619 -0.10 -25.21 9.64
CA ARG B 619 -0.61 -23.86 9.44
C ARG B 619 -2.06 -23.93 8.99
N MET B 620 -2.82 -22.90 9.36
CA MET B 620 -4.26 -22.90 9.16
C MET B 620 -4.61 -22.07 7.94
N PRO B 621 -5.14 -22.67 6.87
CA PRO B 621 -5.48 -21.89 5.68
C PRO B 621 -6.69 -21.02 5.89
N VAL B 622 -6.73 -19.90 5.16
CA VAL B 622 -7.86 -18.99 5.14
C VAL B 622 -8.50 -18.91 3.74
N ALA B 623 -7.69 -18.59 2.74
CA ALA B 623 -8.24 -18.39 1.40
C ALA B 623 -7.19 -18.78 0.37
N PHE B 624 -7.63 -18.93 -0.89
CA PHE B 624 -6.70 -19.17 -1.99
C PHE B 624 -7.24 -18.49 -3.24
N CYS B 625 -6.37 -18.36 -4.24
CA CYS B 625 -6.77 -17.73 -5.49
C CYS B 625 -6.49 -18.66 -6.67
N ALA B 626 -7.27 -18.48 -7.73
CA ALA B 626 -7.25 -19.37 -8.87
C ALA B 626 -7.41 -18.55 -10.14
N THR B 627 -7.02 -19.13 -11.26
CA THR B 627 -7.07 -18.47 -12.56
C THR B 627 -8.41 -18.63 -13.28
N THR B 628 -9.44 -19.13 -12.58
CA THR B 628 -10.80 -19.17 -13.08
C THR B 628 -11.26 -17.78 -13.52
N HIS B 629 -12.25 -17.71 -14.41
CA HIS B 629 -12.83 -16.44 -14.86
C HIS B 629 -14.21 -16.29 -14.24
N THR B 630 -14.33 -15.36 -13.29
CA THR B 630 -15.56 -15.11 -12.56
C THR B 630 -15.89 -13.63 -12.60
N THR B 631 -17.13 -13.31 -12.21
CA THR B 631 -17.55 -11.92 -12.09
C THR B 631 -18.68 -11.84 -11.06
N GLY B 632 -19.24 -10.64 -10.91
CA GLY B 632 -20.39 -10.44 -10.04
C GLY B 632 -21.48 -11.44 -10.32
N GLY B 633 -22.03 -12.05 -9.27
CA GLY B 633 -22.95 -13.16 -9.37
C GLY B 633 -22.31 -14.50 -9.05
N ASN B 634 -20.98 -14.61 -9.20
CA ASN B 634 -20.26 -15.82 -8.87
C ASN B 634 -19.97 -15.95 -7.38
N SER B 635 -20.36 -14.99 -6.56
CA SER B 635 -20.14 -15.10 -5.13
C SER B 635 -20.90 -16.28 -4.56
N GLY B 636 -20.23 -17.04 -3.70
CA GLY B 636 -20.80 -18.26 -3.15
C GLY B 636 -20.68 -19.47 -4.03
N SER B 637 -20.15 -19.31 -5.25
CA SER B 637 -20.08 -20.44 -6.18
C SER B 637 -19.23 -21.56 -5.59
N PRO B 638 -19.64 -22.81 -5.78
CA PRO B 638 -18.81 -23.93 -5.30
C PRO B 638 -17.53 -24.03 -6.13
N VAL B 639 -16.40 -24.13 -5.44
CA VAL B 639 -15.12 -24.38 -6.08
C VAL B 639 -14.76 -25.84 -5.85
N MET B 640 -14.46 -26.55 -6.93
CA MET B 640 -14.29 -28.00 -6.91
C MET B 640 -12.86 -28.37 -7.26
N ASN B 641 -12.40 -29.49 -6.72
CA ASN B 641 -11.10 -30.04 -7.09
C ASN B 641 -11.30 -31.00 -8.27
N ALA B 642 -10.26 -31.79 -8.57
CA ALA B 642 -10.30 -32.66 -9.73
C ALA B 642 -11.34 -33.76 -9.63
N ASN B 643 -11.75 -34.12 -8.41
CA ASN B 643 -12.80 -35.11 -8.20
C ASN B 643 -14.16 -34.49 -7.97
N GLY B 644 -14.28 -33.17 -8.13
CA GLY B 644 -15.55 -32.52 -7.89
C GLY B 644 -15.91 -32.35 -6.43
N GLU B 645 -14.96 -32.56 -5.52
CA GLU B 645 -15.21 -32.29 -4.12
C GLU B 645 -15.05 -30.80 -3.84
N LEU B 646 -15.82 -30.31 -2.88
CA LEU B 646 -15.84 -28.89 -2.55
C LEU B 646 -14.58 -28.52 -1.77
N ILE B 647 -13.77 -27.63 -2.34
CA ILE B 647 -12.56 -27.16 -1.67
C ILE B 647 -12.66 -25.71 -1.23
N GLY B 648 -13.69 -24.98 -1.64
CA GLY B 648 -13.85 -23.61 -1.21
C GLY B 648 -15.07 -22.97 -1.83
N LEU B 649 -15.27 -21.70 -1.47
CA LEU B 649 -16.33 -20.87 -2.03
C LEU B 649 -15.71 -19.64 -2.66
N ASN B 650 -16.05 -19.37 -3.91
CA ASN B 650 -15.66 -18.11 -4.54
C ASN B 650 -16.34 -16.95 -3.83
N PHE B 651 -15.61 -15.86 -3.62
CA PHE B 651 -16.28 -14.67 -3.10
C PHE B 651 -15.79 -13.34 -3.64
N ASP B 652 -14.71 -13.26 -4.41
CA ASP B 652 -14.26 -11.97 -4.91
C ASP B 652 -13.32 -12.18 -6.09
N ARG B 653 -12.76 -11.07 -6.58
CA ARG B 653 -11.67 -11.06 -7.54
C ARG B 653 -10.56 -10.18 -6.98
N ASN B 654 -9.35 -10.36 -7.49
CA ASN B 654 -8.29 -9.43 -7.13
C ASN B 654 -8.48 -8.10 -7.85
N TRP B 655 -7.70 -7.10 -7.44
CA TRP B 655 -7.85 -5.74 -7.96
C TRP B 655 -7.75 -5.71 -9.47
N GLU B 656 -6.70 -6.30 -10.03
CA GLU B 656 -6.54 -6.34 -11.47
C GLU B 656 -7.60 -7.18 -12.15
N GLY B 657 -8.21 -8.13 -11.43
CA GLY B 657 -9.24 -8.98 -11.98
C GLY B 657 -10.56 -8.29 -12.20
N VAL B 658 -10.75 -7.09 -11.65
CA VAL B 658 -11.96 -6.31 -11.95
C VAL B 658 -12.04 -6.03 -13.44
N GLY B 659 -10.89 -5.93 -14.11
CA GLY B 659 -10.85 -5.74 -15.55
C GLY B 659 -11.21 -6.96 -16.38
N GLY B 660 -11.52 -8.09 -15.75
CA GLY B 660 -11.90 -9.28 -16.46
C GLY B 660 -13.28 -9.26 -17.08
N ASP B 661 -14.15 -8.34 -16.64
CA ASP B 661 -15.42 -8.16 -17.31
C ASP B 661 -15.24 -7.60 -18.73
N ILE B 662 -14.06 -7.06 -19.03
CA ILE B 662 -13.77 -6.50 -20.33
C ILE B 662 -12.70 -7.31 -21.06
N GLN B 663 -11.63 -7.70 -20.38
CA GLN B 663 -10.69 -8.65 -20.96
C GLN B 663 -10.00 -9.44 -19.87
N TYR B 664 -9.90 -10.75 -20.08
CA TYR B 664 -9.15 -11.65 -19.21
C TYR B 664 -7.67 -11.58 -19.57
N LEU B 665 -6.82 -11.44 -18.55
CA LEU B 665 -5.38 -11.49 -18.72
C LEU B 665 -4.83 -12.56 -17.78
N ALA B 666 -4.18 -13.58 -18.35
CA ALA B 666 -3.77 -14.75 -17.57
C ALA B 666 -2.85 -14.37 -16.42
N ASP B 667 -2.01 -13.35 -16.59
CA ASP B 667 -1.09 -12.94 -15.54
C ASP B 667 -1.76 -12.17 -14.41
N TYR B 668 -3.07 -11.88 -14.50
CA TYR B 668 -3.70 -11.02 -13.50
C TYR B 668 -5.07 -11.47 -13.02
N GLN B 669 -5.85 -12.20 -13.81
CA GLN B 669 -7.22 -12.52 -13.42
C GLN B 669 -7.21 -13.64 -12.39
N ARG B 670 -7.62 -13.32 -11.16
CA ARG B 670 -7.69 -14.31 -10.09
C ARG B 670 -9.05 -14.22 -9.38
N SER B 671 -9.69 -15.36 -9.20
CA SER B 671 -10.83 -15.46 -8.30
C SER B 671 -10.33 -15.70 -6.89
N ILE B 672 -10.94 -15.02 -5.92
CA ILE B 672 -10.55 -15.14 -4.52
C ILE B 672 -11.56 -16.05 -3.83
N ILE B 673 -11.06 -17.09 -3.15
CA ILE B 673 -11.87 -18.20 -2.68
C ILE B 673 -11.56 -18.47 -1.21
N VAL B 674 -12.58 -18.43 -0.36
CA VAL B 674 -12.40 -18.85 1.02
C VAL B 674 -12.18 -20.36 1.06
N ASP B 675 -11.20 -20.79 1.84
CA ASP B 675 -10.85 -22.19 1.93
C ASP B 675 -11.88 -22.95 2.75
N ILE B 676 -12.38 -24.06 2.20
CA ILE B 676 -13.43 -24.81 2.90
C ILE B 676 -12.93 -25.32 4.25
N ARG B 677 -11.62 -25.48 4.41
CA ARG B 677 -11.07 -25.89 5.70
C ARG B 677 -11.21 -24.79 6.74
N TYR B 678 -11.12 -23.52 6.31
CA TYR B 678 -11.36 -22.40 7.22
C TYR B 678 -12.84 -22.27 7.53
N VAL B 679 -13.70 -22.52 6.54
CA VAL B 679 -15.15 -22.57 6.79
C VAL B 679 -15.46 -23.57 7.89
N LEU B 680 -14.95 -24.80 7.75
CA LEU B 680 -15.24 -25.85 8.72
C LEU B 680 -14.63 -25.53 10.09
N LEU B 681 -13.41 -24.98 10.10
CA LEU B 681 -12.81 -24.57 11.36
C LEU B 681 -13.69 -23.57 12.10
N VAL B 682 -14.20 -22.57 11.39
CA VAL B 682 -15.03 -21.55 12.02
C VAL B 682 -16.34 -22.17 12.51
N ILE B 683 -16.95 -23.04 11.68
CA ILE B 683 -18.15 -23.75 12.12
C ILE B 683 -17.87 -24.55 13.37
N ASP B 684 -16.69 -25.18 13.44
CA ASP B 684 -16.36 -26.11 14.51
C ASP B 684 -15.92 -25.39 15.78
N LYS B 685 -14.88 -24.55 15.68
CA LYS B 685 -14.25 -23.98 16.86
C LYS B 685 -14.89 -22.68 17.32
N VAL B 686 -15.48 -21.91 16.43
CA VAL B 686 -16.08 -20.62 16.77
C VAL B 686 -17.58 -20.73 16.99
N GLY B 687 -18.28 -21.46 16.14
CA GLY B 687 -19.73 -21.58 16.27
C GLY B 687 -20.13 -22.73 17.17
N GLY B 688 -19.29 -23.75 17.25
CA GLY B 688 -19.60 -24.93 18.03
C GLY B 688 -20.81 -25.70 17.54
N CYS B 689 -21.24 -25.46 16.30
CA CYS B 689 -22.44 -26.09 15.74
C CYS B 689 -22.03 -27.40 15.06
N GLN B 690 -21.80 -28.40 15.89
CA GLN B 690 -21.29 -29.69 15.41
C GLN B 690 -22.28 -30.38 14.48
N ARG B 691 -23.59 -30.22 14.75
CA ARG B 691 -24.61 -30.93 13.98
C ARG B 691 -24.52 -30.61 12.49
N LEU B 692 -23.98 -29.44 12.13
CA LEU B 692 -23.79 -29.13 10.73
C LEU B 692 -22.66 -29.96 10.13
N LEU B 693 -21.65 -30.28 10.92
CA LEU B 693 -20.53 -31.09 10.42
C LEU B 693 -20.95 -32.54 10.18
N ASP B 694 -21.68 -33.13 11.15
CA ASP B 694 -22.14 -34.50 11.00
C ASP B 694 -23.07 -34.66 9.81
N GLU B 695 -23.79 -33.60 9.48
CA GLU B 695 -24.76 -33.64 8.39
C GLU B 695 -24.08 -33.59 7.02
N MET B 696 -22.92 -32.94 6.93
CA MET B 696 -22.13 -32.92 5.71
C MET B 696 -21.35 -34.22 5.54
N ASN B 697 -20.81 -34.41 4.35
CA ASN B 697 -19.96 -35.57 4.03
C ASN B 697 -18.55 -35.05 3.77
N ILE B 698 -17.67 -35.21 4.76
CA ILE B 698 -16.35 -34.60 4.76
C ILE B 698 -15.31 -35.71 4.58
N VAL B 699 -14.72 -35.77 3.40
CA VAL B 699 -13.70 -36.79 3.10
C VAL B 699 -12.32 -36.22 3.43
N PRO B 700 -11.44 -37.00 4.08
CA PRO B 700 -10.21 -36.48 4.69
C PRO B 700 -8.99 -36.51 3.76
N ARG C 1 17.80 5.79 3.56
CA ARG C 1 19.14 6.01 3.04
C ARG C 1 20.16 5.91 4.17
N ASP C 2 21.26 5.21 3.92
CA ASP C 2 22.19 4.88 4.99
C ASP C 2 23.49 5.67 4.86
N ARG D 1 -16.18 -7.75 -3.74
CA ARG D 1 -17.15 -8.80 -3.46
C ARG D 1 -18.00 -9.06 -4.71
N ASP D 2 -18.04 -10.30 -5.16
CA ASP D 2 -18.71 -10.62 -6.41
C ASP D 2 -20.12 -11.14 -6.20
#